data_1OSR
# 
_entry.id   1OSR 
# 
_audit_conform.dict_name       mmcif_pdbx.dic 
_audit_conform.dict_version    5.392 
_audit_conform.dict_location   http://mmcif.pdb.org/dictionaries/ascii/mmcif_pdbx.dic 
# 
loop_
_database_2.database_id 
_database_2.database_code 
_database_2.pdbx_database_accession 
_database_2.pdbx_DOI 
PDB   1OSR         pdb_00001osr 10.2210/pdb1osr/pdb 
RCSB  RCSB018631   ?            ?                   
WWPDB D_1000018631 ?            ?                   
# 
loop_
_pdbx_audit_revision_history.ordinal 
_pdbx_audit_revision_history.data_content_type 
_pdbx_audit_revision_history.major_revision 
_pdbx_audit_revision_history.minor_revision 
_pdbx_audit_revision_history.revision_date 
1 'Structure model' 1 0 2003-10-14 
2 'Structure model' 1 1 2008-04-29 
3 'Structure model' 1 2 2011-07-13 
4 'Structure model' 1 3 2022-02-23 
5 'Structure model' 1 4 2024-05-22 
# 
_pdbx_audit_revision_details.ordinal             1 
_pdbx_audit_revision_details.revision_ordinal    1 
_pdbx_audit_revision_details.data_content_type   'Structure model' 
_pdbx_audit_revision_details.provider            repository 
_pdbx_audit_revision_details.type                'Initial release' 
_pdbx_audit_revision_details.description         ? 
_pdbx_audit_revision_details.details             ? 
# 
loop_
_pdbx_audit_revision_group.ordinal 
_pdbx_audit_revision_group.revision_ordinal 
_pdbx_audit_revision_group.data_content_type 
_pdbx_audit_revision_group.group 
1 2 'Structure model' 'Version format compliance' 
2 3 'Structure model' 'Version format compliance' 
3 4 'Structure model' 'Data collection'           
4 4 'Structure model' 'Database references'       
5 4 'Structure model' 'Derived calculations'      
6 5 'Structure model' 'Data collection'           
# 
loop_
_pdbx_audit_revision_category.ordinal 
_pdbx_audit_revision_category.revision_ordinal 
_pdbx_audit_revision_category.data_content_type 
_pdbx_audit_revision_category.category 
1 4 'Structure model' database_2            
2 4 'Structure model' pdbx_nmr_software     
3 4 'Structure model' pdbx_nmr_spectrometer 
4 4 'Structure model' pdbx_struct_assembly  
5 4 'Structure model' pdbx_struct_oper_list 
6 4 'Structure model' struct_conn           
7 5 'Structure model' chem_comp_atom        
8 5 'Structure model' chem_comp_bond        
# 
loop_
_pdbx_audit_revision_item.ordinal 
_pdbx_audit_revision_item.revision_ordinal 
_pdbx_audit_revision_item.data_content_type 
_pdbx_audit_revision_item.item 
1 4 'Structure model' '_database_2.pdbx_DOI'                
2 4 'Structure model' '_database_2.pdbx_database_accession' 
3 4 'Structure model' '_pdbx_nmr_software.name'             
4 4 'Structure model' '_pdbx_nmr_spectrometer.model'        
5 4 'Structure model' '_struct_conn.pdbx_leaving_atom_flag' 
# 
_pdbx_database_status.status_code                     REL 
_pdbx_database_status.entry_id                        1OSR 
_pdbx_database_status.recvd_initial_deposition_date   2003-03-20 
_pdbx_database_status.deposit_site                    RCSB 
_pdbx_database_status.process_site                    RCSB 
_pdbx_database_status.SG_entry                        . 
_pdbx_database_status.pdb_format_compatible           Y 
_pdbx_database_status.status_code_mr                  ? 
_pdbx_database_status.status_code_sf                  ? 
_pdbx_database_status.status_code_cs                  ? 
_pdbx_database_status.status_code_nmr_data            ? 
_pdbx_database_status.methods_development_category    ? 
# 
loop_
_audit_author.name 
_audit_author.pdbx_ordinal 
'Maufrais, C.'     1 
'Fazakerley, G.V.' 2 
'Cadet, J.'        3 
'Boulard, Y.'      4 
# 
_citation.id                        primary 
_citation.title                     
;Structural study of DNA duplex containing an N-(2-deoxy-beta-D-erythro-pentofuranosyl) formamide
frameshift by NMR and restrained molecular dynamics.
;
_citation.journal_abbrev            'Nucleic Acids Res.' 
_citation.journal_volume            31 
_citation.page_first                5930 
_citation.page_last                 5940 
_citation.year                      2003 
_citation.journal_id_ASTM           NARHAD 
_citation.country                   UK 
_citation.journal_id_ISSN           0305-1048 
_citation.journal_id_CSD            0389 
_citation.book_publisher            ? 
_citation.pdbx_database_id_PubMed   14530441 
_citation.pdbx_database_id_DOI      10.1093/nar/gkg803 
# 
loop_
_citation_author.citation_id 
_citation_author.name 
_citation_author.ordinal 
_citation_author.identifier_ORCID 
primary 'Maufrais, C.'     1 ? 
primary 'Fazakerley, G.V.' 2 ? 
primary 'Cadet, J.'        3 ? 
primary 'Boulard, Y.'      4 ? 
# 
loop_
_entity.id 
_entity.type 
_entity.src_method 
_entity.pdbx_description 
_entity.formula_weight 
_entity.pdbx_number_of_molecules 
_entity.pdbx_ec 
_entity.pdbx_mutation 
_entity.pdbx_fragment 
_entity.details 
1 polymer syn "5'-D(*AP*GP*GP*AP*CP*CP*AP*CP*G)-3'"        2749.826 1 ? ? ? ? 
2 polymer syn "5'-D(*CP*GP*TP*GP*GP*(2DF)P*TP*CP*CP*T)-3'" 2945.905 1 ? ? ? ? 
# 
loop_
_entity_poly.entity_id 
_entity_poly.type 
_entity_poly.nstd_linkage 
_entity_poly.nstd_monomer 
_entity_poly.pdbx_seq_one_letter_code 
_entity_poly.pdbx_seq_one_letter_code_can 
_entity_poly.pdbx_strand_id 
_entity_poly.pdbx_target_identifier 
1 polydeoxyribonucleotide no no  '(DA)(DG)(DG)(DA)(DC)(DC)(DA)(DC)(DG)'      AGGACCACG  A ? 
2 polydeoxyribonucleotide no yes '(DC)(DG)(DT)(DG)(DG)(2DF)(DT)(DC)(DC)(DT)' CGTGGNTCCT B ? 
# 
loop_
_entity_poly_seq.entity_id 
_entity_poly_seq.num 
_entity_poly_seq.mon_id 
_entity_poly_seq.hetero 
1 1  DA  n 
1 2  DG  n 
1 3  DG  n 
1 4  DA  n 
1 5  DC  n 
1 6  DC  n 
1 7  DA  n 
1 8  DC  n 
1 9  DG  n 
2 1  DC  n 
2 2  DG  n 
2 3  DT  n 
2 4  DG  n 
2 5  DG  n 
2 6  2DF n 
2 7  DT  n 
2 8  DC  n 
2 9  DC  n 
2 10 DT  n 
# 
loop_
_chem_comp.id 
_chem_comp.type 
_chem_comp.mon_nstd_flag 
_chem_comp.name 
_chem_comp.pdbx_synonyms 
_chem_comp.formula 
_chem_comp.formula_weight 
2DF 'DNA linking' . 'N-(2-DEOXY-BETA-D-ERYTHO-PENTOFURANOSYL-5-PHOSPHATE) FORMAMIDE' ? 'C6 H12 N O7 P'   241.136 
DA  'DNA linking' y "2'-DEOXYADENOSINE-5'-MONOPHOSPHATE"                             ? 'C10 H14 N5 O6 P' 331.222 
DC  'DNA linking' y "2'-DEOXYCYTIDINE-5'-MONOPHOSPHATE"                              ? 'C9 H14 N3 O7 P'  307.197 
DG  'DNA linking' y "2'-DEOXYGUANOSINE-5'-MONOPHOSPHATE"                             ? 'C10 H14 N5 O7 P' 347.221 
DT  'DNA linking' y "THYMIDINE-5'-MONOPHOSPHATE"                                     ? 'C10 H15 N2 O8 P' 322.208 
# 
loop_
_pdbx_poly_seq_scheme.asym_id 
_pdbx_poly_seq_scheme.entity_id 
_pdbx_poly_seq_scheme.seq_id 
_pdbx_poly_seq_scheme.mon_id 
_pdbx_poly_seq_scheme.ndb_seq_num 
_pdbx_poly_seq_scheme.pdb_seq_num 
_pdbx_poly_seq_scheme.auth_seq_num 
_pdbx_poly_seq_scheme.pdb_mon_id 
_pdbx_poly_seq_scheme.auth_mon_id 
_pdbx_poly_seq_scheme.pdb_strand_id 
_pdbx_poly_seq_scheme.pdb_ins_code 
_pdbx_poly_seq_scheme.hetero 
A 1 1  DA  1  1  1  DA  A   A . n 
A 1 2  DG  2  2  2  DG  G   A . n 
A 1 3  DG  3  3  3  DG  G   A . n 
A 1 4  DA  4  4  4  DA  A   A . n 
A 1 5  DC  5  5  5  DC  C   A . n 
A 1 6  DC  6  6  6  DC  C   A . n 
A 1 7  DA  7  7  7  DA  A   A . n 
A 1 8  DC  8  8  8  DC  C   A . n 
A 1 9  DG  9  9  9  DG  G   A . n 
B 2 1  DC  1  10 10 DC  C   B . n 
B 2 2  DG  2  11 11 DG  G   B . n 
B 2 3  DT  3  12 12 DT  T   B . n 
B 2 4  DG  4  13 13 DG  G   B . n 
B 2 5  DG  5  14 14 DG  G   B . n 
B 2 6  2DF 6  15 15 2DF 2DF B . n 
B 2 7  DT  7  16 16 DT  T   B . n 
B 2 8  DC  8  17 17 DC  C   B . n 
B 2 9  DC  9  18 18 DC  C   B . n 
B 2 10 DT  10 19 19 DT  T   B . n 
# 
_symmetry.entry_id                         1OSR 
_symmetry.space_group_name_H-M             'P 1' 
_symmetry.pdbx_full_space_group_name_H-M   ? 
_symmetry.cell_setting                     ? 
_symmetry.Int_Tables_number                1 
# 
_exptl.entry_id          1OSR 
_exptl.method            'SOLUTION NMR' 
_exptl.crystals_number   ? 
# 
_struct.entry_id                  1OSR 
_struct.title                     
;Structural study of dna duplex containaing a n-(2-deoxy-beta-erytho-pentofuranosyl) formamide frameshift by nmr and restrained molecular dynamics
;
_struct.pdbx_model_details        ? 
_struct.pdbx_CASP_flag            ? 
_struct.pdbx_model_type_details   ? 
# 
_struct_keywords.entry_id        1OSR 
_struct_keywords.pdbx_keywords   DNA 
_struct_keywords.text            'MODIFIED BASE, MUTAGENESIS, DEOXYRIBONUCLEIC ACID, DNA' 
# 
loop_
_struct_asym.id 
_struct_asym.pdbx_blank_PDB_chainid_flag 
_struct_asym.pdbx_modified 
_struct_asym.entity_id 
_struct_asym.details 
A N N 1 ? 
B N N 2 ? 
# 
loop_
_struct_ref.id 
_struct_ref.entity_id 
_struct_ref.db_name 
_struct_ref.db_code 
_struct_ref.pdbx_db_accession 
_struct_ref.pdbx_db_isoform 
_struct_ref.pdbx_seq_one_letter_code 
_struct_ref.pdbx_align_begin 
1 1 PDB 1OSR 1OSR ? ? ? 
2 2 PDB 1OSR 1OSR ? ? ? 
# 
loop_
_struct_ref_seq.align_id 
_struct_ref_seq.ref_id 
_struct_ref_seq.pdbx_PDB_id_code 
_struct_ref_seq.pdbx_strand_id 
_struct_ref_seq.seq_align_beg 
_struct_ref_seq.pdbx_seq_align_beg_ins_code 
_struct_ref_seq.seq_align_end 
_struct_ref_seq.pdbx_seq_align_end_ins_code 
_struct_ref_seq.pdbx_db_accession 
_struct_ref_seq.db_align_beg 
_struct_ref_seq.pdbx_db_align_beg_ins_code 
_struct_ref_seq.db_align_end 
_struct_ref_seq.pdbx_db_align_end_ins_code 
_struct_ref_seq.pdbx_auth_seq_align_beg 
_struct_ref_seq.pdbx_auth_seq_align_end 
1 1 1OSR A 1 ? 9  ? 1OSR 1  ? 9  ? 1  9  
2 2 1OSR B 1 ? 10 ? 1OSR 10 ? 19 ? 10 19 
# 
_pdbx_struct_assembly.id                   1 
_pdbx_struct_assembly.details              author_defined_assembly 
_pdbx_struct_assembly.method_details       ? 
_pdbx_struct_assembly.oligomeric_details   dimeric 
_pdbx_struct_assembly.oligomeric_count     2 
# 
_pdbx_struct_assembly_gen.assembly_id       1 
_pdbx_struct_assembly_gen.oper_expression   1 
_pdbx_struct_assembly_gen.asym_id_list      A,B 
# 
_pdbx_struct_oper_list.id                   1 
_pdbx_struct_oper_list.type                 'identity operation' 
_pdbx_struct_oper_list.name                 1_555 
_pdbx_struct_oper_list.symmetry_operation   x,y,z 
_pdbx_struct_oper_list.matrix[1][1]         1.0000000000 
_pdbx_struct_oper_list.matrix[1][2]         0.0000000000 
_pdbx_struct_oper_list.matrix[1][3]         0.0000000000 
_pdbx_struct_oper_list.vector[1]            0.0000000000 
_pdbx_struct_oper_list.matrix[2][1]         0.0000000000 
_pdbx_struct_oper_list.matrix[2][2]         1.0000000000 
_pdbx_struct_oper_list.matrix[2][3]         0.0000000000 
_pdbx_struct_oper_list.vector[2]            0.0000000000 
_pdbx_struct_oper_list.matrix[3][1]         0.0000000000 
_pdbx_struct_oper_list.matrix[3][2]         0.0000000000 
_pdbx_struct_oper_list.matrix[3][3]         1.0000000000 
_pdbx_struct_oper_list.vector[3]            0.0000000000 
# 
_struct_biol.id   1 
# 
loop_
_struct_conn.id 
_struct_conn.conn_type_id 
_struct_conn.pdbx_leaving_atom_flag 
_struct_conn.pdbx_PDB_id 
_struct_conn.ptnr1_label_asym_id 
_struct_conn.ptnr1_label_comp_id 
_struct_conn.ptnr1_label_seq_id 
_struct_conn.ptnr1_label_atom_id 
_struct_conn.pdbx_ptnr1_label_alt_id 
_struct_conn.pdbx_ptnr1_PDB_ins_code 
_struct_conn.pdbx_ptnr1_standard_comp_id 
_struct_conn.ptnr1_symmetry 
_struct_conn.ptnr2_label_asym_id 
_struct_conn.ptnr2_label_comp_id 
_struct_conn.ptnr2_label_seq_id 
_struct_conn.ptnr2_label_atom_id 
_struct_conn.pdbx_ptnr2_label_alt_id 
_struct_conn.pdbx_ptnr2_PDB_ins_code 
_struct_conn.ptnr1_auth_asym_id 
_struct_conn.ptnr1_auth_comp_id 
_struct_conn.ptnr1_auth_seq_id 
_struct_conn.ptnr2_auth_asym_id 
_struct_conn.ptnr2_auth_comp_id 
_struct_conn.ptnr2_auth_seq_id 
_struct_conn.ptnr2_symmetry 
_struct_conn.pdbx_ptnr3_label_atom_id 
_struct_conn.pdbx_ptnr3_label_seq_id 
_struct_conn.pdbx_ptnr3_label_comp_id 
_struct_conn.pdbx_ptnr3_label_asym_id 
_struct_conn.pdbx_ptnr3_label_alt_id 
_struct_conn.pdbx_ptnr3_PDB_ins_code 
_struct_conn.details 
_struct_conn.pdbx_dist_value 
_struct_conn.pdbx_value_order 
_struct_conn.pdbx_role 
covale1  covale both ? B DG  5 "O3'" ? ? ? 1_555 B 2DF 6  P  ? ? B DG  14 B 2DF 15 1_555 ? ? ? ? ? ? ?            1.622 ? ? 
covale2  covale both ? B 2DF 6 "O3'" ? ? ? 1_555 B DT  7  P  ? ? B 2DF 15 B DT  16 1_555 ? ? ? ? ? ? ?            1.611 ? ? 
hydrog1  hydrog ?    ? A DA  1 N1    ? ? ? 1_555 B DT  10 N3 ? ? A DA  1  B DT  19 1_555 ? ? ? ? ? ? WATSON-CRICK ?     ? ? 
hydrog2  hydrog ?    ? A DA  1 N6    ? ? ? 1_555 B DT  10 O4 ? ? A DA  1  B DT  19 1_555 ? ? ? ? ? ? WATSON-CRICK ?     ? ? 
hydrog3  hydrog ?    ? A DG  2 N1    ? ? ? 1_555 B DC  9  N3 ? ? A DG  2  B DC  18 1_555 ? ? ? ? ? ? WATSON-CRICK ?     ? ? 
hydrog4  hydrog ?    ? A DG  2 N2    ? ? ? 1_555 B DC  9  O2 ? ? A DG  2  B DC  18 1_555 ? ? ? ? ? ? WATSON-CRICK ?     ? ? 
hydrog5  hydrog ?    ? A DG  2 O6    ? ? ? 1_555 B DC  9  N4 ? ? A DG  2  B DC  18 1_555 ? ? ? ? ? ? WATSON-CRICK ?     ? ? 
hydrog6  hydrog ?    ? A DG  3 N1    ? ? ? 1_555 B DC  8  N3 ? ? A DG  3  B DC  17 1_555 ? ? ? ? ? ? WATSON-CRICK ?     ? ? 
hydrog7  hydrog ?    ? A DG  3 N2    ? ? ? 1_555 B DC  8  O2 ? ? A DG  3  B DC  17 1_555 ? ? ? ? ? ? WATSON-CRICK ?     ? ? 
hydrog8  hydrog ?    ? A DG  3 O6    ? ? ? 1_555 B DC  8  N4 ? ? A DG  3  B DC  17 1_555 ? ? ? ? ? ? WATSON-CRICK ?     ? ? 
hydrog9  hydrog ?    ? A DA  4 N1    ? ? ? 1_555 B DT  7  N3 ? ? A DA  4  B DT  16 1_555 ? ? ? ? ? ? WATSON-CRICK ?     ? ? 
hydrog10 hydrog ?    ? A DA  4 N6    ? ? ? 1_555 B DT  7  O4 ? ? A DA  4  B DT  16 1_555 ? ? ? ? ? ? WATSON-CRICK ?     ? ? 
hydrog11 hydrog ?    ? A DC  5 N3    ? ? ? 1_555 B DG  5  N1 ? ? A DC  5  B DG  14 1_555 ? ? ? ? ? ? WATSON-CRICK ?     ? ? 
hydrog12 hydrog ?    ? A DC  5 N4    ? ? ? 1_555 B DG  5  O6 ? ? A DC  5  B DG  14 1_555 ? ? ? ? ? ? WATSON-CRICK ?     ? ? 
hydrog13 hydrog ?    ? A DC  5 O2    ? ? ? 1_555 B DG  5  N2 ? ? A DC  5  B DG  14 1_555 ? ? ? ? ? ? WATSON-CRICK ?     ? ? 
hydrog14 hydrog ?    ? A DC  6 N3    ? ? ? 1_555 B DG  4  N1 ? ? A DC  6  B DG  13 1_555 ? ? ? ? ? ? WATSON-CRICK ?     ? ? 
hydrog15 hydrog ?    ? A DC  6 N4    ? ? ? 1_555 B DG  4  O6 ? ? A DC  6  B DG  13 1_555 ? ? ? ? ? ? WATSON-CRICK ?     ? ? 
hydrog16 hydrog ?    ? A DC  6 O2    ? ? ? 1_555 B DG  4  N2 ? ? A DC  6  B DG  13 1_555 ? ? ? ? ? ? WATSON-CRICK ?     ? ? 
hydrog17 hydrog ?    ? A DA  7 N1    ? ? ? 1_555 B DT  3  N3 ? ? A DA  7  B DT  12 1_555 ? ? ? ? ? ? WATSON-CRICK ?     ? ? 
hydrog18 hydrog ?    ? A DA  7 N6    ? ? ? 1_555 B DT  3  O4 ? ? A DA  7  B DT  12 1_555 ? ? ? ? ? ? WATSON-CRICK ?     ? ? 
hydrog19 hydrog ?    ? A DC  8 N3    ? ? ? 1_555 B DG  2  N1 ? ? A DC  8  B DG  11 1_555 ? ? ? ? ? ? WATSON-CRICK ?     ? ? 
hydrog20 hydrog ?    ? A DC  8 N4    ? ? ? 1_555 B DG  2  O6 ? ? A DC  8  B DG  11 1_555 ? ? ? ? ? ? WATSON-CRICK ?     ? ? 
hydrog21 hydrog ?    ? A DC  8 O2    ? ? ? 1_555 B DG  2  N2 ? ? A DC  8  B DG  11 1_555 ? ? ? ? ? ? WATSON-CRICK ?     ? ? 
hydrog22 hydrog ?    ? A DG  9 N1    ? ? ? 1_555 B DC  1  N3 ? ? A DG  9  B DC  10 1_555 ? ? ? ? ? ? WATSON-CRICK ?     ? ? 
hydrog23 hydrog ?    ? A DG  9 N2    ? ? ? 1_555 B DC  1  O2 ? ? A DG  9  B DC  10 1_555 ? ? ? ? ? ? WATSON-CRICK ?     ? ? 
hydrog24 hydrog ?    ? A DG  9 O6    ? ? ? 1_555 B DC  1  N4 ? ? A DG  9  B DC  10 1_555 ? ? ? ? ? ? WATSON-CRICK ?     ? ? 
# 
loop_
_struct_conn_type.id 
_struct_conn_type.criteria 
_struct_conn_type.reference 
covale ? ? 
hydrog ? ? 
# 
loop_
_pdbx_validate_rmsd_angle.id 
_pdbx_validate_rmsd_angle.PDB_model_num 
_pdbx_validate_rmsd_angle.auth_atom_id_1 
_pdbx_validate_rmsd_angle.auth_asym_id_1 
_pdbx_validate_rmsd_angle.auth_comp_id_1 
_pdbx_validate_rmsd_angle.auth_seq_id_1 
_pdbx_validate_rmsd_angle.PDB_ins_code_1 
_pdbx_validate_rmsd_angle.label_alt_id_1 
_pdbx_validate_rmsd_angle.auth_atom_id_2 
_pdbx_validate_rmsd_angle.auth_asym_id_2 
_pdbx_validate_rmsd_angle.auth_comp_id_2 
_pdbx_validate_rmsd_angle.auth_seq_id_2 
_pdbx_validate_rmsd_angle.PDB_ins_code_2 
_pdbx_validate_rmsd_angle.label_alt_id_2 
_pdbx_validate_rmsd_angle.auth_atom_id_3 
_pdbx_validate_rmsd_angle.auth_asym_id_3 
_pdbx_validate_rmsd_angle.auth_comp_id_3 
_pdbx_validate_rmsd_angle.auth_seq_id_3 
_pdbx_validate_rmsd_angle.PDB_ins_code_3 
_pdbx_validate_rmsd_angle.label_alt_id_3 
_pdbx_validate_rmsd_angle.angle_value 
_pdbx_validate_rmsd_angle.angle_target_value 
_pdbx_validate_rmsd_angle.angle_deviation 
_pdbx_validate_rmsd_angle.angle_standard_deviation 
_pdbx_validate_rmsd_angle.linker_flag 
1  1 "O4'" A DA 1  ? ? "C1'" A DA 1  ? ? N9 A DA 1  ? ? 111.39 108.30 3.09  0.30 N 
2  1 "O4'" A DG 2  ? ? "C1'" A DG 2  ? ? N9 A DG 2  ? ? 110.24 108.30 1.94  0.30 N 
3  1 "O4'" A DA 4  ? ? "C1'" A DA 4  ? ? N9 A DA 4  ? ? 110.22 108.30 1.92  0.30 N 
4  1 "O4'" A DC 6  ? ? "C1'" A DC 6  ? ? N1 A DC 6  ? ? 110.57 108.30 2.27  0.30 N 
5  1 "O4'" B DC 10 ? ? "C1'" B DC 10 ? ? N1 B DC 10 ? ? 110.69 108.30 2.39  0.30 N 
6  1 "O4'" B DT 12 ? ? "C1'" B DT 12 ? ? N1 B DT 12 ? ? 110.69 108.30 2.39  0.30 N 
7  1 C6    B DT 12 ? ? C5    B DT 12 ? ? C7 B DT 12 ? ? 119.20 122.90 -3.70 0.60 N 
8  1 "O4'" B DT 16 ? ? "C1'" B DT 16 ? ? N1 B DT 16 ? ? 110.61 108.30 2.31  0.30 N 
9  1 "O4'" B DC 18 ? ? "C1'" B DC 18 ? ? N1 B DC 18 ? ? 110.58 108.30 2.28  0.30 N 
10 1 "O4'" B DT 19 ? ? "C1'" B DT 19 ? ? N1 B DT 19 ? ? 111.25 108.30 2.95  0.30 N 
11 2 "O4'" A DA 1  ? ? "C1'" A DA 1  ? ? N9 A DA 1  ? ? 111.73 108.30 3.43  0.30 N 
12 2 "O4'" A DG 2  ? ? "C1'" A DG 2  ? ? N9 A DG 2  ? ? 110.41 108.30 2.11  0.30 N 
13 2 "O4'" A DA 4  ? ? "C1'" A DA 4  ? ? N9 A DA 4  ? ? 110.43 108.30 2.13  0.30 N 
14 2 "O4'" A DC 6  ? ? "C1'" A DC 6  ? ? N1 A DC 6  ? ? 111.00 108.30 2.70  0.30 N 
15 2 "O4'" B DC 10 ? ? "C1'" B DC 10 ? ? N1 B DC 10 ? ? 110.55 108.30 2.25  0.30 N 
16 2 "O4'" B DT 12 ? ? "C1'" B DT 12 ? ? N1 B DT 12 ? ? 111.04 108.30 2.74  0.30 N 
17 2 "O4'" B DT 16 ? ? "C1'" B DT 16 ? ? N1 B DT 16 ? ? 110.98 108.30 2.68  0.30 N 
18 2 "O4'" B DC 18 ? ? "C1'" B DC 18 ? ? N1 B DC 18 ? ? 110.37 108.30 2.07  0.30 N 
19 2 "O4'" B DT 19 ? ? "C1'" B DT 19 ? ? N1 B DT 19 ? ? 111.19 108.30 2.89  0.30 N 
# 
loop_
_pdbx_validate_planes.id 
_pdbx_validate_planes.PDB_model_num 
_pdbx_validate_planes.auth_comp_id 
_pdbx_validate_planes.auth_asym_id 
_pdbx_validate_planes.auth_seq_id 
_pdbx_validate_planes.PDB_ins_code 
_pdbx_validate_planes.label_alt_id 
_pdbx_validate_planes.rmsd 
_pdbx_validate_planes.type 
1 1 DA A 1  ? ? 0.064 'SIDE CHAIN' 
2 1 DG A 9  ? ? 0.059 'SIDE CHAIN' 
3 1 DC B 18 ? ? 0.064 'SIDE CHAIN' 
4 2 DA A 1  ? ? 0.078 'SIDE CHAIN' 
# 
_pdbx_nmr_ensemble.entry_id                                    1OSR 
_pdbx_nmr_ensemble.conformers_submitted_total_number           2 
_pdbx_nmr_ensemble.conformers_calculated_total_number          . 
_pdbx_nmr_ensemble.conformer_selection_criteria                . 
_pdbx_nmr_ensemble.average_constraint_violations_per_residue   . 
# 
_pdbx_nmr_representative.entry_id             1OSR 
_pdbx_nmr_representative.conformer_id         2 
_pdbx_nmr_representative.selection_criteria   'those which were used to initiate molecular dynamic simulations' 
# 
loop_
_pdbx_nmr_sample_details.solution_id 
_pdbx_nmr_sample_details.contents 
_pdbx_nmr_sample_details.solvent_system 
1 '2 MM DNA, 10 MM PHOSPHATE BUFFER, 50 MM NACL, 0.2 MM EDTA' '99.9% D2O'       
2 '2 MM DNA, 10 MM PHOSPHATE BUFFER, 50 MM NACL, 0.2 MM EDTA' '90% H2O/10% D2O' 
# 
loop_
_pdbx_nmr_exptl_sample_conditions.conditions_id 
_pdbx_nmr_exptl_sample_conditions.temperature 
_pdbx_nmr_exptl_sample_conditions.pressure 
_pdbx_nmr_exptl_sample_conditions.pH 
_pdbx_nmr_exptl_sample_conditions.ionic_strength 
_pdbx_nmr_exptl_sample_conditions.pressure_units 
_pdbx_nmr_exptl_sample_conditions.temperature_units 
1 290 AMBIENT 6.5 '10 mM PHOSPHATE BUFFER, 150 mM NACL, 0.2 mM EDTA' ? K 
2 278 AMBIENT 5.5 '10 mM PHOSPHATE BUFFER, 150 mM NACL, 0.2 mM EDTA' ? K 
# 
loop_
_pdbx_nmr_exptl.experiment_id 
_pdbx_nmr_exptl.conditions_id 
_pdbx_nmr_exptl.type 
_pdbx_nmr_exptl.solution_id 
1 1 NOESY         1 
2 1 COSY          1 
3 1 DQFCOSY       1 
4 1 TOCSY         1 
5 1 'HSQC 1H-31P' 1 
# 
_pdbx_nmr_details.entry_id   1OSR 
_pdbx_nmr_details.text       
;THE STRUCTURES WERE DETERMINED USING PROTON NMR FOLLOWED BY DISTANCE
RESTRAINED MOLECULAR DYNAMICS SIMULATIONS. TWO REPRESENTATIVE
STRUCTURES OF THE TWO ISOMER CIS AND TRANS FOR THE FORMAMIDE RESIDUE
ARE PRESENTED.
;
# 
_pdbx_nmr_refine.entry_id           1OSR 
_pdbx_nmr_refine.method             'MOLECULAR MODELING; SIMULATED ANNEALING; RESTRAINED MOLECULAR DYNAMICS SIMULATIONS' 
_pdbx_nmr_refine.details            ? 
_pdbx_nmr_refine.software_ordinal   1 
# 
loop_
_pdbx_nmr_software.classification 
_pdbx_nmr_software.name 
_pdbx_nmr_software.version 
_pdbx_nmr_software.authors 
_pdbx_nmr_software.ordinal 
refinement Amber   ?   KOLLMAN            1 
refinement MORCAD  ?   LEBRET             2 
refinement MOLMOL  2.6 'Koradi, Wuthrich' 3 
processing XwinNMR 2.5 BRUKER             4 
# 
loop_
_chem_comp_atom.comp_id 
_chem_comp_atom.atom_id 
_chem_comp_atom.type_symbol 
_chem_comp_atom.pdbx_aromatic_flag 
_chem_comp_atom.pdbx_stereo_config 
_chem_comp_atom.pdbx_ordinal 
2DF P      P N N 1   
2DF O1P    O N N 2   
2DF O2P    O N N 3   
2DF O3P    O N N 4   
2DF "O5'"  O N N 5   
2DF "C5'"  C N N 6   
2DF "C4'"  C N R 7   
2DF "O4'"  O N N 8   
2DF "C1'"  C N R 9   
2DF N1     N N N 10  
2DF C2     C N N 11  
2DF O2     O N N 12  
2DF "C3'"  C N S 13  
2DF "C2'"  C N N 14  
2DF "O3'"  O N N 15  
2DF HOP2   H N N 16  
2DF HOP3   H N N 17  
2DF "H5'1" H N N 18  
2DF "H5'2" H N N 19  
2DF "H4'"  H N N 20  
2DF "H1'"  H N N 21  
2DF H1     H N N 22  
2DF H2     H N N 23  
2DF "H3'"  H N N 24  
2DF "H2'1" H N N 25  
2DF "H2'2" H N N 26  
2DF H3T    H N N 27  
DA  OP3    O N N 28  
DA  P      P N N 29  
DA  OP1    O N N 30  
DA  OP2    O N N 31  
DA  "O5'"  O N N 32  
DA  "C5'"  C N N 33  
DA  "C4'"  C N R 34  
DA  "O4'"  O N N 35  
DA  "C3'"  C N S 36  
DA  "O3'"  O N N 37  
DA  "C2'"  C N N 38  
DA  "C1'"  C N R 39  
DA  N9     N Y N 40  
DA  C8     C Y N 41  
DA  N7     N Y N 42  
DA  C5     C Y N 43  
DA  C6     C Y N 44  
DA  N6     N N N 45  
DA  N1     N Y N 46  
DA  C2     C Y N 47  
DA  N3     N Y N 48  
DA  C4     C Y N 49  
DA  HOP3   H N N 50  
DA  HOP2   H N N 51  
DA  "H5'"  H N N 52  
DA  "H5''" H N N 53  
DA  "H4'"  H N N 54  
DA  "H3'"  H N N 55  
DA  "HO3'" H N N 56  
DA  "H2'"  H N N 57  
DA  "H2''" H N N 58  
DA  "H1'"  H N N 59  
DA  H8     H N N 60  
DA  H61    H N N 61  
DA  H62    H N N 62  
DA  H2     H N N 63  
DC  OP3    O N N 64  
DC  P      P N N 65  
DC  OP1    O N N 66  
DC  OP2    O N N 67  
DC  "O5'"  O N N 68  
DC  "C5'"  C N N 69  
DC  "C4'"  C N R 70  
DC  "O4'"  O N N 71  
DC  "C3'"  C N S 72  
DC  "O3'"  O N N 73  
DC  "C2'"  C N N 74  
DC  "C1'"  C N R 75  
DC  N1     N N N 76  
DC  C2     C N N 77  
DC  O2     O N N 78  
DC  N3     N N N 79  
DC  C4     C N N 80  
DC  N4     N N N 81  
DC  C5     C N N 82  
DC  C6     C N N 83  
DC  HOP3   H N N 84  
DC  HOP2   H N N 85  
DC  "H5'"  H N N 86  
DC  "H5''" H N N 87  
DC  "H4'"  H N N 88  
DC  "H3'"  H N N 89  
DC  "HO3'" H N N 90  
DC  "H2'"  H N N 91  
DC  "H2''" H N N 92  
DC  "H1'"  H N N 93  
DC  H41    H N N 94  
DC  H42    H N N 95  
DC  H5     H N N 96  
DC  H6     H N N 97  
DG  OP3    O N N 98  
DG  P      P N N 99  
DG  OP1    O N N 100 
DG  OP2    O N N 101 
DG  "O5'"  O N N 102 
DG  "C5'"  C N N 103 
DG  "C4'"  C N R 104 
DG  "O4'"  O N N 105 
DG  "C3'"  C N S 106 
DG  "O3'"  O N N 107 
DG  "C2'"  C N N 108 
DG  "C1'"  C N R 109 
DG  N9     N Y N 110 
DG  C8     C Y N 111 
DG  N7     N Y N 112 
DG  C5     C Y N 113 
DG  C6     C N N 114 
DG  O6     O N N 115 
DG  N1     N N N 116 
DG  C2     C N N 117 
DG  N2     N N N 118 
DG  N3     N N N 119 
DG  C4     C Y N 120 
DG  HOP3   H N N 121 
DG  HOP2   H N N 122 
DG  "H5'"  H N N 123 
DG  "H5''" H N N 124 
DG  "H4'"  H N N 125 
DG  "H3'"  H N N 126 
DG  "HO3'" H N N 127 
DG  "H2'"  H N N 128 
DG  "H2''" H N N 129 
DG  "H1'"  H N N 130 
DG  H8     H N N 131 
DG  H1     H N N 132 
DG  H21    H N N 133 
DG  H22    H N N 134 
DT  OP3    O N N 135 
DT  P      P N N 136 
DT  OP1    O N N 137 
DT  OP2    O N N 138 
DT  "O5'"  O N N 139 
DT  "C5'"  C N N 140 
DT  "C4'"  C N R 141 
DT  "O4'"  O N N 142 
DT  "C3'"  C N S 143 
DT  "O3'"  O N N 144 
DT  "C2'"  C N N 145 
DT  "C1'"  C N R 146 
DT  N1     N N N 147 
DT  C2     C N N 148 
DT  O2     O N N 149 
DT  N3     N N N 150 
DT  C4     C N N 151 
DT  O4     O N N 152 
DT  C5     C N N 153 
DT  C7     C N N 154 
DT  C6     C N N 155 
DT  HOP3   H N N 156 
DT  HOP2   H N N 157 
DT  "H5'"  H N N 158 
DT  "H5''" H N N 159 
DT  "H4'"  H N N 160 
DT  "H3'"  H N N 161 
DT  "HO3'" H N N 162 
DT  "H2'"  H N N 163 
DT  "H2''" H N N 164 
DT  "H1'"  H N N 165 
DT  H3     H N N 166 
DT  H71    H N N 167 
DT  H72    H N N 168 
DT  H73    H N N 169 
DT  H6     H N N 170 
# 
loop_
_chem_comp_bond.comp_id 
_chem_comp_bond.atom_id_1 
_chem_comp_bond.atom_id_2 
_chem_comp_bond.value_order 
_chem_comp_bond.pdbx_aromatic_flag 
_chem_comp_bond.pdbx_stereo_config 
_chem_comp_bond.pdbx_ordinal 
2DF P     O1P    doub N N 1   
2DF P     O2P    sing N N 2   
2DF P     O3P    sing N N 3   
2DF P     "O5'"  sing N N 4   
2DF O2P   HOP2   sing N N 5   
2DF O3P   HOP3   sing N N 6   
2DF "O5'" "C5'"  sing N N 7   
2DF "C5'" "C4'"  sing N N 8   
2DF "C5'" "H5'1" sing N N 9   
2DF "C5'" "H5'2" sing N N 10  
2DF "C4'" "O4'"  sing N N 11  
2DF "C4'" "C3'"  sing N N 12  
2DF "C4'" "H4'"  sing N N 13  
2DF "O4'" "C1'"  sing N N 14  
2DF "C1'" N1     sing N N 15  
2DF "C1'" "C2'"  sing N N 16  
2DF "C1'" "H1'"  sing N N 17  
2DF N1    C2     sing N N 18  
2DF N1    H1     sing N N 19  
2DF C2    O2     doub N N 20  
2DF C2    H2     sing N N 21  
2DF "C3'" "C2'"  sing N N 22  
2DF "C3'" "O3'"  sing N N 23  
2DF "C3'" "H3'"  sing N N 24  
2DF "C2'" "H2'1" sing N N 25  
2DF "C2'" "H2'2" sing N N 26  
2DF "O3'" H3T    sing N N 27  
DA  OP3   P      sing N N 28  
DA  OP3   HOP3   sing N N 29  
DA  P     OP1    doub N N 30  
DA  P     OP2    sing N N 31  
DA  P     "O5'"  sing N N 32  
DA  OP2   HOP2   sing N N 33  
DA  "O5'" "C5'"  sing N N 34  
DA  "C5'" "C4'"  sing N N 35  
DA  "C5'" "H5'"  sing N N 36  
DA  "C5'" "H5''" sing N N 37  
DA  "C4'" "O4'"  sing N N 38  
DA  "C4'" "C3'"  sing N N 39  
DA  "C4'" "H4'"  sing N N 40  
DA  "O4'" "C1'"  sing N N 41  
DA  "C3'" "O3'"  sing N N 42  
DA  "C3'" "C2'"  sing N N 43  
DA  "C3'" "H3'"  sing N N 44  
DA  "O3'" "HO3'" sing N N 45  
DA  "C2'" "C1'"  sing N N 46  
DA  "C2'" "H2'"  sing N N 47  
DA  "C2'" "H2''" sing N N 48  
DA  "C1'" N9     sing N N 49  
DA  "C1'" "H1'"  sing N N 50  
DA  N9    C8     sing Y N 51  
DA  N9    C4     sing Y N 52  
DA  C8    N7     doub Y N 53  
DA  C8    H8     sing N N 54  
DA  N7    C5     sing Y N 55  
DA  C5    C6     sing Y N 56  
DA  C5    C4     doub Y N 57  
DA  C6    N6     sing N N 58  
DA  C6    N1     doub Y N 59  
DA  N6    H61    sing N N 60  
DA  N6    H62    sing N N 61  
DA  N1    C2     sing Y N 62  
DA  C2    N3     doub Y N 63  
DA  C2    H2     sing N N 64  
DA  N3    C4     sing Y N 65  
DC  OP3   P      sing N N 66  
DC  OP3   HOP3   sing N N 67  
DC  P     OP1    doub N N 68  
DC  P     OP2    sing N N 69  
DC  P     "O5'"  sing N N 70  
DC  OP2   HOP2   sing N N 71  
DC  "O5'" "C5'"  sing N N 72  
DC  "C5'" "C4'"  sing N N 73  
DC  "C5'" "H5'"  sing N N 74  
DC  "C5'" "H5''" sing N N 75  
DC  "C4'" "O4'"  sing N N 76  
DC  "C4'" "C3'"  sing N N 77  
DC  "C4'" "H4'"  sing N N 78  
DC  "O4'" "C1'"  sing N N 79  
DC  "C3'" "O3'"  sing N N 80  
DC  "C3'" "C2'"  sing N N 81  
DC  "C3'" "H3'"  sing N N 82  
DC  "O3'" "HO3'" sing N N 83  
DC  "C2'" "C1'"  sing N N 84  
DC  "C2'" "H2'"  sing N N 85  
DC  "C2'" "H2''" sing N N 86  
DC  "C1'" N1     sing N N 87  
DC  "C1'" "H1'"  sing N N 88  
DC  N1    C2     sing N N 89  
DC  N1    C6     sing N N 90  
DC  C2    O2     doub N N 91  
DC  C2    N3     sing N N 92  
DC  N3    C4     doub N N 93  
DC  C4    N4     sing N N 94  
DC  C4    C5     sing N N 95  
DC  N4    H41    sing N N 96  
DC  N4    H42    sing N N 97  
DC  C5    C6     doub N N 98  
DC  C5    H5     sing N N 99  
DC  C6    H6     sing N N 100 
DG  OP3   P      sing N N 101 
DG  OP3   HOP3   sing N N 102 
DG  P     OP1    doub N N 103 
DG  P     OP2    sing N N 104 
DG  P     "O5'"  sing N N 105 
DG  OP2   HOP2   sing N N 106 
DG  "O5'" "C5'"  sing N N 107 
DG  "C5'" "C4'"  sing N N 108 
DG  "C5'" "H5'"  sing N N 109 
DG  "C5'" "H5''" sing N N 110 
DG  "C4'" "O4'"  sing N N 111 
DG  "C4'" "C3'"  sing N N 112 
DG  "C4'" "H4'"  sing N N 113 
DG  "O4'" "C1'"  sing N N 114 
DG  "C3'" "O3'"  sing N N 115 
DG  "C3'" "C2'"  sing N N 116 
DG  "C3'" "H3'"  sing N N 117 
DG  "O3'" "HO3'" sing N N 118 
DG  "C2'" "C1'"  sing N N 119 
DG  "C2'" "H2'"  sing N N 120 
DG  "C2'" "H2''" sing N N 121 
DG  "C1'" N9     sing N N 122 
DG  "C1'" "H1'"  sing N N 123 
DG  N9    C8     sing Y N 124 
DG  N9    C4     sing Y N 125 
DG  C8    N7     doub Y N 126 
DG  C8    H8     sing N N 127 
DG  N7    C5     sing Y N 128 
DG  C5    C6     sing N N 129 
DG  C5    C4     doub Y N 130 
DG  C6    O6     doub N N 131 
DG  C6    N1     sing N N 132 
DG  N1    C2     sing N N 133 
DG  N1    H1     sing N N 134 
DG  C2    N2     sing N N 135 
DG  C2    N3     doub N N 136 
DG  N2    H21    sing N N 137 
DG  N2    H22    sing N N 138 
DG  N3    C4     sing N N 139 
DT  OP3   P      sing N N 140 
DT  OP3   HOP3   sing N N 141 
DT  P     OP1    doub N N 142 
DT  P     OP2    sing N N 143 
DT  P     "O5'"  sing N N 144 
DT  OP2   HOP2   sing N N 145 
DT  "O5'" "C5'"  sing N N 146 
DT  "C5'" "C4'"  sing N N 147 
DT  "C5'" "H5'"  sing N N 148 
DT  "C5'" "H5''" sing N N 149 
DT  "C4'" "O4'"  sing N N 150 
DT  "C4'" "C3'"  sing N N 151 
DT  "C4'" "H4'"  sing N N 152 
DT  "O4'" "C1'"  sing N N 153 
DT  "C3'" "O3'"  sing N N 154 
DT  "C3'" "C2'"  sing N N 155 
DT  "C3'" "H3'"  sing N N 156 
DT  "O3'" "HO3'" sing N N 157 
DT  "C2'" "C1'"  sing N N 158 
DT  "C2'" "H2'"  sing N N 159 
DT  "C2'" "H2''" sing N N 160 
DT  "C1'" N1     sing N N 161 
DT  "C1'" "H1'"  sing N N 162 
DT  N1    C2     sing N N 163 
DT  N1    C6     sing N N 164 
DT  C2    O2     doub N N 165 
DT  C2    N3     sing N N 166 
DT  N3    C4     sing N N 167 
DT  N3    H3     sing N N 168 
DT  C4    O4     doub N N 169 
DT  C4    C5     sing N N 170 
DT  C5    C7     sing N N 171 
DT  C5    C6     doub N N 172 
DT  C7    H71    sing N N 173 
DT  C7    H72    sing N N 174 
DT  C7    H73    sing N N 175 
DT  C6    H6     sing N N 176 
# 
loop_
_ndb_struct_conf_na.entry_id 
_ndb_struct_conf_na.feature 
1OSR 'double helix'        
1OSR 'b-form double helix' 
1OSR 'bulge loop'          
# 
loop_
_ndb_struct_na_base_pair.model_number 
_ndb_struct_na_base_pair.i_label_asym_id 
_ndb_struct_na_base_pair.i_label_comp_id 
_ndb_struct_na_base_pair.i_label_seq_id 
_ndb_struct_na_base_pair.i_symmetry 
_ndb_struct_na_base_pair.j_label_asym_id 
_ndb_struct_na_base_pair.j_label_comp_id 
_ndb_struct_na_base_pair.j_label_seq_id 
_ndb_struct_na_base_pair.j_symmetry 
_ndb_struct_na_base_pair.shear 
_ndb_struct_na_base_pair.stretch 
_ndb_struct_na_base_pair.stagger 
_ndb_struct_na_base_pair.buckle 
_ndb_struct_na_base_pair.propeller 
_ndb_struct_na_base_pair.opening 
_ndb_struct_na_base_pair.pair_number 
_ndb_struct_na_base_pair.pair_name 
_ndb_struct_na_base_pair.i_auth_asym_id 
_ndb_struct_na_base_pair.i_auth_seq_id 
_ndb_struct_na_base_pair.i_PDB_ins_code 
_ndb_struct_na_base_pair.j_auth_asym_id 
_ndb_struct_na_base_pair.j_auth_seq_id 
_ndb_struct_na_base_pair.j_PDB_ins_code 
_ndb_struct_na_base_pair.hbond_type_28 
_ndb_struct_na_base_pair.hbond_type_12 
1 A DA 1 1_555 B DT 10 1_555 -0.563 -0.192 -0.047 -20.071 -3.873  -10.630 1 A_DA1:DT19_B A 1 ? B 19 ? 20 1 
1 A DG 2 1_555 B DC 9  1_555 0.609  -0.030 -0.318 -12.890 -10.584 -6.941  2 A_DG2:DC18_B A 2 ? B 18 ? 19 1 
1 A DG 3 1_555 B DC 8  1_555 0.079  -0.028 0.105  -4.452  -6.491  -4.326  3 A_DG3:DC17_B A 3 ? B 17 ? 19 1 
1 A DA 4 1_555 B DT 7  1_555 0.490  0.126  0.094  -5.201  0.109   -7.564  4 A_DA4:DT16_B A 4 ? B 16 ? 20 1 
1 A DC 5 1_555 B DG 5  1_555 -0.036 0.024  0.270  -3.299  -4.383  -4.528  5 A_DC5:DG14_B A 5 ? B 14 ? 19 1 
1 A DC 6 1_555 B DG 4  1_555 0.033  -0.024 0.063  2.696   -7.327  -3.681  6 A_DC6:DG13_B A 6 ? B 13 ? 19 1 
1 A DA 7 1_555 B DT 3  1_555 0.168  0.026  0.419  7.486   -3.196  -4.892  7 A_DA7:DT12_B A 7 ? B 12 ? 20 1 
1 A DC 8 1_555 B DG 2  1_555 -0.605 -0.080 0.493  4.372   -6.209  -6.566  8 A_DC8:DG11_B A 8 ? B 11 ? 19 1 
1 A DG 9 1_555 B DC 1  1_555 0.688  -0.148 1.024  22.312  -5.550  -8.167  9 A_DG9:DC10_B A 9 ? B 10 ? 19 1 
# 
loop_
_ndb_struct_na_base_pair_step.model_number 
_ndb_struct_na_base_pair_step.i_label_asym_id_1 
_ndb_struct_na_base_pair_step.i_label_comp_id_1 
_ndb_struct_na_base_pair_step.i_label_seq_id_1 
_ndb_struct_na_base_pair_step.i_symmetry_1 
_ndb_struct_na_base_pair_step.j_label_asym_id_1 
_ndb_struct_na_base_pair_step.j_label_comp_id_1 
_ndb_struct_na_base_pair_step.j_label_seq_id_1 
_ndb_struct_na_base_pair_step.j_symmetry_1 
_ndb_struct_na_base_pair_step.i_label_asym_id_2 
_ndb_struct_na_base_pair_step.i_label_comp_id_2 
_ndb_struct_na_base_pair_step.i_label_seq_id_2 
_ndb_struct_na_base_pair_step.i_symmetry_2 
_ndb_struct_na_base_pair_step.j_label_asym_id_2 
_ndb_struct_na_base_pair_step.j_label_comp_id_2 
_ndb_struct_na_base_pair_step.j_label_seq_id_2 
_ndb_struct_na_base_pair_step.j_symmetry_2 
_ndb_struct_na_base_pair_step.shift 
_ndb_struct_na_base_pair_step.slide 
_ndb_struct_na_base_pair_step.rise 
_ndb_struct_na_base_pair_step.tilt 
_ndb_struct_na_base_pair_step.roll 
_ndb_struct_na_base_pair_step.twist 
_ndb_struct_na_base_pair_step.x_displacement 
_ndb_struct_na_base_pair_step.y_displacement 
_ndb_struct_na_base_pair_step.helical_rise 
_ndb_struct_na_base_pair_step.inclination 
_ndb_struct_na_base_pair_step.tip 
_ndb_struct_na_base_pair_step.helical_twist 
_ndb_struct_na_base_pair_step.step_number 
_ndb_struct_na_base_pair_step.step_name 
_ndb_struct_na_base_pair_step.i_auth_asym_id_1 
_ndb_struct_na_base_pair_step.i_auth_seq_id_1 
_ndb_struct_na_base_pair_step.i_PDB_ins_code_1 
_ndb_struct_na_base_pair_step.j_auth_asym_id_1 
_ndb_struct_na_base_pair_step.j_auth_seq_id_1 
_ndb_struct_na_base_pair_step.j_PDB_ins_code_1 
_ndb_struct_na_base_pair_step.i_auth_asym_id_2 
_ndb_struct_na_base_pair_step.i_auth_seq_id_2 
_ndb_struct_na_base_pair_step.i_PDB_ins_code_2 
_ndb_struct_na_base_pair_step.j_auth_asym_id_2 
_ndb_struct_na_base_pair_step.j_auth_seq_id_2 
_ndb_struct_na_base_pair_step.j_PDB_ins_code_2 
1 A DA 1 1_555 B DT 10 1_555 A DG 2 1_555 B DC 9 1_555 -0.178 -0.490 3.189 5.355  -1.007 40.062 -0.600 0.843  3.152 -1.462  -7.774 
40.415 1 AA_DA1DG2:DC18DT19_BB A 1 ? B 19 ? A 2 ? B 18 ? 
1 A DG 2 1_555 B DC 9  1_555 A DG 3 1_555 B DC 8 1_555 -0.033 -0.141 2.995 -4.191 -3.592 33.771 0.280  -0.552 2.976 -6.132  7.154  
34.206 2 AA_DG2DG3:DC17DC18_BB A 2 ? B 18 ? A 3 ? B 17 ? 
1 A DG 3 1_555 B DC 8  1_555 A DA 4 1_555 B DT 7 1_555 -0.051 -0.447 3.312 0.363  -6.059 39.550 0.057  0.118  3.341 -8.891  -0.533 
39.995 3 AA_DG3DA4:DT16DC17_BB A 3 ? B 17 ? A 4 ? B 16 ? 
1 A DA 4 1_555 B DT 7  1_555 A DC 5 1_555 B DG 5 1_555 0.056  -0.475 3.304 -0.450 1.145  32.705 -1.043 -0.178 3.284 2.033   0.799  
32.727 4 AA_DA4DC5:DG14DT16_BB A 4 ? B 16 ? A 5 ? B 14 ? 
1 A DC 5 1_555 B DG 5  1_555 A DC 6 1_555 B DG 4 1_555 0.237  -0.045 3.245 1.317  -5.102 35.678 0.647  -0.197 3.227 -8.271  -2.135 
36.053 5 AA_DC5DC6:DG13DG14_BB A 5 ? B 14 ? A 6 ? B 13 ? 
1 A DC 6 1_555 B DG 4  1_555 A DA 7 1_555 B DT 3 1_555 -0.078 -0.190 3.249 -2.824 -3.253 40.013 0.092  -0.206 3.252 -4.737  4.112  
40.234 6 AA_DC6DA7:DT12DG13_BB A 6 ? B 13 ? A 7 ? B 12 ? 
1 A DA 7 1_555 B DT 3  1_555 A DC 8 1_555 B DG 2 1_555 -0.155 -0.546 3.342 -0.107 -0.941 31.551 -0.825 0.264  3.357 -1.729  0.197  
31.565 7 AA_DA7DC8:DG11DT12_BB A 7 ? B 12 ? A 8 ? B 11 ? 
1 A DC 8 1_555 B DG 2  1_555 A DG 9 1_555 B DC 1 1_555 0.034  -0.359 2.782 -4.677 -8.723 40.802 0.282  -0.467 2.778 -12.295 6.591  
41.936 8 AA_DC8DG9:DC10DG11_BB A 8 ? B 11 ? A 9 ? B 10 ? 
# 
loop_
_pdbx_nmr_spectrometer.spectrometer_id 
_pdbx_nmr_spectrometer.model 
_pdbx_nmr_spectrometer.manufacturer 
_pdbx_nmr_spectrometer.field_strength 
_pdbx_nmr_spectrometer.type 
1 AVANCE Bruker 600 ? 
2 AVANCE Bruker 500 ? 
# 
_atom_sites.entry_id                    1OSR 
_atom_sites.fract_transf_matrix[1][1]   1.000000 
_atom_sites.fract_transf_matrix[1][2]   0.000000 
_atom_sites.fract_transf_matrix[1][3]   0.000000 
_atom_sites.fract_transf_matrix[2][1]   0.000000 
_atom_sites.fract_transf_matrix[2][2]   1.000000 
_atom_sites.fract_transf_matrix[2][3]   0.000000 
_atom_sites.fract_transf_matrix[3][1]   0.000000 
_atom_sites.fract_transf_matrix[3][2]   0.000000 
_atom_sites.fract_transf_matrix[3][3]   1.000000 
_atom_sites.fract_transf_vector[1]      0.00000 
_atom_sites.fract_transf_vector[2]      0.00000 
_atom_sites.fract_transf_vector[3]      0.00000 
# 
loop_
_atom_type.symbol 
C 
H 
N 
O 
P 
# 
loop_
_atom_site.group_PDB 
_atom_site.id 
_atom_site.type_symbol 
_atom_site.label_atom_id 
_atom_site.label_alt_id 
_atom_site.label_comp_id 
_atom_site.label_asym_id 
_atom_site.label_entity_id 
_atom_site.label_seq_id 
_atom_site.pdbx_PDB_ins_code 
_atom_site.Cartn_x 
_atom_site.Cartn_y 
_atom_site.Cartn_z 
_atom_site.occupancy 
_atom_site.B_iso_or_equiv 
_atom_site.pdbx_formal_charge 
_atom_site.auth_seq_id 
_atom_site.auth_comp_id 
_atom_site.auth_asym_id 
_atom_site.auth_atom_id 
_atom_site.pdbx_PDB_model_num 
ATOM   1    O "O5'"  . DA  A 1 1  ? -3.142  -16.456 3.617   1.00 0.00 ? 1  DA  A "O5'"  1 
ATOM   2    C "C5'"  . DA  A 1 1  ? -3.191  -17.071 4.885   1.00 0.00 ? 1  DA  A "C5'"  1 
ATOM   3    C "C4'"  . DA  A 1 1  ? -2.720  -16.146 6.015   1.00 0.00 ? 1  DA  A "C4'"  1 
ATOM   4    O "O4'"  . DA  A 1 1  ? -1.333  -15.861 5.842   1.00 0.00 ? 1  DA  A "O4'"  1 
ATOM   5    C "C3'"  . DA  A 1 1  ? -3.471  -14.806 6.056   1.00 0.00 ? 1  DA  A "C3'"  1 
ATOM   6    O "O3'"  . DA  A 1 1  ? -3.594  -14.409 7.411   1.00 0.00 ? 1  DA  A "O3'"  1 
ATOM   7    C "C2'"  . DA  A 1 1  ? -2.512  -13.889 5.292   1.00 0.00 ? 1  DA  A "C2'"  1 
ATOM   8    C "C1'"  . DA  A 1 1  ? -1.135  -14.464 5.657   1.00 0.00 ? 1  DA  A "C1'"  1 
ATOM   9    N N9     . DA  A 1 1  ? -0.145  -14.197 4.591   1.00 0.00 ? 1  DA  A N9     1 
ATOM   10   C C8     . DA  A 1 1  ? -0.150  -14.628 3.291   1.00 0.00 ? 1  DA  A C8     1 
ATOM   11   N N7     . DA  A 1 1  ? 0.802   -14.131 2.552   1.00 0.00 ? 1  DA  A N7     1 
ATOM   12   C C5     . DA  A 1 1  ? 1.516   -13.332 3.439   1.00 0.00 ? 1  DA  A C5     1 
ATOM   13   C C6     . DA  A 1 1  ? 2.643   -12.496 3.294   1.00 0.00 ? 1  DA  A C6     1 
ATOM   14   N N6     . DA  A 1 1  ? 3.249   -12.259 2.128   1.00 0.00 ? 1  DA  A N6     1 
ATOM   15   N N1     . DA  A 1 1  ? 3.137   -11.890 4.391   1.00 0.00 ? 1  DA  A N1     1 
ATOM   16   C C2     . DA  A 1 1  ? 2.531   -12.076 5.561   1.00 0.00 ? 1  DA  A C2     1 
ATOM   17   N N3     . DA  A 1 1  ? 1.439   -12.788 5.819   1.00 0.00 ? 1  DA  A N3     1 
ATOM   18   C C4     . DA  A 1 1  ? 0.969   -13.399 4.697   1.00 0.00 ? 1  DA  A C4     1 
ATOM   19   H "H5'"  . DA  A 1 1  ? -2.562  -17.960 4.869   1.00 0.00 ? 1  DA  A "H5'"  1 
ATOM   20   H "H5''" . DA  A 1 1  ? -4.219  -17.376 5.083   1.00 0.00 ? 1  DA  A "H5''" 1 
ATOM   21   H "H4'"  . DA  A 1 1  ? -2.883  -16.699 6.946   1.00 0.00 ? 1  DA  A "H4'"  1 
ATOM   22   H "H3'"  . DA  A 1 1  ? -4.461  -14.880 5.590   1.00 0.00 ? 1  DA  A "H3'"  1 
ATOM   23   H "H2'"  . DA  A 1 1  ? -2.701  -14.022 4.225   1.00 0.00 ? 1  DA  A "H2'"  1 
ATOM   24   H "H2''" . DA  A 1 1  ? -2.619  -12.829 5.548   1.00 0.00 ? 1  DA  A "H2''" 1 
ATOM   25   H "H1'"  . DA  A 1 1  ? -0.727  -14.033 6.573   1.00 0.00 ? 1  DA  A "H1'"  1 
ATOM   26   H H8     . DA  A 1 1  ? -0.894  -15.312 2.923   1.00 0.00 ? 1  DA  A H8     1 
ATOM   27   H H61    . DA  A 1 1  ? 3.969   -11.554 2.081   1.00 0.00 ? 1  DA  A H61    1 
ATOM   28   H H62    . DA  A 1 1  ? 3.071   -12.797 1.297   1.00 0.00 ? 1  DA  A H62    1 
ATOM   29   H H2     . DA  A 1 1  ? 2.967   -11.568 6.409   1.00 0.00 ? 1  DA  A H2     1 
ATOM   30   H "HO5'" . DA  A 1 1  ? -3.743  -15.709 3.615   1.00 0.00 ? 1  DA  A "HO5'" 1 
ATOM   31   P P      . DG  A 1 2  ? -4.328  -13.038 7.853   1.00 0.00 ? 2  DG  A P      1 
ATOM   32   O OP1    . DG  A 1 2  ? -4.991  -13.271 9.155   1.00 0.00 ? 2  DG  A OP1    1 
ATOM   33   O OP2    . DG  A 1 2  ? -5.116  -12.529 6.708   1.00 0.00 ? 2  DG  A OP2    1 
ATOM   34   O "O5'"  . DG  A 1 2  ? -3.078  -12.047 8.089   1.00 0.00 ? 2  DG  A "O5'"  1 
ATOM   35   C "C5'"  . DG  A 1 2  ? -2.141  -12.308 9.115   1.00 0.00 ? 2  DG  A "C5'"  1 
ATOM   36   C "C4'"  . DG  A 1 2  ? -1.117  -11.180 9.268   1.00 0.00 ? 2  DG  A "C4'"  1 
ATOM   37   O "O4'"  . DG  A 1 2  ? -0.307  -11.101 8.099   1.00 0.00 ? 2  DG  A "O4'"  1 
ATOM   38   C "C3'"  . DG  A 1 2  ? -1.788  -9.813  9.464   1.00 0.00 ? 2  DG  A "C3'"  1 
ATOM   39   O "O3'"  . DG  A 1 2  ? -1.065  -9.121  10.463  1.00 0.00 ? 2  DG  A "O3'"  1 
ATOM   40   C "C2'"  . DG  A 1 2  ? -1.632  -9.175  8.083   1.00 0.00 ? 2  DG  A "C2'"  1 
ATOM   41   C "C1'"  . DG  A 1 2  ? -0.317  -9.775  7.596   1.00 0.00 ? 2  DG  A "C1'"  1 
ATOM   42   N N9     . DG  A 1 2  ? -0.226  -9.788  6.115   1.00 0.00 ? 2  DG  A N9     1 
ATOM   43   C C8     . DG  A 1 2  ? -1.148  -10.267 5.219   1.00 0.00 ? 2  DG  A C8     1 
ATOM   44   N N7     . DG  A 1 2  ? -0.757  -10.240 3.977   1.00 0.00 ? 2  DG  A N7     1 
ATOM   45   C C5     . DG  A 1 2  ? 0.518   -9.691  4.042   1.00 0.00 ? 2  DG  A C5     1 
ATOM   46   C C6     . DG  A 1 2  ? 1.457   -9.439  2.995   1.00 0.00 ? 2  DG  A C6     1 
ATOM   47   O O6     . DG  A 1 2  ? 1.334   -9.665  1.791   1.00 0.00 ? 2  DG  A O6     1 
ATOM   48   N N1     . DG  A 1 2  ? 2.646   -8.888  3.475   1.00 0.00 ? 2  DG  A N1     1 
ATOM   49   C C2     . DG  A 1 2  ? 2.911   -8.634  4.806   1.00 0.00 ? 2  DG  A C2     1 
ATOM   50   N N2     . DG  A 1 2  ? 4.111   -8.115  5.086   1.00 0.00 ? 2  DG  A N2     1 
ATOM   51   N N3     . DG  A 1 2  ? 2.028   -8.872  5.792   1.00 0.00 ? 2  DG  A N3     1 
ATOM   52   C C4     . DG  A 1 2  ? 0.851   -9.399  5.346   1.00 0.00 ? 2  DG  A C4     1 
ATOM   53   H "H5'"  . DG  A 1 2  ? -1.613  -13.240 8.908   1.00 0.00 ? 2  DG  A "H5'"  1 
ATOM   54   H "H5''" . DG  A 1 2  ? -2.665  -12.409 10.067  1.00 0.00 ? 2  DG  A "H5''" 1 
ATOM   55   H "H4'"  . DG  A 1 2  ? -0.503  -11.433 10.136  1.00 0.00 ? 2  DG  A "H4'"  1 
ATOM   56   H "H3'"  . DG  A 1 2  ? -2.834  -9.903  9.757   1.00 0.00 ? 2  DG  A "H3'"  1 
ATOM   57   H "H2'"  . DG  A 1 2  ? -2.461  -9.493  7.454   1.00 0.00 ? 2  DG  A "H2'"  1 
ATOM   58   H "H2''" . DG  A 1 2  ? -1.599  -8.088  8.103   1.00 0.00 ? 2  DG  A "H2''" 1 
ATOM   59   H "H1'"  . DG  A 1 2  ? 0.511   -9.207  8.023   1.00 0.00 ? 2  DG  A "H1'"  1 
ATOM   60   H H8     . DG  A 1 2  ? -2.116  -10.640 5.520   1.00 0.00 ? 2  DG  A H8     1 
ATOM   61   H H1     . DG  A 1 2  ? 3.376   -8.677  2.807   1.00 0.00 ? 2  DG  A H1     1 
ATOM   62   H H21    . DG  A 1 2  ? 4.775   -7.915  4.345   1.00 0.00 ? 2  DG  A H21    1 
ATOM   63   H H22    . DG  A 1 2  ? 4.352   -7.906  6.044   1.00 0.00 ? 2  DG  A H22    1 
ATOM   64   P P      . DG  A 1 3  ? -1.462  -7.640  10.967  1.00 0.00 ? 3  DG  A P      1 
ATOM   65   O OP1    . DG  A 1 3  ? -1.387  -7.613  12.445  1.00 0.00 ? 3  DG  A OP1    1 
ATOM   66   O OP2    . DG  A 1 3  ? -2.697  -7.199  10.280  1.00 0.00 ? 3  DG  A OP2    1 
ATOM   67   O "O5'"  . DG  A 1 3  ? -0.220  -6.806  10.378  1.00 0.00 ? 3  DG  A "O5'"  1 
ATOM   68   C "C5'"  . DG  A 1 3  ? 1.091   -7.073  10.834  1.00 0.00 ? 3  DG  A "C5'"  1 
ATOM   69   C "C4'"  . DG  A 1 3  ? 2.116   -6.168  10.155  1.00 0.00 ? 3  DG  A "C4'"  1 
ATOM   70   O "O4'"  . DG  A 1 3  ? 2.177   -6.472  8.767   1.00 0.00 ? 3  DG  A "O4'"  1 
ATOM   71   C "C3'"  . DG  A 1 3  ? 1.753   -4.685  10.300  1.00 0.00 ? 3  DG  A "C3'"  1 
ATOM   72   O "O3'"  . DG  A 1 3  ? 2.941   -3.995  10.639  1.00 0.00 ? 3  DG  A "O3'"  1 
ATOM   73   C "C2'"  . DG  A 1 3  ? 1.203   -4.346  8.914   1.00 0.00 ? 3  DG  A "C2'"  1 
ATOM   74   C "C1'"  . DG  A 1 3  ? 1.998   -5.288  8.009   1.00 0.00 ? 3  DG  A "C1'"  1 
ATOM   75   N N9     . DG  A 1 3  ? 1.261   -5.599  6.757   1.00 0.00 ? 3  DG  A N9     1 
ATOM   76   C C8     . DG  A 1 3  ? -0.029  -6.057  6.600   1.00 0.00 ? 3  DG  A C8     1 
ATOM   77   N N7     . DG  A 1 3  ? -0.372  -6.275  5.363   1.00 0.00 ? 3  DG  A N7     1 
ATOM   78   C C5     . DG  A 1 3  ? 0.768   -5.952  4.640   1.00 0.00 ? 3  DG  A C5     1 
ATOM   79   C C6     . DG  A 1 3  ? 1.001   -6.019  3.234   1.00 0.00 ? 3  DG  A C6     1 
ATOM   80   O O6     . DG  A 1 3  ? 0.206   -6.349  2.360   1.00 0.00 ? 3  DG  A O6     1 
ATOM   81   N N1     . DG  A 1 3  ? 2.304   -5.667  2.891   1.00 0.00 ? 3  DG  A N1     1 
ATOM   82   C C2     . DG  A 1 3  ? 3.267   -5.270  3.800   1.00 0.00 ? 3  DG  A C2     1 
ATOM   83   N N2     . DG  A 1 3  ? 4.471   -4.962  3.310   1.00 0.00 ? 3  DG  A N2     1 
ATOM   84   N N3     . DG  A 1 3  ? 3.042   -5.185  5.123   1.00 0.00 ? 3  DG  A N3     1 
ATOM   85   C C4     . DG  A 1 3  ? 1.778   -5.546  5.481   1.00 0.00 ? 3  DG  A C4     1 
ATOM   86   H "H5'"  . DG  A 1 3  ? 1.358   -8.110  10.630  1.00 0.00 ? 3  DG  A "H5'"  1 
ATOM   87   H "H5''" . DG  A 1 3  ? 1.144   -6.903  11.911  1.00 0.00 ? 3  DG  A "H5''" 1 
ATOM   88   H "H4'"  . DG  A 1 3  ? 3.077   -6.381  10.633  1.00 0.00 ? 3  DG  A "H4'"  1 
ATOM   89   H "H3'"  . DG  A 1 3  ? 1.005   -4.513  11.072  1.00 0.00 ? 3  DG  A "H3'"  1 
ATOM   90   H "H2'"  . DG  A 1 3  ? 0.142   -4.600  8.889   1.00 0.00 ? 3  DG  A "H2'"  1 
ATOM   91   H "H2''" . DG  A 1 3  ? 1.314   -3.297  8.646   1.00 0.00 ? 3  DG  A "H2''" 1 
ATOM   92   H "H1'"  . DG  A 1 3  ? 2.978   -4.847  7.787   1.00 0.00 ? 3  DG  A "H1'"  1 
ATOM   93   H H8     . DG  A 1 3  ? -0.730  -6.232  7.407   1.00 0.00 ? 3  DG  A H8     1 
ATOM   94   H H1     . DG  A 1 3  ? 2.551   -5.705  1.910   1.00 0.00 ? 3  DG  A H1     1 
ATOM   95   H H21    . DG  A 1 3  ? 4.652   -5.024  2.317   1.00 0.00 ? 3  DG  A H21    1 
ATOM   96   H H22    . DG  A 1 3  ? 5.207   -4.673  3.938   1.00 0.00 ? 3  DG  A H22    1 
ATOM   97   P P      . DA  A 1 4  ? 3.041   -2.389  10.708  1.00 0.00 ? 4  DA  A P      1 
ATOM   98   O OP1    . DA  A 1 4  ? 3.993   -2.026  11.781  1.00 0.00 ? 4  DA  A OP1    1 
ATOM   99   O OP2    . DA  A 1 4  ? 1.680   -1.805  10.699  1.00 0.00 ? 4  DA  A OP2    1 
ATOM   100  O "O5'"  . DA  A 1 4  ? 3.740   -2.112  9.286   1.00 0.00 ? 4  DA  A "O5'"  1 
ATOM   101  C "C5'"  . DA  A 1 4  ? 4.989   -2.707  8.990   1.00 0.00 ? 4  DA  A "C5'"  1 
ATOM   102  C "C4'"  . DA  A 1 4  ? 5.637   -2.133  7.732   1.00 0.00 ? 4  DA  A "C4'"  1 
ATOM   103  O "O4'"  . DA  A 1 4  ? 4.935   -2.603  6.586   1.00 0.00 ? 4  DA  A "O4'"  1 
ATOM   104  C "C3'"  . DA  A 1 4  ? 5.576   -0.602  7.724   1.00 0.00 ? 4  DA  A "C3'"  1 
ATOM   105  O "O3'"  . DA  A 1 4  ? 6.802   -0.133  7.205   1.00 0.00 ? 4  DA  A "O3'"  1 
ATOM   106  C "C2'"  . DA  A 1 4  ? 4.400   -0.321  6.790   1.00 0.00 ? 4  DA  A "C2'"  1 
ATOM   107  C "C1'"  . DA  A 1 4  ? 4.444   -1.508  5.831   1.00 0.00 ? 4  DA  A "C1'"  1 
ATOM   108  N N9     . DA  A 1 4  ? 3.099   -1.818  5.294   1.00 0.00 ? 4  DA  A N9     1 
ATOM   109  C C8     . DA  A 1 4  ? 1.936   -2.016  5.995   1.00 0.00 ? 4  DA  A C8     1 
ATOM   110  N N7     . DA  A 1 4  ? 0.907   -2.321  5.256   1.00 0.00 ? 4  DA  A N7     1 
ATOM   111  C C5     . DA  A 1 4  ? 1.425   -2.336  3.967   1.00 0.00 ? 4  DA  A C5     1 
ATOM   112  C C6     . DA  A 1 4  ? 0.854   -2.623  2.709   1.00 0.00 ? 4  DA  A C6     1 
ATOM   113  N N6     . DA  A 1 4  ? -0.431  -2.960  2.567   1.00 0.00 ? 4  DA  A N6     1 
ATOM   114  N N1     . DA  A 1 4  ? 1.643   -2.586  1.617   1.00 0.00 ? 4  DA  A N1     1 
ATOM   115  C C2     . DA  A 1 4  ? 2.926   -2.262  1.767   1.00 0.00 ? 4  DA  A C2     1 
ATOM   116  N N3     . DA  A 1 4  ? 3.579   -1.957  2.888   1.00 0.00 ? 4  DA  A N3     1 
ATOM   117  C C4     . DA  A 1 4  ? 2.761   -2.020  3.974   1.00 0.00 ? 4  DA  A C4     1 
ATOM   118  H "H5'"  . DA  A 1 4  ? 4.882   -3.786  8.878   1.00 0.00 ? 4  DA  A "H5'"  1 
ATOM   119  H "H5''" . DA  A 1 4  ? 5.675   -2.513  9.815   1.00 0.00 ? 4  DA  A "H5''" 1 
ATOM   120  H "H4'"  . DA  A 1 4  ? 6.671   -2.489  7.719   1.00 0.00 ? 4  DA  A "H4'"  1 
ATOM   121  H "H3'"  . DA  A 1 4  ? 5.385   -0.192  8.712   1.00 0.00 ? 4  DA  A "H3'"  1 
ATOM   122  H "H2'"  . DA  A 1 4  ? 3.490   -0.335  7.384   1.00 0.00 ? 4  DA  A "H2'"  1 
ATOM   123  H "H2''" . DA  A 1 4  ? 4.459   0.635   6.271   1.00 0.00 ? 4  DA  A "H2''" 1 
ATOM   124  H "H1'"  . DA  A 1 4  ? 5.129   -1.292  5.011   1.00 0.00 ? 4  DA  A "H1'"  1 
ATOM   125  H H8     . DA  A 1 4  ? 1.886   -1.926  7.070   1.00 0.00 ? 4  DA  A H8     1 
ATOM   126  H H61    . DA  A 1 4  ? -0.801  -3.165  1.649   1.00 0.00 ? 4  DA  A H61    1 
ATOM   127  H H62    . DA  A 1 4  ? -1.027  -3.010  3.380   1.00 0.00 ? 4  DA  A H62    1 
ATOM   128  H H2     . DA  A 1 4  ? 3.515   -2.257  0.865   1.00 0.00 ? 4  DA  A H2     1 
ATOM   129  P P      . DC  A 1 5  ? 7.125   1.430   6.999   1.00 0.00 ? 5  DC  A P      1 
ATOM   130  O OP1    . DC  A 1 5  ? 8.541   1.671   7.354   1.00 0.00 ? 5  DC  A OP1    1 
ATOM   131  O OP2    . DC  A 1 5  ? 6.054   2.245   7.617   1.00 0.00 ? 5  DC  A OP2    1 
ATOM   132  O "O5'"  . DC  A 1 5  ? 6.975   1.505   5.404   1.00 0.00 ? 5  DC  A "O5'"  1 
ATOM   133  C "C5'"  . DC  A 1 5  ? 7.793   0.701   4.576   1.00 0.00 ? 5  DC  A "C5'"  1 
ATOM   134  C "C4'"  . DC  A 1 5  ? 7.550   1.020   3.104   1.00 0.00 ? 5  DC  A "C4'"  1 
ATOM   135  O "O4'"  . DC  A 1 5  ? 6.241   0.602   2.735   1.00 0.00 ? 5  DC  A "O4'"  1 
ATOM   136  C "C3'"  . DC  A 1 5  ? 7.670   2.526   2.847   1.00 0.00 ? 5  DC  A "C3'"  1 
ATOM   137  O "O3'"  . DC  A 1 5  ? 8.467   2.688   1.693   1.00 0.00 ? 5  DC  A "O3'"  1 
ATOM   138  C "C2'"  . DC  A 1 5  ? 6.202   2.923   2.658   1.00 0.00 ? 5  DC  A "C2'"  1 
ATOM   139  C "C1'"  . DC  A 1 5  ? 5.579   1.653   2.055   1.00 0.00 ? 5  DC  A "C1'"  1 
ATOM   140  N N1     . DC  A 1 5  ? 4.108   1.546   2.306   1.00 0.00 ? 5  DC  A N1     1 
ATOM   141  C C2     . DC  A 1 5  ? 3.241   1.211   1.254   1.00 0.00 ? 5  DC  A C2     1 
ATOM   142  O O2     . DC  A 1 5  ? 3.637   1.128   0.093   1.00 0.00 ? 5  DC  A O2     1 
ATOM   143  N N3     . DC  A 1 5  ? 1.925   0.974   1.538   1.00 0.00 ? 5  DC  A N3     1 
ATOM   144  C C4     . DC  A 1 5  ? 1.461   1.061   2.794   1.00 0.00 ? 5  DC  A C4     1 
ATOM   145  N N4     . DC  A 1 5  ? 0.171   0.800   3.030   1.00 0.00 ? 5  DC  A N4     1 
ATOM   146  C C5     . DC  A 1 5  ? 2.323   1.417   3.884   1.00 0.00 ? 5  DC  A C5     1 
ATOM   147  C C6     . DC  A 1 5  ? 3.621   1.647   3.589   1.00 0.00 ? 5  DC  A C6     1 
ATOM   148  H "H5'"  . DC  A 1 5  ? 7.591   -0.356  4.747   1.00 0.00 ? 5  DC  A "H5'"  1 
ATOM   149  H "H5''" . DC  A 1 5  ? 8.842   0.899   4.799   1.00 0.00 ? 5  DC  A "H5''" 1 
ATOM   150  H "H4'"  . DC  A 1 5  ? 8.288   0.465   2.521   1.00 0.00 ? 5  DC  A "H4'"  1 
ATOM   151  H "H3'"  . DC  A 1 5  ? 8.133   3.058   3.684   1.00 0.00 ? 5  DC  A "H3'"  1 
ATOM   152  H "H2'"  . DC  A 1 5  ? 5.820   3.145   3.658   1.00 0.00 ? 5  DC  A "H2'"  1 
ATOM   153  H "H2''" . DC  A 1 5  ? 6.043   3.796   2.028   1.00 0.00 ? 5  DC  A "H2''" 1 
ATOM   154  H "H1'"  . DC  A 1 5  ? 5.824   1.579   0.984   1.00 0.00 ? 5  DC  A "H1'"  1 
ATOM   155  H H41    . DC  A 1 5  ? -0.440  0.544   2.267   1.00 0.00 ? 5  DC  A H41    1 
ATOM   156  H H42    . DC  A 1 5  ? -0.193  0.847   3.970   1.00 0.00 ? 5  DC  A H42    1 
ATOM   157  H H5     . DC  A 1 5  ? 2.000   1.494   4.912   1.00 0.00 ? 5  DC  A H5     1 
ATOM   158  H H6     . DC  A 1 5  ? 4.281   1.914   4.398   1.00 0.00 ? 5  DC  A H6     1 
ATOM   159  P P      . DC  A 1 6  ? 8.816   4.129   1.066   1.00 0.00 ? 6  DC  A P      1 
ATOM   160  O OP1    . DC  A 1 6  ? 10.207  4.102   0.562   1.00 0.00 ? 6  DC  A OP1    1 
ATOM   161  O OP2    . DC  A 1 6  ? 8.384   5.191   2.003   1.00 0.00 ? 6  DC  A OP2    1 
ATOM   162  O "O5'"  . DC  A 1 6  ? 7.816   4.112   -0.185  1.00 0.00 ? 6  DC  A "O5'"  1 
ATOM   163  C "C5'"  . DC  A 1 6  ? 7.933   3.121   -1.187  1.00 0.00 ? 6  DC  A "C5'"  1 
ATOM   164  C "C4'"  . DC  A 1 6  ? 6.814   3.286   -2.209  1.00 0.00 ? 6  DC  A "C4'"  1 
ATOM   165  O "O4'"  . DC  A 1 6  ? 5.566   3.087   -1.557  1.00 0.00 ? 6  DC  A "O4'"  1 
ATOM   166  C "C3'"  . DC  A 1 6  ? 6.813   4.697   -2.815  1.00 0.00 ? 6  DC  A "C3'"  1 
ATOM   167  O "O3'"  . DC  A 1 6  ? 6.589   4.563   -4.202  1.00 0.00 ? 6  DC  A "O3'"  1 
ATOM   168  C "C2'"  . DC  A 1 6  ? 5.638   5.336   -2.074  1.00 0.00 ? 6  DC  A "C2'"  1 
ATOM   169  C "C1'"  . DC  A 1 6  ? 4.695   4.127   -1.948  1.00 0.00 ? 6  DC  A "C1'"  1 
ATOM   170  N N1     . DC  A 1 6  ? 3.613   4.315   -0.935  1.00 0.00 ? 6  DC  A N1     1 
ATOM   171  C C2     . DC  A 1 6  ? 2.310   3.895   -1.234  1.00 0.00 ? 6  DC  A C2     1 
ATOM   172  O O2     . DC  A 1 6  ? 2.004   3.492   -2.354  1.00 0.00 ? 6  DC  A O2     1 
ATOM   173  N N3     . DC  A 1 6  ? 1.364   3.939   -0.248  1.00 0.00 ? 6  DC  A N3     1 
ATOM   174  C C4     . DC  A 1 6  ? 1.665   4.387   0.981   1.00 0.00 ? 6  DC  A C4     1 
ATOM   175  N N4     . DC  A 1 6  ? 0.722   4.387   1.926   1.00 0.00 ? 6  DC  A N4     1 
ATOM   176  C C5     . DC  A 1 6  ? 2.980   4.864   1.298   1.00 0.00 ? 6  DC  A C5     1 
ATOM   177  C C6     . DC  A 1 6  ? 3.906   4.809   0.316   1.00 0.00 ? 6  DC  A C6     1 
ATOM   178  H "H5'"  . DC  A 1 6  ? 7.858   2.123   -0.751  1.00 0.00 ? 6  DC  A "H5'"  1 
ATOM   179  H "H5''" . DC  A 1 6  ? 8.897   3.214   -1.691  1.00 0.00 ? 6  DC  A "H5''" 1 
ATOM   180  H "H4'"  . DC  A 1 6  ? 6.938   2.534   -2.990  1.00 0.00 ? 6  DC  A "H4'"  1 
ATOM   181  H "H3'"  . DC  A 1 6  ? 7.754   5.226   -2.646  1.00 0.00 ? 6  DC  A "H3'"  1 
ATOM   182  H "H2'"  . DC  A 1 6  ? 6.047   5.679   -1.112  1.00 0.00 ? 6  DC  A "H2'"  1 
ATOM   183  H "H2''" . DC  A 1 6  ? 5.164   6.174   -2.591  1.00 0.00 ? 6  DC  A "H2''" 1 
ATOM   184  H "H1'"  . DC  A 1 6  ? 4.293   3.842   -2.931  1.00 0.00 ? 6  DC  A "H1'"  1 
ATOM   185  H H41    . DC  A 1 6  ? -0.204  4.046   1.711   1.00 0.00 ? 6  DC  A H41    1 
ATOM   186  H H42    . DC  A 1 6  ? 0.934   4.714   2.856   1.00 0.00 ? 6  DC  A H42    1 
ATOM   187  H H5     . DC  A 1 6  ? 3.261   5.251   2.267   1.00 0.00 ? 6  DC  A H5     1 
ATOM   188  H H6     . DC  A 1 6  ? 4.895   5.171   0.542   1.00 0.00 ? 6  DC  A H6     1 
ATOM   189  P P      . DA  A 1 7  ? 6.534   5.818   -5.209  1.00 0.00 ? 7  DA  A P      1 
ATOM   190  O OP1    . DA  A 1 7  ? 7.434   5.544   -6.351  1.00 0.00 ? 7  DA  A OP1    1 
ATOM   191  O OP2    . DA  A 1 7  ? 6.672   7.077   -4.443  1.00 0.00 ? 7  DA  A OP2    1 
ATOM   192  O "O5'"  . DA  A 1 7  ? 5.013   5.685   -5.708  1.00 0.00 ? 7  DA  A "O5'"  1 
ATOM   193  C "C5'"  . DA  A 1 7  ? 4.580   4.515   -6.371  1.00 0.00 ? 7  DA  A "C5'"  1 
ATOM   194  C "C4'"  . DA  A 1 7  ? 3.148   4.654   -6.887  1.00 0.00 ? 7  DA  A "C4'"  1 
ATOM   195  O "O4'"  . DA  A 1 7  ? 2.249   4.701   -5.784  1.00 0.00 ? 7  DA  A "O4'"  1 
ATOM   196  C "C3'"  . DA  A 1 7  ? 2.965   5.940   -7.700  1.00 0.00 ? 7  DA  A "C3'"  1 
ATOM   197  O "O3'"  . DA  A 1 7  ? 2.128   5.637   -8.798  1.00 0.00 ? 7  DA  A "O3'"  1 
ATOM   198  C "C2'"  . DA  A 1 7  ? 2.322   6.875   -6.677  1.00 0.00 ? 7  DA  A "C2'"  1 
ATOM   199  C "C1'"  . DA  A 1 7  ? 1.503   5.907   -5.816  1.00 0.00 ? 7  DA  A "C1'"  1 
ATOM   200  N N9     . DA  A 1 7  ? 1.317   6.409   -4.432  1.00 0.00 ? 7  DA  A N9     1 
ATOM   201  C C8     . DA  A 1 7  ? 2.263   6.977   -3.616  1.00 0.00 ? 7  DA  A C8     1 
ATOM   202  N N7     . DA  A 1 7  ? 1.856   7.222   -2.403  1.00 0.00 ? 7  DA  A N7     1 
ATOM   203  C C5     . DA  A 1 7  ? 0.533   6.801   -2.415  1.00 0.00 ? 7  DA  A C5     1 
ATOM   204  C C6     . DA  A 1 7  ? -0.471  6.793   -1.424  1.00 0.00 ? 7  DA  A C6     1 
ATOM   205  N N6     . DA  A 1 7  ? -0.250  7.213   -0.174  1.00 0.00 ? 7  DA  A N6     1 
ATOM   206  N N1     . DA  A 1 7  ? -1.700  6.356   -1.756  1.00 0.00 ? 7  DA  A N1     1 
ATOM   207  C C2     . DA  A 1 7  ? -1.919  5.938   -3.001  1.00 0.00 ? 7  DA  A C2     1 
ATOM   208  N N3     . DA  A 1 7  ? -1.056  5.877   -4.017  1.00 0.00 ? 7  DA  A N3     1 
ATOM   209  C C4     . DA  A 1 7  ? 0.178   6.327   -3.655  1.00 0.00 ? 7  DA  A C4     1 
ATOM   210  H "H5'"  . DA  A 1 7  ? 4.631   3.658   -5.698  1.00 0.00 ? 7  DA  A "H5'"  1 
ATOM   211  H "H5''" . DA  A 1 7  ? 5.227   4.324   -7.230  1.00 0.00 ? 7  DA  A "H5''" 1 
ATOM   212  H "H4'"  . DA  A 1 7  ? 2.952   3.770   -7.501  1.00 0.00 ? 7  DA  A "H4'"  1 
ATOM   213  H "H3'"  . DA  A 1 7  ? 3.918   6.341   -8.046  1.00 0.00 ? 7  DA  A "H3'"  1 
ATOM   214  H "H2'"  . DA  A 1 7  ? 3.148   7.313   -6.115  1.00 0.00 ? 7  DA  A "H2'"  1 
ATOM   215  H "H2''" . DA  A 1 7  ? 1.718   7.676   -7.108  1.00 0.00 ? 7  DA  A "H2''" 1 
ATOM   216  H "H1'"  . DA  A 1 7  ? 0.536   5.713   -6.285  1.00 0.00 ? 7  DA  A "H1'"  1 
ATOM   217  H H8     . DA  A 1 7  ? 3.261   7.204   -3.958  1.00 0.00 ? 7  DA  A H8     1 
ATOM   218  H H61    . DA  A 1 7  ? -1.000  7.204   0.502   1.00 0.00 ? 7  DA  A H61    1 
ATOM   219  H H62    . DA  A 1 7  ? 0.665   7.553   0.083   1.00 0.00 ? 7  DA  A H62    1 
ATOM   220  H H2     . DA  A 1 7  ? -2.927  5.599   -3.196  1.00 0.00 ? 7  DA  A H2     1 
ATOM   221  P P      . DC  A 1 8  ? 1.647   6.744   -9.866  1.00 0.00 ? 8  DC  A P      1 
ATOM   222  O OP1    . DC  A 1 8  ? 1.670   6.136   -11.216 1.00 0.00 ? 8  DC  A OP1    1 
ATOM   223  O OP2    . DC  A 1 8  ? 2.360   8.017   -9.615  1.00 0.00 ? 8  DC  A OP2    1 
ATOM   224  O "O5'"  . DC  A 1 8  ? 0.115   6.914   -9.408  1.00 0.00 ? 8  DC  A "O5'"  1 
ATOM   225  C "C5'"  . DC  A 1 8  ? -0.777  5.817   -9.469  1.00 0.00 ? 8  DC  A "C5'"  1 
ATOM   226  C "C4'"  . DC  A 1 8  ? -2.171  6.230   -8.999  1.00 0.00 ? 8  DC  A "C4'"  1 
ATOM   227  O "O4'"  . DC  A 1 8  ? -2.138  6.579   -7.622  1.00 0.00 ? 8  DC  A "O4'"  1 
ATOM   228  C "C3'"  . DC  A 1 8  ? -2.698  7.436   -9.789  1.00 0.00 ? 8  DC  A "C3'"  1 
ATOM   229  O "O3'"  . DC  A 1 8  ? -4.037  7.143   -10.153 1.00 0.00 ? 8  DC  A "O3'"  1 
ATOM   230  C "C2'"  . DC  A 1 8  ? -2.562  8.551   -8.751  1.00 0.00 ? 8  DC  A "C2'"  1 
ATOM   231  C "C1'"  . DC  A 1 8  ? -2.825  7.802   -7.442  1.00 0.00 ? 8  DC  A "C1'"  1 
ATOM   232  N N1     . DC  A 1 8  ? -2.291  8.498   -6.234  1.00 0.00 ? 8  DC  A N1     1 
ATOM   233  C C2     . DC  A 1 8  ? -3.096  8.611   -5.094  1.00 0.00 ? 8  DC  A C2     1 
ATOM   234  O O2     . DC  A 1 8  ? -4.270  8.248   -5.089  1.00 0.00 ? 8  DC  A O2     1 
ATOM   235  N N3     . DC  A 1 8  ? -2.553  9.139   -3.959  1.00 0.00 ? 8  DC  A N3     1 
ATOM   236  C C4     . DC  A 1 8  ? -1.272  9.532   -3.917  1.00 0.00 ? 8  DC  A C4     1 
ATOM   237  N N4     . DC  A 1 8  ? -0.823  10.020  -2.757  1.00 0.00 ? 8  DC  A N4     1 
ATOM   238  C C5     . DC  A 1 8  ? -0.423  9.422   -5.072  1.00 0.00 ? 8  DC  A C5     1 
ATOM   239  C C6     . DC  A 1 8  ? -0.979  8.911   -6.194  1.00 0.00 ? 8  DC  A C6     1 
ATOM   240  H "H5'"  . DC  A 1 8  ? -0.420  5.005   -8.835  1.00 0.00 ? 8  DC  A "H5'"  1 
ATOM   241  H "H5''" . DC  A 1 8  ? -0.847  5.458   -10.497 1.00 0.00 ? 8  DC  A "H5''" 1 
ATOM   242  H "H4'"  . DC  A 1 8  ? -2.836  5.376   -9.127  1.00 0.00 ? 8  DC  A "H4'"  1 
ATOM   243  H "H3'"  . DC  A 1 8  ? -2.097  7.643   -10.682 1.00 0.00 ? 8  DC  A "H3'"  1 
ATOM   244  H "H2'"  . DC  A 1 8  ? -1.533  8.915   -8.805  1.00 0.00 ? 8  DC  A "H2'"  1 
ATOM   245  H "H2''" . DC  A 1 8  ? -3.259  9.372   -8.898  1.00 0.00 ? 8  DC  A "H2''" 1 
ATOM   246  H "H1'"  . DC  A 1 8  ? -3.901  7.605   -7.368  1.00 0.00 ? 8  DC  A "H1'"  1 
ATOM   247  H H41    . DC  A 1 8  ? -1.482  10.153  -2.010  1.00 0.00 ? 8  DC  A H41    1 
ATOM   248  H H42    . DC  A 1 8  ? 0.145   10.198  -2.552  1.00 0.00 ? 8  DC  A H42    1 
ATOM   249  H H5     . DC  A 1 8  ? 0.613   9.726   -5.103  1.00 0.00 ? 8  DC  A H5     1 
ATOM   250  H H6     . DC  A 1 8  ? -0.366  8.834   -7.079  1.00 0.00 ? 8  DC  A H6     1 
ATOM   251  P P      . DG  A 1 9  ? -4.994  8.182   -10.932 1.00 0.00 ? 9  DG  A P      1 
ATOM   252  O OP1    . DG  A 1 9  ? -5.793  7.427   -11.924 1.00 0.00 ? 9  DG  A OP1    1 
ATOM   253  O OP2    . DG  A 1 9  ? -4.197  9.351   -11.364 1.00 0.00 ? 9  DG  A OP2    1 
ATOM   254  O "O5'"  . DG  A 1 9  ? -5.976  8.646   -9.743  1.00 0.00 ? 9  DG  A "O5'"  1 
ATOM   255  C "C5'"  . DG  A 1 9  ? -6.847  7.721   -9.114  1.00 0.00 ? 9  DG  A "C5'"  1 
ATOM   256  C "C4'"  . DG  A 1 9  ? -7.626  8.414   -7.995  1.00 0.00 ? 9  DG  A "C4'"  1 
ATOM   257  O "O4'"  . DG  A 1 9  ? -6.705  8.910   -7.039  1.00 0.00 ? 9  DG  A "O4'"  1 
ATOM   258  C "C3'"  . DG  A 1 9  ? -8.451  9.600   -8.515  1.00 0.00 ? 9  DG  A "C3'"  1 
ATOM   259  O "O3'"  . DG  A 1 9  ? -9.734  9.600   -7.926  1.00 0.00 ? 9  DG  A "O3'"  1 
ATOM   260  C "C2'"  . DG  A 1 9  ? -7.653  10.804  -8.041  1.00 0.00 ? 9  DG  A "C2'"  1 
ATOM   261  C "C1'"  . DG  A 1 9  ? -7.018  10.259  -6.766  1.00 0.00 ? 9  DG  A "C1'"  1 
ATOM   262  N N9     . DG  A 1 9  ? -5.789  10.977  -6.364  1.00 0.00 ? 9  DG  A N9     1 
ATOM   263  C C8     . DG  A 1 9  ? -4.697  11.297  -7.125  1.00 0.00 ? 9  DG  A C8     1 
ATOM   264  N N7     . DG  A 1 9  ? -3.700  11.803  -6.452  1.00 0.00 ? 9  DG  A N7     1 
ATOM   265  C C5     . DG  A 1 9  ? -4.173  11.848  -5.145  1.00 0.00 ? 9  DG  A C5     1 
ATOM   266  C C6     . DG  A 1 9  ? -3.543  12.316  -3.952  1.00 0.00 ? 9  DG  A C6     1 
ATOM   267  O O6     . DG  A 1 9  ? -2.394  12.735  -3.803  1.00 0.00 ? 9  DG  A O6     1 
ATOM   268  N N1     . DG  A 1 9  ? -4.400  12.266  -2.854  1.00 0.00 ? 9  DG  A N1     1 
ATOM   269  C C2     . DG  A 1 9  ? -5.698  11.795  -2.888  1.00 0.00 ? 9  DG  A C2     1 
ATOM   270  N N2     . DG  A 1 9  ? -6.390  11.839  -1.745  1.00 0.00 ? 9  DG  A N2     1 
ATOM   271  N N3     . DG  A 1 9  ? -6.276  11.317  -3.999  1.00 0.00 ? 9  DG  A N3     1 
ATOM   272  C C4     . DG  A 1 9  ? -5.466  11.376  -5.090  1.00 0.00 ? 9  DG  A C4     1 
ATOM   273  H "H5'"  . DG  A 1 9  ? -6.270  6.903   -8.682  1.00 0.00 ? 9  DG  A "H5'"  1 
ATOM   274  H "H5''" . DG  A 1 9  ? -7.551  7.314   -9.842  1.00 0.00 ? 9  DG  A "H5''" 1 
ATOM   275  H "H4'"  . DG  A 1 9  ? -8.280  7.681   -7.521  1.00 0.00 ? 9  DG  A "H4'"  1 
ATOM   276  H "H3'"  . DG  A 1 9  ? -8.535  9.599   -9.603  1.00 0.00 ? 9  DG  A "H3'"  1 
ATOM   277  H "HO3'" . DG  A 1 9  ? -10.207 10.378  -8.228  1.00 0.00 ? 9  DG  A "HO3'" 1 
ATOM   278  H "H2'"  . DG  A 1 9  ? -6.918  11.025  -8.802  1.00 0.00 ? 9  DG  A "H2'"  1 
ATOM   279  H "H2''" . DG  A 1 9  ? -8.259  11.688  -7.856  1.00 0.00 ? 9  DG  A "H2''" 1 
ATOM   280  H "H1'"  . DG  A 1 9  ? -7.763  10.294  -5.975  1.00 0.00 ? 9  DG  A "H1'"  1 
ATOM   281  H H8     . DG  A 1 9  ? -4.675  11.141  -8.191  1.00 0.00 ? 9  DG  A H8     1 
ATOM   282  H H1     . DG  A 1 9  ? -4.050  12.607  -1.971  1.00 0.00 ? 9  DG  A H1     1 
ATOM   283  H H21    . DG  A 1 9  ? -5.956  12.183  -0.898  1.00 0.00 ? 9  DG  A H21    1 
ATOM   284  H H22    . DG  A 1 9  ? -7.336  11.490  -1.719  1.00 0.00 ? 9  DG  A H22    1 
ATOM   285  O "O5'"  . DC  B 2 1  ? -2.754  16.882  4.709   1.00 0.00 ? 10 DC  B "O5'"  1 
ATOM   286  C "C5'"  . DC  B 2 1  ? -4.054  17.400  4.886   1.00 0.00 ? 10 DC  B "C5'"  1 
ATOM   287  C "C4'"  . DC  B 2 1  ? -5.132  16.355  4.576   1.00 0.00 ? 10 DC  B "C4'"  1 
ATOM   288  O "O4'"  . DC  B 2 1  ? -5.093  16.002  3.195   1.00 0.00 ? 10 DC  B "O4'"  1 
ATOM   289  C "C3'"  . DC  B 2 1  ? -4.960  15.068  5.394   1.00 0.00 ? 10 DC  B "C3'"  1 
ATOM   290  O "O3'"  . DC  B 2 1  ? -6.248  14.664  5.826   1.00 0.00 ? 10 DC  B "O3'"  1 
ATOM   291  C "C2'"  . DC  B 2 1  ? -4.346  14.118  4.366   1.00 0.00 ? 10 DC  B "C2'"  1 
ATOM   292  C "C1'"  . DC  B 2 1  ? -4.996  14.589  3.058   1.00 0.00 ? 10 DC  B "C1'"  1 
ATOM   293  N N1     . DC  B 2 1  ? -4.141  14.231  1.895   1.00 0.00 ? 10 DC  B N1     1 
ATOM   294  C C2     . DC  B 2 1  ? -4.621  13.351  0.924   1.00 0.00 ? 10 DC  B C2     1 
ATOM   295  O O2     . DC  B 2 1  ? -5.773  12.926  0.946   1.00 0.00 ? 10 DC  B O2     1 
ATOM   296  N N3     . DC  B 2 1  ? -3.783  12.972  -0.080  1.00 0.00 ? 10 DC  B N3     1 
ATOM   297  C C4     . DC  B 2 1  ? -2.534  13.448  -0.164  1.00 0.00 ? 10 DC  B C4     1 
ATOM   298  N N4     . DC  B 2 1  ? -1.790  13.042  -1.197  1.00 0.00 ? 10 DC  B N4     1 
ATOM   299  C C5     . DC  B 2 1  ? -2.036  14.404  0.786   1.00 0.00 ? 10 DC  B C5     1 
ATOM   300  C C6     . DC  B 2 1  ? -2.873  14.750  1.795   1.00 0.00 ? 10 DC  B C6     1 
ATOM   301  H "H5'"  . DC  B 2 1  ? -4.188  18.263  4.233   1.00 0.00 ? 10 DC  B "H5'"  1 
ATOM   302  H "H5''" . DC  B 2 1  ? -4.160  17.725  5.922   1.00 0.00 ? 10 DC  B "H5''" 1 
ATOM   303  H "H4'"  . DC  B 2 1  ? -6.090  16.827  4.811   1.00 0.00 ? 10 DC  B "H4'"  1 
ATOM   304  H "H3'"  . DC  B 2 1  ? -4.291  15.215  6.247   1.00 0.00 ? 10 DC  B "H3'"  1 
ATOM   305  H "H2'"  . DC  B 2 1  ? -3.264  14.294  4.363   1.00 0.00 ? 10 DC  B "H2'"  1 
ATOM   306  H "H2''" . DC  B 2 1  ? -4.529  13.061  4.564   1.00 0.00 ? 10 DC  B "H2''" 1 
ATOM   307  H "H1'"  . DC  B 2 1  ? -6.005  14.175  2.942   1.00 0.00 ? 10 DC  B "H1'"  1 
ATOM   308  H H41    . DC  B 2 1  ? -2.158  12.336  -1.818  1.00 0.00 ? 10 DC  B H41    1 
ATOM   309  H H42    . DC  B 2 1  ? -0.951  13.518  -1.485  1.00 0.00 ? 10 DC  B H42    1 
ATOM   310  H H5     . DC  B 2 1  ? -1.045  14.831  0.742   1.00 0.00 ? 10 DC  B H5     1 
ATOM   311  H H6     . DC  B 2 1  ? -2.549  15.433  2.565   1.00 0.00 ? 10 DC  B H6     1 
ATOM   312  H "HO5'" . DC  B 2 1  ? -2.121  17.571  4.924   1.00 0.00 ? 10 DC  B "HO5'" 1 
ATOM   313  P P      . DG  B 2 2  ? -6.524  13.273  6.598   1.00 0.00 ? 11 DG  B P      1 
ATOM   314  O OP1    . DG  B 2 2  ? -7.669  13.474  7.514   1.00 0.00 ? 11 DG  B OP1    1 
ATOM   315  O OP2    . DG  B 2 2  ? -5.242  12.756  7.126   1.00 0.00 ? 11 DG  B OP2    1 
ATOM   316  O "O5'"  . DG  B 2 2  ? -7.002  12.320  5.387   1.00 0.00 ? 11 DG  B "O5'"  1 
ATOM   317  C "C5'"  . DG  B 2 2  ? -8.189  12.605  4.669   1.00 0.00 ? 11 DG  B "C5'"  1 
ATOM   318  C "C4'"  . DG  B 2 2  ? -8.522  11.498  3.665   1.00 0.00 ? 11 DG  B "C4'"  1 
ATOM   319  O "O4'"  . DG  B 2 2  ? -7.521  11.413  2.657   1.00 0.00 ? 11 DG  B "O4'"  1 
ATOM   320  C "C3'"  . DG  B 2 2  ? -8.619  10.130  4.346   1.00 0.00 ? 11 DG  B "C3'"  1 
ATOM   321  O "O3'"  . DG  B 2 2  ? -9.783  9.483   3.865   1.00 0.00 ? 11 DG  B "O3'"  1 
ATOM   322  C "C2'"  . DG  B 2 2  ? -7.307  9.470   3.935   1.00 0.00 ? 11 DG  B "C2'"  1 
ATOM   323  C "C1'"  . DG  B 2 2  ? -7.029  10.085  2.561   1.00 0.00 ? 11 DG  B "C1'"  1 
ATOM   324  N N9     . DG  B 2 2  ? -5.585  10.107  2.205   1.00 0.00 ? 11 DG  B N9     1 
ATOM   325  C C8     . DG  B 2 2  ? -4.522  10.505  2.977   1.00 0.00 ? 11 DG  B C8     1 
ATOM   326  N N7     . DG  B 2 2  ? -3.369  10.476  2.369   1.00 0.00 ? 11 DG  B N7     1 
ATOM   327  C C5     . DG  B 2 2  ? -3.677  10.018  1.092   1.00 0.00 ? 11 DG  B C5     1 
ATOM   328  C C6     . DG  B 2 2  ? -2.824  9.788   -0.033  1.00 0.00 ? 11 DG  B C6     1 
ATOM   329  O O6     . DG  B 2 2  ? -1.611  9.990   -0.130  1.00 0.00 ? 11 DG  B O6     1 
ATOM   330  N N1     . DG  B 2 2  ? -3.520  9.284   -1.130  1.00 0.00 ? 11 DG  B N1     1 
ATOM   331  C C2     . DG  B 2 2  ? -4.879  9.050   -1.152  1.00 0.00 ? 11 DG  B C2     1 
ATOM   332  N N2     . DG  B 2 2  ? -5.386  8.579   -2.297  1.00 0.00 ? 11 DG  B N2     1 
ATOM   333  N N3     . DG  B 2 2  ? -5.687  9.287   -0.104  1.00 0.00 ? 11 DG  B N3     1 
ATOM   334  C C4     . DG  B 2 2  ? -5.029  9.772   0.987   1.00 0.00 ? 11 DG  B C4     1 
ATOM   335  H "H5'"  . DG  B 2 2  ? -8.086  13.550  4.135   1.00 0.00 ? 11 DG  B "H5'"  1 
ATOM   336  H "H5''" . DG  B 2 2  ? -9.025  12.688  5.366   1.00 0.00 ? 11 DG  B "H5''" 1 
ATOM   337  H "H4'"  . DG  B 2 2  ? -9.482  11.768  3.216   1.00 0.00 ? 11 DG  B "H4'"  1 
ATOM   338  H "H3'"  . DG  B 2 2  ? -8.667  10.220  5.430   1.00 0.00 ? 11 DG  B "H3'"  1 
ATOM   339  H "H2'"  . DG  B 2 2  ? -6.557  9.777   4.669   1.00 0.00 ? 11 DG  B "H2'"  1 
ATOM   340  H "H2''" . DG  B 2 2  ? -7.360  8.381   3.907   1.00 0.00 ? 11 DG  B "H2''" 1 
ATOM   341  H "H1'"  . DG  B 2 2  ? -7.582  9.526   1.802   1.00 0.00 ? 11 DG  B "H1'"  1 
ATOM   342  H H8     . DG  B 2 2  ? -4.629  10.783  4.016   1.00 0.00 ? 11 DG  B H8     1 
ATOM   343  H H1     . DG  B 2 2  ? -2.995  9.078   -1.972  1.00 0.00 ? 11 DG  B H1     1 
ATOM   344  H H21    . DG  B 2 2  ? -4.789  8.435   -3.103  1.00 0.00 ? 11 DG  B H21    1 
ATOM   345  H H22    . DG  B 2 2  ? -6.375  8.385   -2.364  1.00 0.00 ? 11 DG  B H22    1 
ATOM   346  P P      . DT  B 2 3  ? -10.188 7.979   4.284   1.00 0.00 ? 12 DT  B P      1 
ATOM   347  O OP1    . DT  B 2 3  ? -11.662 7.910   4.406   1.00 0.00 ? 12 DT  B OP1    1 
ATOM   348  O OP2    . DT  B 2 3  ? -9.333  7.534   5.407   1.00 0.00 ? 12 DT  B OP2    1 
ATOM   349  O "O5'"  . DT  B 2 3  ? -9.751  7.179   2.957   1.00 0.00 ? 12 DT  B "O5'"  1 
ATOM   350  C "C5'"  . DT  B 2 3  ? -10.358 7.472   1.713   1.00 0.00 ? 12 DT  B "C5'"  1 
ATOM   351  C "C4'"  . DT  B 2 3  ? -9.776  6.615   0.591   1.00 0.00 ? 12 DT  B "C4'"  1 
ATOM   352  O "O4'"  . DT  B 2 3  ? -8.415  6.979   0.410   1.00 0.00 ? 12 DT  B "O4'"  1 
ATOM   353  C "C3'"  . DT  B 2 3  ? -9.829  5.115   0.920   1.00 0.00 ? 12 DT  B "C3'"  1 
ATOM   354  O "O3'"  . DT  B 2 3  ? -10.282 4.432   -0.230  1.00 0.00 ? 12 DT  B "O3'"  1 
ATOM   355  C "C2'"  . DT  B 2 3  ? -8.365  4.814   1.234   1.00 0.00 ? 12 DT  B "C2'"  1 
ATOM   356  C "C1'"  . DT  B 2 3  ? -7.651  5.797   0.300   1.00 0.00 ? 12 DT  B "C1'"  1 
ATOM   357  N N1     . DT  B 2 3  ? -6.245  6.040   0.715   1.00 0.00 ? 12 DT  B N1     1 
ATOM   358  C C2     . DT  B 2 3  ? -5.211  5.867   -0.208  1.00 0.00 ? 12 DT  B C2     1 
ATOM   359  O O2     . DT  B 2 3  ? -5.387  5.458   -1.354  1.00 0.00 ? 12 DT  B O2     1 
ATOM   360  N N3     . DT  B 2 3  ? -3.935  6.198   0.231   1.00 0.00 ? 12 DT  B N3     1 
ATOM   361  C C4     . DT  B 2 3  ? -3.604  6.662   1.498   1.00 0.00 ? 12 DT  B C4     1 
ATOM   362  O O4     . DT  B 2 3  ? -2.438  6.939   1.764   1.00 0.00 ? 12 DT  B O4     1 
ATOM   363  C C5     . DT  B 2 3  ? -4.731  6.788   2.405   1.00 0.00 ? 12 DT  B C5     1 
ATOM   364  C C7     . DT  B 2 3  ? -4.521  7.270   3.827   1.00 0.00 ? 12 DT  B C7     1 
ATOM   365  C C6     . DT  B 2 3  ? -5.984  6.477   1.990   1.00 0.00 ? 12 DT  B C6     1 
ATOM   366  H "H5'"  . DT  B 2 3  ? -10.212 8.523   1.458   1.00 0.00 ? 12 DT  B "H5'"  1 
ATOM   367  H "H5''" . DT  B 2 3  ? -11.429 7.274   1.775   1.00 0.00 ? 12 DT  B "H5''" 1 
ATOM   368  H "H4'"  . DT  B 2 3  ? -10.324 6.821   -0.331  1.00 0.00 ? 12 DT  B "H4'"  1 
ATOM   369  H "H3'"  . DT  B 2 3  ? -10.470 4.904   1.777   1.00 0.00 ? 12 DT  B "H3'"  1 
ATOM   370  H "H2'"  . DT  B 2 3  ? -8.226  5.046   2.297   1.00 0.00 ? 12 DT  B "H2'"  1 
ATOM   371  H "H2''" . DT  B 2 3  ? -8.047  3.789   1.046   1.00 0.00 ? 12 DT  B "H2''" 1 
ATOM   372  H "H1'"  . DT  B 2 3  ? -7.727  5.462   -0.739  1.00 0.00 ? 12 DT  B "H1'"  1 
ATOM   373  H H3     . DT  B 2 3  ? -3.180  6.112   -0.438  1.00 0.00 ? 12 DT  B H3     1 
ATOM   374  H H71    . DT  B 2 3  ? -4.883  6.505   4.515   1.00 0.00 ? 12 DT  B H71    1 
ATOM   375  H H72    . DT  B 2 3  ? -3.463  7.442   4.026   1.00 0.00 ? 12 DT  B H72    1 
ATOM   376  H H73    . DT  B 2 3  ? -5.064  8.184   4.018   1.00 0.00 ? 12 DT  B H73    1 
ATOM   377  H H6     . DT  B 2 3  ? -6.814  6.558   2.675   1.00 0.00 ? 12 DT  B H6     1 
ATOM   378  P P      . DG  B 2 4  ? -10.469 2.832   -0.284  1.00 0.00 ? 13 DG  B P      1 
ATOM   379  O OP1    . DG  B 2 4  ? -11.770 2.535   -0.926  1.00 0.00 ? 13 DG  B OP1    1 
ATOM   380  O OP2    . DG  B 2 4  ? -10.150 2.252   1.040   1.00 0.00 ? 13 DG  B OP2    1 
ATOM   381  O "O5'"  . DG  B 2 4  ? -9.292  2.452   -1.312  1.00 0.00 ? 13 DG  B "O5'"  1 
ATOM   382  C "C5'"  . DG  B 2 4  ? -9.309  2.970   -2.626  1.00 0.00 ? 13 DG  B "C5'"  1 
ATOM   383  C "C4'"  . DG  B 2 4  ? -8.169  2.414   -3.477  1.00 0.00 ? 13 DG  B "C4'"  1 
ATOM   384  O "O4'"  . DG  B 2 4  ? -6.923  2.890   -2.983  1.00 0.00 ? 13 DG  B "O4'"  1 
ATOM   385  C "C3'"  . DG  B 2 4  ? -8.132  0.882   -3.458  1.00 0.00 ? 13 DG  B "C3'"  1 
ATOM   386  O "O3'"  . DG  B 2 4  ? -7.901  0.466   -4.789  1.00 0.00 ? 13 DG  B "O3'"  1 
ATOM   387  C "C2'"  . DG  B 2 4  ? -6.984  0.593   -2.492  1.00 0.00 ? 13 DG  B "C2'"  1 
ATOM   388  C "C1'"  . DG  B 2 4  ? -6.062  1.798   -2.699  1.00 0.00 ? 13 DG  B "C1'"  1 
ATOM   389  N N9     . DG  B 2 4  ? -5.273  2.089   -1.482  1.00 0.00 ? 13 DG  B N9     1 
ATOM   390  C C8     . DG  B 2 4  ? -5.720  2.167   -0.190  1.00 0.00 ? 13 DG  B C8     1 
ATOM   391  N N7     . DG  B 2 4  ? -4.811  2.526   0.673   1.00 0.00 ? 13 DG  B N7     1 
ATOM   392  C C5     . DG  B 2 4  ? -3.666  2.679   -0.101  1.00 0.00 ? 13 DG  B C5     1 
ATOM   393  C C6     . DG  B 2 4  ? -2.345  3.050   0.291   1.00 0.00 ? 13 DG  B C6     1 
ATOM   394  O O6     . DG  B 2 4  ? -1.949  3.340   1.416   1.00 0.00 ? 13 DG  B O6     1 
ATOM   395  N N1     . DG  B 2 4  ? -1.452  3.059   -0.780  1.00 0.00 ? 13 DG  B N1     1 
ATOM   396  C C2     . DG  B 2 4  ? -1.797  2.748   -2.082  1.00 0.00 ? 13 DG  B C2     1 
ATOM   397  N N2     . DG  B 2 4  ? -0.822  2.792   -2.996  1.00 0.00 ? 13 DG  B N2     1 
ATOM   398  N N3     . DG  B 2 4  ? -3.045  2.412   -2.455  1.00 0.00 ? 13 DG  B N3     1 
ATOM   399  C C4     . DG  B 2 4  ? -3.931  2.394   -1.420  1.00 0.00 ? 13 DG  B C4     1 
ATOM   400  H "H5'"  . DG  B 2 4  ? -9.230  4.058   -2.605  1.00 0.00 ? 13 DG  B "H5'"  1 
ATOM   401  H "H5''" . DG  B 2 4  ? -10.249 2.699   -3.109  1.00 0.00 ? 13 DG  B "H5''" 1 
ATOM   402  H "H4'"  . DG  B 2 4  ? -8.340  2.787   -4.492  1.00 0.00 ? 13 DG  B "H4'"  1 
ATOM   403  H "H3'"  . DG  B 2 4  ? -9.058  0.451   -3.081  1.00 0.00 ? 13 DG  B "H3'"  1 
ATOM   404  H "H2'"  . DG  B 2 4  ? -7.424  0.589   -1.495  1.00 0.00 ? 13 DG  B "H2'"  1 
ATOM   405  H "H2''" . DG  B 2 4  ? -6.469  -0.359  -2.632  1.00 0.00 ? 13 DG  B "H2''" 1 
ATOM   406  H "H1'"  . DG  B 2 4  ? -5.386  1.631   -3.542  1.00 0.00 ? 13 DG  B "H1'"  1 
ATOM   407  H H8     . DG  B 2 4  ? -6.740  1.942   0.081   1.00 0.00 ? 13 DG  B H8     1 
ATOM   408  H H1     . DG  B 2 4  ? -0.493  3.315   -0.578  1.00 0.00 ? 13 DG  B H1     1 
ATOM   409  H H21    . DG  B 2 4  ? 0.122   3.041   -2.730  1.00 0.00 ? 13 DG  B H21    1 
ATOM   410  H H22    . DG  B 2 4  ? -1.031  2.567   -3.958  1.00 0.00 ? 13 DG  B H22    1 
ATOM   411  P P      . DG  B 2 5  ? -7.555  -1.049  -5.192  1.00 0.00 ? 14 DG  B P      1 
ATOM   412  O OP1    . DG  B 2 5  ? -8.105  -1.317  -6.540  1.00 0.00 ? 14 DG  B OP1    1 
ATOM   413  O OP2    . DG  B 2 5  ? -7.884  -1.951  -4.066  1.00 0.00 ? 14 DG  B OP2    1 
ATOM   414  O "O5'"  . DG  B 2 5  ? -5.957  -0.913  -5.303  1.00 0.00 ? 14 DG  B "O5'"  1 
ATOM   415  C "C5'"  . DG  B 2 5  ? -5.370  0.022   -6.188  1.00 0.00 ? 14 DG  B "C5'"  1 
ATOM   416  C "C4'"  . DG  B 2 5  ? -3.920  -0.320  -6.549  1.00 0.00 ? 14 DG  B "C4'"  1 
ATOM   417  O "O4'"  . DG  B 2 5  ? -3.118  -0.046  -5.409  1.00 0.00 ? 14 DG  B "O4'"  1 
ATOM   418  C "C3'"  . DG  B 2 5  ? -3.787  -1.815  -6.862  1.00 0.00 ? 14 DG  B "C3'"  1 
ATOM   419  O "O3'"  . DG  B 2 5  ? -2.694  -2.092  -7.716  1.00 0.00 ? 14 DG  B "O3'"  1 
ATOM   420  C "C2'"  . DG  B 2 5  ? -3.423  -2.395  -5.497  1.00 0.00 ? 14 DG  B "C2'"  1 
ATOM   421  C "C1'"  . DG  B 2 5  ? -2.608  -1.253  -4.869  1.00 0.00 ? 14 DG  B "C1'"  1 
ATOM   422  N N9     . DG  B 2 5  ? -2.648  -1.196  -3.384  1.00 0.00 ? 14 DG  B N9     1 
ATOM   423  C C8     . DG  B 2 5  ? -3.704  -1.447  -2.542  1.00 0.00 ? 14 DG  B C8     1 
ATOM   424  N N7     . DG  B 2 5  ? -3.463  -1.205  -1.286  1.00 0.00 ? 14 DG  B N7     1 
ATOM   425  C C5     . DG  B 2 5  ? -2.145  -0.770  -1.278  1.00 0.00 ? 14 DG  B C5     1 
ATOM   426  C C6     . DG  B 2 5  ? -1.322  -0.370  -0.181  1.00 0.00 ? 14 DG  B C6     1 
ATOM   427  O O6     . DG  B 2 5  ? -1.631  -0.300  1.005   1.00 0.00 ? 14 DG  B O6     1 
ATOM   428  N N1     . DG  B 2 5  ? -0.030  -0.031  -0.575  1.00 0.00 ? 14 DG  B N1     1 
ATOM   429  C C2     . DG  B 2 5  ? 0.417   -0.073  -1.882  1.00 0.00 ? 14 DG  B C2     1 
ATOM   430  N N2     . DG  B 2 5  ? 1.689   0.286   -2.094  1.00 0.00 ? 14 DG  B N2     1 
ATOM   431  N N3     . DG  B 2 5  ? -0.357  -0.445  -2.918  1.00 0.00 ? 14 DG  B N3     1 
ATOM   432  C C4     . DG  B 2 5  ? -1.627  -0.780  -2.553  1.00 0.00 ? 14 DG  B C4     1 
ATOM   433  H "H5'"  . DG  B 2 5  ? -5.424  1.029   -5.775  1.00 0.00 ? 14 DG  B "H5'"  1 
ATOM   434  H "H5''" . DG  B 2 5  ? -5.926  0.015   -7.127  1.00 0.00 ? 14 DG  B "H5''" 1 
ATOM   435  H "H4'"  . DG  B 2 5  ? -3.606  0.309   -7.383  1.00 0.00 ? 14 DG  B "H4'"  1 
ATOM   436  H "H3'"  . DG  B 2 5  ? -4.729  -2.226  -7.209  1.00 0.00 ? 14 DG  B "H3'"  1 
ATOM   437  H "H2'"  . DG  B 2 5  ? -4.335  -2.590  -4.954  1.00 0.00 ? 14 DG  B "H2'"  1 
ATOM   438  H "H2''" . DG  B 2 5  ? -2.890  -3.345  -5.565  1.00 0.00 ? 14 DG  B "H2''" 1 
ATOM   439  H "H1'"  . DG  B 2 5  ? -1.574  -1.334  -5.192  1.00 0.00 ? 14 DG  B "H1'"  1 
ATOM   440  H H8     . DG  B 2 5  ? -4.654  -1.828  -2.881  1.00 0.00 ? 14 DG  B H8     1 
ATOM   441  H H1     . DG  B 2 5  ? 0.613   0.266   0.150   1.00 0.00 ? 14 DG  B H1     1 
ATOM   442  H H21    . DG  B 2 5  ? 2.278   0.573   -1.322  1.00 0.00 ? 14 DG  B H21    1 
ATOM   443  H H22    . DG  B 2 5  ? 2.058   0.280   -3.034  1.00 0.00 ? 14 DG  B H22    1 
HETATM 444  P P      . 2DF B 2 6  ? -2.778  -1.835  -9.315  1.00 0.00 ? 15 2DF B P      1 
HETATM 445  O O1P    . 2DF B 2 6  ? -1.482  -1.255  -9.728  1.00 0.00 ? 15 2DF B O1P    1 
HETATM 446  O O2P    . 2DF B 2 6  ? -4.026  -1.094  -9.606  1.00 0.00 ? 15 2DF B O2P    1 
HETATM 447  O "O5'"  . 2DF B 2 6  ? -2.884  -3.302  -10.011 1.00 0.00 ? 15 2DF B "O5'"  1 
HETATM 448  C "C5'"  . 2DF B 2 6  ? -4.117  -3.917  -10.370 1.00 0.00 ? 15 2DF B "C5'"  1 
HETATM 449  C "C4'"  . 2DF B 2 6  ? -4.803  -4.603  -9.185  1.00 0.00 ? 15 2DF B "C4'"  1 
HETATM 450  O "O4'"  . 2DF B 2 6  ? -6.045  -5.198  -9.550  1.00 0.00 ? 15 2DF B "O4'"  1 
HETATM 451  C "C1'"  . 2DF B 2 6  ? -6.210  -6.437  -8.866  1.00 0.00 ? 15 2DF B "C1'"  1 
HETATM 452  N N1     . 2DF B 2 6  ? -5.991  -7.490  -9.849  1.00 0.00 ? 15 2DF B N1     1 
HETATM 453  C C2     . 2DF B 2 6  ? -6.905  -8.392  -10.222 1.00 0.00 ? 15 2DF B C2     1 
HETATM 454  O O2     . 2DF B 2 6  ? -6.661  -9.263  -11.053 1.00 0.00 ? 15 2DF B O2     1 
HETATM 455  C "C3'"  . 2DF B 2 6  ? -3.975  -5.732  -8.586  1.00 0.00 ? 15 2DF B "C3'"  1 
HETATM 456  C "C2'"  . 2DF B 2 6  ? -5.057  -6.491  -7.824  1.00 0.00 ? 15 2DF B "C2'"  1 
HETATM 457  O "O3'"  . 2DF B 2 6  ? -2.926  -5.267  -7.760  1.00 0.00 ? 15 2DF B "O3'"  1 
HETATM 458  H "H5'1" . 2DF B 2 6  ? -3.900  -4.680  -11.117 1.00 0.00 ? 15 2DF B "H5'1" 1 
HETATM 459  H "H5'2" . 2DF B 2 6  ? -4.794  -3.191  -10.823 1.00 0.00 ? 15 2DF B "H5'2" 1 
HETATM 460  H "H4'"  . 2DF B 2 6  ? -4.992  -3.858  -8.421  1.00 0.00 ? 15 2DF B "H4'"  1 
HETATM 461  H "H1'"  . 2DF B 2 6  ? -7.256  -6.518  -8.502  1.00 0.00 ? 15 2DF B "H1'"  1 
HETATM 462  H H1     . 2DF B 2 6  ? -5.076  -7.541  -10.271 1.00 0.00 ? 15 2DF B H1     1 
HETATM 463  H H2     . 2DF B 2 6  ? -7.884  -8.342  -9.769  1.00 0.00 ? 15 2DF B H2     1 
HETATM 464  H "H3'"  . 2DF B 2 6  ? -3.579  -6.346  -9.396  1.00 0.00 ? 15 2DF B "H3'"  1 
HETATM 465  H "H2'1" . 2DF B 2 6  ? -4.697  -7.498  -7.577  1.00 0.00 ? 15 2DF B "H2'1" 1 
HETATM 466  H "H2'2" . 2DF B 2 6  ? -5.250  -5.933  -6.899  1.00 0.00 ? 15 2DF B "H2'2" 1 
ATOM   467  P P      . DT  B 2 7  ? -1.872  -6.299  -7.112  1.00 0.00 ? 16 DT  B P      1 
ATOM   468  O OP1    . DT  B 2 7  ? -1.646  -7.395  -8.080  1.00 0.00 ? 16 DT  B OP1    1 
ATOM   469  O OP2    . DT  B 2 7  ? -2.347  -6.622  -5.748  1.00 0.00 ? 16 DT  B OP2    1 
ATOM   470  O "O5'"  . DT  B 2 7  ? -0.482  -5.495  -6.964  1.00 0.00 ? 16 DT  B "O5'"  1 
ATOM   471  C "C5'"  . DT  B 2 7  ? -0.334  -4.112  -7.232  1.00 0.00 ? 16 DT  B "C5'"  1 
ATOM   472  C "C4'"  . DT  B 2 7  ? 1.115   -3.611  -7.057  1.00 0.00 ? 16 DT  B "C4'"  1 
ATOM   473  O "O4'"  . DT  B 2 7  ? 1.223   -2.947  -5.797  1.00 0.00 ? 16 DT  B "O4'"  1 
ATOM   474  C "C3'"  . DT  B 2 7  ? 2.152   -4.732  -6.979  1.00 0.00 ? 16 DT  B "C3'"  1 
ATOM   475  O "O3'"  . DT  B 2 7  ? 3.427   -4.172  -7.258  1.00 0.00 ? 16 DT  B "O3'"  1 
ATOM   476  C "C2'"  . DT  B 2 7  ? 2.048   -5.145  -5.513  1.00 0.00 ? 16 DT  B "C2'"  1 
ATOM   477  C "C1'"  . DT  B 2 7  ? 1.862   -3.782  -4.832  1.00 0.00 ? 16 DT  B "C1'"  1 
ATOM   478  N N1     . DT  B 2 7  ? 1.061   -3.837  -3.570  1.00 0.00 ? 16 DT  B N1     1 
ATOM   479  C C2     . DT  B 2 7  ? 1.650   -3.425  -2.368  1.00 0.00 ? 16 DT  B C2     1 
ATOM   480  O O2     . DT  B 2 7  ? 2.827   -3.089  -2.270  1.00 0.00 ? 16 DT  B O2     1 
ATOM   481  N N3     . DT  B 2 7  ? 0.830   -3.415  -1.247  1.00 0.00 ? 16 DT  B N3     1 
ATOM   482  C C4     . DT  B 2 7  ? -0.512  -3.764  -1.218  1.00 0.00 ? 16 DT  B C4     1 
ATOM   483  O O4     . DT  B 2 7  ? -1.137  -3.717  -0.163  1.00 0.00 ? 16 DT  B O4     1 
ATOM   484  C C5     . DT  B 2 7  ? -1.056  -4.164  -2.503  1.00 0.00 ? 16 DT  B C5     1 
ATOM   485  C C7     . DT  B 2 7  ? -2.519  -4.550  -2.618  1.00 0.00 ? 16 DT  B C7     1 
ATOM   486  C C6     . DT  B 2 7  ? -0.269  -4.193  -3.607  1.00 0.00 ? 16 DT  B C6     1 
ATOM   487  H "H5'"  . DT  B 2 7  ? -0.986  -3.524  -6.595  1.00 0.00 ? 16 DT  B "H5'"  1 
ATOM   488  H "H5''" . DT  B 2 7  ? -0.613  -3.945  -8.273  1.00 0.00 ? 16 DT  B "H5''" 1 
ATOM   489  H "H4'"  . DT  B 2 7  ? 1.337   -2.914  -7.869  1.00 0.00 ? 16 DT  B "H4'"  1 
ATOM   490  H "H3'"  . DT  B 2 7  ? 1.922   -5.544  -7.670  1.00 0.00 ? 16 DT  B "H3'"  1 
ATOM   491  H "H2'"  . DT  B 2 7  ? 1.189   -5.795  -5.349  1.00 0.00 ? 16 DT  B "H2'"  1 
ATOM   492  H "H2''" . DT  B 2 7  ? 2.947   -5.673  -5.212  1.00 0.00 ? 16 DT  B "H2''" 1 
ATOM   493  H "H1'"  . DT  B 2 7  ? 2.855   -3.372  -4.633  1.00 0.00 ? 16 DT  B "H1'"  1 
ATOM   494  H H3     . DT  B 2 7  ? 1.243   -3.125  -0.368  1.00 0.00 ? 16 DT  B H3     1 
ATOM   495  H H71    . DT  B 2 7  ? -2.589  -5.623  -2.801  1.00 0.00 ? 16 DT  B H71    1 
ATOM   496  H H72    . DT  B 2 7  ? -3.061  -4.314  -1.702  1.00 0.00 ? 16 DT  B H72    1 
ATOM   497  H H73    . DT  B 2 7  ? -2.990  -4.028  -3.444  1.00 0.00 ? 16 DT  B H73    1 
ATOM   498  H H6     . DT  B 2 7  ? -0.701  -4.508  -4.544  1.00 0.00 ? 16 DT  B H6     1 
ATOM   499  P P      . DC  B 2 8  ? 4.768   -5.069  -7.356  1.00 0.00 ? 17 DC  B P      1 
ATOM   500  O OP1    . DC  B 2 8  ? 5.681   -4.423  -8.326  1.00 0.00 ? 17 DC  B OP1    1 
ATOM   501  O OP2    . DC  B 2 8  ? 4.379   -6.484  -7.549  1.00 0.00 ? 17 DC  B OP2    1 
ATOM   502  O "O5'"  . DC  B 2 8  ? 5.412   -4.928  -5.882  1.00 0.00 ? 17 DC  B "O5'"  1 
ATOM   503  C "C5'"  . DC  B 2 8  ? 6.015   -3.716  -5.467  1.00 0.00 ? 17 DC  B "C5'"  1 
ATOM   504  C "C4'"  . DC  B 2 8  ? 6.714   -3.853  -4.110  1.00 0.00 ? 17 DC  B "C4'"  1 
ATOM   505  O "O4'"  . DC  B 2 8  ? 5.715   -3.990  -3.111  1.00 0.00 ? 17 DC  B "O4'"  1 
ATOM   506  C "C3'"  . DC  B 2 8  ? 7.629   -5.084  -4.034  1.00 0.00 ? 17 DC  B "C3'"  1 
ATOM   507  O "O3'"  . DC  B 2 8  ? 8.816   -4.712  -3.364  1.00 0.00 ? 17 DC  B "O3'"  1 
ATOM   508  C "C2'"  . DC  B 2 8  ? 6.807   -6.050  -3.178  1.00 0.00 ? 17 DC  B "C2'"  1 
ATOM   509  C "C1'"  . DC  B 2 8  ? 6.031   -5.083  -2.272  1.00 0.00 ? 17 DC  B "C1'"  1 
ATOM   510  N N1     . DC  B 2 8  ? 4.763   -5.659  -1.732  1.00 0.00 ? 17 DC  B N1     1 
ATOM   511  C C2     . DC  B 2 8  ? 4.436   -5.496  -0.381  1.00 0.00 ? 17 DC  B C2     1 
ATOM   512  O O2     . DC  B 2 8  ? 5.234   -5.009  0.418   1.00 0.00 ? 17 DC  B O2     1 
ATOM   513  N N3     . DC  B 2 8  ? 3.201   -5.902  0.049   1.00 0.00 ? 17 DC  B N3     1 
ATOM   514  C C4     . DC  B 2 8  ? 2.319   -6.455  -0.799  1.00 0.00 ? 17 DC  B C4     1 
ATOM   515  N N4     . DC  B 2 8  ? 1.114   -6.820  -0.353  1.00 0.00 ? 17 DC  B N4     1 
ATOM   516  C C5     . DC  B 2 8  ? 2.637   -6.646  -2.182  1.00 0.00 ? 17 DC  B C5     1 
ATOM   517  C C6     . DC  B 2 8  ? 3.855   -6.227  -2.591  1.00 0.00 ? 17 DC  B C6     1 
ATOM   518  H "H5'"  . DC  B 2 8  ? 5.266   -2.925  -5.414  1.00 0.00 ? 17 DC  B "H5'"  1 
ATOM   519  H "H5''" . DC  B 2 8  ? 6.775   -3.426  -6.193  1.00 0.00 ? 17 DC  B "H5''" 1 
ATOM   520  H "H4'"  . DC  B 2 8  ? 7.284   -2.942  -3.919  1.00 0.00 ? 17 DC  B "H4'"  1 
ATOM   521  H "H3'"  . DC  B 2 8  ? 7.857   -5.494  -5.021  1.00 0.00 ? 17 DC  B "H3'"  1 
ATOM   522  H "H2'"  . DC  B 2 8  ? 6.169   -6.621  -3.854  1.00 0.00 ? 17 DC  B "H2'"  1 
ATOM   523  H "H2''" . DC  B 2 8  ? 7.406   -6.750  -2.599  1.00 0.00 ? 17 DC  B "H2''" 1 
ATOM   524  H "H1'"  . DC  B 2 8  ? 6.702   -4.720  -1.486  1.00 0.00 ? 17 DC  B "H1'"  1 
ATOM   525  H H41    . DC  B 2 8  ? 0.869   -6.677  0.615   1.00 0.00 ? 17 DC  B H41    1 
ATOM   526  H H42    . DC  B 2 8  ? 0.441   -7.224  -0.988  1.00 0.00 ? 17 DC  B H42    1 
ATOM   527  H H5     . DC  B 2 8  ? 1.960   -7.091  -2.896  1.00 0.00 ? 17 DC  B H5     1 
ATOM   528  H H6     . DC  B 2 8  ? 4.102   -6.319  -3.632  1.00 0.00 ? 17 DC  B H6     1 
ATOM   529  P P      . DC  B 2 9  ? 10.036  -5.739  -3.120  1.00 0.00 ? 18 DC  B P      1 
ATOM   530  O OP1    . DC  B 2 9  ? 11.307  -5.036  -3.406  1.00 0.00 ? 18 DC  B OP1    1 
ATOM   531  O OP2    . DC  B 2 9  ? 9.738   -7.027  -3.785  1.00 0.00 ? 18 DC  B OP2    1 
ATOM   532  O "O5'"  . DC  B 2 9  ? 9.910   -5.945  -1.532  1.00 0.00 ? 18 DC  B "O5'"  1 
ATOM   533  C "C5'"  . DC  B 2 9  ? 10.082  -4.851  -0.654  1.00 0.00 ? 18 DC  B "C5'"  1 
ATOM   534  C "C4'"  . DC  B 2 9  ? 9.950   -5.259  0.813   1.00 0.00 ? 18 DC  B "C4'"  1 
ATOM   535  O "O4'"  . DC  B 2 9  ? 8.606   -5.672  1.029   1.00 0.00 ? 18 DC  B "O4'"  1 
ATOM   536  C "C3'"  . DC  B 2 9  ? 10.862  -6.441  1.171   1.00 0.00 ? 18 DC  B "C3'"  1 
ATOM   537  O "O3'"  . DC  B 2 9  ? 11.269  -6.286  2.518   1.00 0.00 ? 18 DC  B "O3'"  1 
ATOM   538  C "C2'"  . DC  B 2 9  ? 9.896   -7.618  1.045   1.00 0.00 ? 18 DC  B "C2'"  1 
ATOM   539  C "C1'"  . DC  B 2 9  ? 8.608   -6.974  1.579   1.00 0.00 ? 18 DC  B "C1'"  1 
ATOM   540  N N1     . DC  B 2 9  ? 7.327   -7.679  1.268   1.00 0.00 ? 18 DC  B N1     1 
ATOM   541  C C2     . DC  B 2 9  ? 6.302   -7.656  2.225   1.00 0.00 ? 18 DC  B C2     1 
ATOM   542  O O2     . DC  B 2 9  ? 6.476   -7.201  3.354   1.00 0.00 ? 18 DC  B O2     1 
ATOM   543  N N3     . DC  B 2 9  ? 5.084   -8.166  1.893   1.00 0.00 ? 18 DC  B N3     1 
ATOM   544  C C4     . DC  B 2 9  ? 4.869   -8.730  0.696   1.00 0.00 ? 18 DC  B C4     1 
ATOM   545  N N4     . DC  B 2 9  ? 3.632   -9.156  0.437   1.00 0.00 ? 18 DC  B N4     1 
ATOM   546  C C5     . DC  B 2 9  ? 5.924   -8.848  -0.269  1.00 0.00 ? 18 DC  B C5     1 
ATOM   547  C C6     . DC  B 2 9  ? 7.115   -8.288  0.051   1.00 0.00 ? 18 DC  B C6     1 
ATOM   548  H "H5'"  . DC  B 2 9  ? 9.341   -4.079  -0.867  1.00 0.00 ? 18 DC  B "H5'"  1 
ATOM   549  H "H5''" . DC  B 2 9  ? 11.077  -4.428  -0.800  1.00 0.00 ? 18 DC  B "H5''" 1 
ATOM   550  H "H4'"  . DC  B 2 9  ? 10.176  -4.395  1.439   1.00 0.00 ? 18 DC  B "H4'"  1 
ATOM   551  H "H3'"  . DC  B 2 9  ? 11.723  -6.519  0.502   1.00 0.00 ? 18 DC  B "H3'"  1 
ATOM   552  H "H2'"  . DC  B 2 9  ? 9.843   -7.904  -0.007  1.00 0.00 ? 18 DC  B "H2'"  1 
ATOM   553  H "H2''" . DC  B 2 9  ? 10.202  -8.478  1.637   1.00 0.00 ? 18 DC  B "H2''" 1 
ATOM   554  H "H1'"  . DC  B 2 9  ? 8.725   -6.873  2.659   1.00 0.00 ? 18 DC  B "H1'"  1 
ATOM   555  H H41    . DC  B 2 9  ? 2.901   -8.908  1.082   1.00 0.00 ? 18 DC  B H41    1 
ATOM   556  H H42    . DC  B 2 9  ? 3.369   -9.699  -0.367  1.00 0.00 ? 18 DC  B H42    1 
ATOM   557  H H5     . DC  B 2 9  ? 5.821   -9.354  -1.217  1.00 0.00 ? 18 DC  B H5     1 
ATOM   558  H H6     . DC  B 2 9  ? 7.906   -8.340  -0.679  1.00 0.00 ? 18 DC  B H6     1 
ATOM   559  P P      . DT  B 2 10 ? 12.351  -7.257  3.224   1.00 0.00 ? 19 DT  B P      1 
ATOM   560  O OP1    . DT  B 2 10 ? 13.373  -6.408  3.874   1.00 0.00 ? 19 DT  B OP1    1 
ATOM   561  O OP2    . DT  B 2 10 ? 12.766  -8.304  2.264   1.00 0.00 ? 19 DT  B OP2    1 
ATOM   562  O "O5'"  . DT  B 2 10 ? 11.480  -7.960  4.382   1.00 0.00 ? 19 DT  B "O5'"  1 
ATOM   563  C "C5'"  . DT  B 2 10 ? 10.600  -7.212  5.202   1.00 0.00 ? 19 DT  B "C5'"  1 
ATOM   564  C "C4'"  . DT  B 2 10 ? 9.944   -8.051  6.310   1.00 0.00 ? 19 DT  B "C4'"  1 
ATOM   565  O "O4'"  . DT  B 2 10 ? 8.679   -8.458  5.796   1.00 0.00 ? 19 DT  B "O4'"  1 
ATOM   566  C "C3'"  . DT  B 2 10 ? 10.689  -9.347  6.668   1.00 0.00 ? 19 DT  B "C3'"  1 
ATOM   567  O "O3'"  . DT  B 2 10 ? 10.409  -9.706  8.004   1.00 0.00 ? 19 DT  B "O3'"  1 
ATOM   568  C "C2'"  . DT  B 2 10 ? 10.069  -10.373 5.738   1.00 0.00 ? 19 DT  B "C2'"  1 
ATOM   569  C "C1'"  . DT  B 2 10 ? 8.618   -9.870  5.687   1.00 0.00 ? 19 DT  B "C1'"  1 
ATOM   570  N N1     . DT  B 2 10 ? 7.863   -10.287 4.469   1.00 0.00 ? 19 DT  B N1     1 
ATOM   571  C C2     . DT  B 2 10 ? 6.509   -10.585 4.616   1.00 0.00 ? 19 DT  B C2     1 
ATOM   572  O O2     . DT  B 2 10 ? 5.897   -10.452 5.673   1.00 0.00 ? 19 DT  B O2     1 
ATOM   573  N N3     . DT  B 2 10 ? 5.861   -11.073 3.493   1.00 0.00 ? 19 DT  B N3     1 
ATOM   574  C C4     . DT  B 2 10 ? 6.431   -11.290 2.245   1.00 0.00 ? 19 DT  B C4     1 
ATOM   575  O O4     . DT  B 2 10 ? 5.760   -11.781 1.338   1.00 0.00 ? 19 DT  B O4     1 
ATOM   576  C C5     . DT  B 2 10 ? 7.826   -10.893 2.152   1.00 0.00 ? 19 DT  B C5     1 
ATOM   577  C C7     . DT  B 2 10 ? 8.568   -11.070 0.838   1.00 0.00 ? 19 DT  B C7     1 
ATOM   578  C C6     . DT  B 2 10 ? 8.480   -10.412 3.244   1.00 0.00 ? 19 DT  B C6     1 
ATOM   579  H "H5'"  . DT  B 2 10 ? 9.831   -6.710  4.616   1.00 0.00 ? 19 DT  B "H5'"  1 
ATOM   580  H "H5''" . DT  B 2 10 ? 11.197  -6.444  5.696   1.00 0.00 ? 19 DT  B "H5''" 1 
ATOM   581  H "H4'"  . DT  B 2 10 ? 9.802   -7.417  7.188   1.00 0.00 ? 19 DT  B "H4'"  1 
ATOM   582  H "H3'"  . DT  B 2 10 ? 11.767  -9.273  6.497   1.00 0.00 ? 19 DT  B "H3'"  1 
ATOM   583  H "HO3'" . DT  B 2 10 ? 10.834  -10.548 8.190   1.00 0.00 ? 19 DT  B "HO3'" 1 
ATOM   584  H "H2'"  . DT  B 2 10 ? 10.637  -10.311 4.811   1.00 0.00 ? 19 DT  B "H2'"  1 
ATOM   585  H "H2''" . DT  B 2 10 ? 10.129  -11.393 6.111   1.00 0.00 ? 19 DT  B "H2''" 1 
ATOM   586  H "H1'"  . DT  B 2 10 ? 8.099   -10.244 6.581   1.00 0.00 ? 19 DT  B "H1'"  1 
ATOM   587  H H3     . DT  B 2 10 ? 4.892   -11.325 3.627   1.00 0.00 ? 19 DT  B H3     1 
ATOM   588  H H71    . DT  B 2 10 ? 9.307   -11.865 0.953   1.00 0.00 ? 19 DT  B H71    1 
ATOM   589  H H72    . DT  B 2 10 ? 7.886   -11.344 0.034   1.00 0.00 ? 19 DT  B H72    1 
ATOM   590  H H73    . DT  B 2 10 ? 9.088   -10.158 0.560   1.00 0.00 ? 19 DT  B H73    1 
ATOM   591  H H6     . DT  B 2 10 ? 9.517   -10.127 3.158   1.00 0.00 ? 19 DT  B H6     1 
ATOM   592  O "O5'"  . DA  A 1 1  ? -3.186  -16.432 3.465   1.00 0.00 ? 1  DA  A "O5'"  2 
ATOM   593  C "C5'"  . DA  A 1 1  ? -3.275  -17.072 4.719   1.00 0.00 ? 1  DA  A "C5'"  2 
ATOM   594  C "C4'"  . DA  A 1 1  ? -2.794  -16.188 5.877   1.00 0.00 ? 1  DA  A "C4'"  2 
ATOM   595  O "O4'"  . DA  A 1 1  ? -1.398  -15.930 5.722   1.00 0.00 ? 1  DA  A "O4'"  2 
ATOM   596  C "C3'"  . DA  A 1 1  ? -3.510  -14.831 5.950   1.00 0.00 ? 1  DA  A "C3'"  2 
ATOM   597  O "O3'"  . DA  A 1 1  ? -3.621  -14.457 7.313   1.00 0.00 ? 1  DA  A "O3'"  2 
ATOM   598  C "C2'"  . DA  A 1 1  ? -2.527  -13.922 5.211   1.00 0.00 ? 1  DA  A "C2'"  2 
ATOM   599  C "C1'"  . DA  A 1 1  ? -1.169  -14.535 5.583   1.00 0.00 ? 1  DA  A "C1'"  2 
ATOM   600  N N9     . DA  A 1 1  ? -0.163  -14.247 4.540   1.00 0.00 ? 1  DA  A N9     2 
ATOM   601  C C8     . DA  A 1 1  ? -0.151  -14.646 3.231   1.00 0.00 ? 1  DA  A C8     2 
ATOM   602  N N7     . DA  A 1 1  ? 0.788   -14.100 2.508   1.00 0.00 ? 1  DA  A N7     2 
ATOM   603  C C5     . DA  A 1 1  ? 1.474   -13.303 3.418   1.00 0.00 ? 1  DA  A C5     2 
ATOM   604  C C6     . DA  A 1 1  ? 2.568   -12.422 3.299   1.00 0.00 ? 1  DA  A C6     2 
ATOM   605  N N6     . DA  A 1 1  ? 3.160   -12.127 2.138   1.00 0.00 ? 1  DA  A N6     2 
ATOM   606  N N1     . DA  A 1 1  ? 3.043   -11.833 4.414   1.00 0.00 ? 1  DA  A N1     2 
ATOM   607  C C2     . DA  A 1 1  ? 2.445   -12.074 5.578   1.00 0.00 ? 1  DA  A C2     2 
ATOM   608  N N3     . DA  A 1 1  ? 1.377   -12.829 5.812   1.00 0.00 ? 1  DA  A N3     2 
ATOM   609  C C4     . DA  A 1 1  ? 0.930   -13.424 4.673   1.00 0.00 ? 1  DA  A C4     2 
ATOM   610  H "H5'"  . DA  A 1 1  ? -2.674  -17.981 4.692   1.00 0.00 ? 1  DA  A "H5'"  2 
ATOM   611  H "H5''" . DA  A 1 1  ? -4.316  -17.349 4.892   1.00 0.00 ? 1  DA  A "H5''" 2 
ATOM   612  H "H4'"  . DA  A 1 1  ? -2.978  -16.763 6.791   1.00 0.00 ? 1  DA  A "H4'"  2 
ATOM   613  H "H3'"  . DA  A 1 1  ? -4.502  -14.868 5.480   1.00 0.00 ? 1  DA  A "H3'"  2 
ATOM   614  H "H2'"  . DA  A 1 1  ? -2.703  -14.033 4.139   1.00 0.00 ? 1  DA  A "H2'"  2 
ATOM   615  H "H2''" . DA  A 1 1  ? -2.614  -12.864 5.481   1.00 0.00 ? 1  DA  A "H2''" 2 
ATOM   616  H "H1'"  . DA  A 1 1  ? -0.767  -14.137 6.519   1.00 0.00 ? 1  DA  A "H1'"  2 
ATOM   617  H H8     . DA  A 1 1  ? -0.877  -15.339 2.844   1.00 0.00 ? 1  DA  A H8     2 
ATOM   618  H H61    . DA  A 1 1  ? 3.863   -11.403 2.111   1.00 0.00 ? 1  DA  A H61    2 
ATOM   619  H H62    . DA  A 1 1  ? 2.998   -12.650 1.295   1.00 0.00 ? 1  DA  A H62    2 
ATOM   620  H H2     . DA  A 1 1  ? 2.861   -11.579 6.441   1.00 0.00 ? 1  DA  A H2     2 
ATOM   621  H "HO5'" . DA  A 1 1  ? -3.767  -15.668 3.470   1.00 0.00 ? 1  DA  A "HO5'" 2 
ATOM   622  P P      . DG  A 1 2  ? -4.329  -13.080 7.781   1.00 0.00 ? 2  DG  A P      2 
ATOM   623  O OP1    . DG  A 1 2  ? -4.988  -13.324 9.084   1.00 0.00 ? 2  DG  A OP1    2 
ATOM   624  O OP2    . DG  A 1 2  ? -5.118  -12.544 6.650   1.00 0.00 ? 2  DG  A OP2    2 
ATOM   625  O "O5'"  . DG  A 1 2  ? -3.068  -12.102 8.026   1.00 0.00 ? 2  DG  A "O5'"  2 
ATOM   626  C "C5'"  . DG  A 1 2  ? -2.134  -12.373 9.054   1.00 0.00 ? 2  DG  A "C5'"  2 
ATOM   627  C "C4'"  . DG  A 1 2  ? -1.117  -11.243 9.232   1.00 0.00 ? 2  DG  A "C4'"  2 
ATOM   628  O "O4'"  . DG  A 1 2  ? -0.299  -11.142 8.072   1.00 0.00 ? 2  DG  A "O4'"  2 
ATOM   629  C "C3'"  . DG  A 1 2  ? -1.790  -9.879  9.446   1.00 0.00 ? 2  DG  A "C3'"  2 
ATOM   630  O "O3'"  . DG  A 1 2  ? -1.064  -9.185  10.443  1.00 0.00 ? 2  DG  A "O3'"  2 
ATOM   631  C "C2'"  . DG  A 1 2  ? -1.640  -9.226  8.073   1.00 0.00 ? 2  DG  A "C2'"  2 
ATOM   632  C "C1'"  . DG  A 1 2  ? -0.315  -9.808  7.589   1.00 0.00 ? 2  DG  A "C1'"  2 
ATOM   633  N N9     . DG  A 1 2  ? -0.215  -9.792  6.110   1.00 0.00 ? 2  DG  A N9     2 
ATOM   634  C C8     . DG  A 1 2  ? -1.125  -10.266 5.199   1.00 0.00 ? 2  DG  A C8     2 
ATOM   635  N N7     . DG  A 1 2  ? -0.737  -10.185 3.959   1.00 0.00 ? 2  DG  A N7     2 
ATOM   636  C C5     . DG  A 1 2  ? 0.525   -9.610  4.042   1.00 0.00 ? 2  DG  A C5     2 
ATOM   637  C C6     . DG  A 1 2  ? 1.460   -9.304  3.006   1.00 0.00 ? 2  DG  A C6     2 
ATOM   638  O O6     . DG  A 1 2  ? 1.331   -9.479  1.794   1.00 0.00 ? 2  DG  A O6     2 
ATOM   639  N N1     . DG  A 1 2  ? 2.648   -8.770  3.506   1.00 0.00 ? 2  DG  A N1     2 
ATOM   640  C C2     . DG  A 1 2  ? 2.913   -8.572  4.847   1.00 0.00 ? 2  DG  A C2     2 
ATOM   641  N N2     . DG  A 1 2  ? 4.117   -8.073  5.149   1.00 0.00 ? 2  DG  A N2     2 
ATOM   642  N N3     . DG  A 1 2  ? 2.030   -8.849  5.822   1.00 0.00 ? 2  DG  A N3     2 
ATOM   643  C C4     . DG  A 1 2  ? 0.857   -9.364  5.357   1.00 0.00 ? 2  DG  A C4     2 
ATOM   644  H "H5'"  . DG  A 1 2  ? -1.604  -13.300 8.835   1.00 0.00 ? 2  DG  A "H5'"  2 
ATOM   645  H "H5''" . DG  A 1 2  ? -2.664  -12.491 10.000  1.00 0.00 ? 2  DG  A "H5''" 2 
ATOM   646  H "H4'"  . DG  A 1 2  ? -0.508  -11.509 10.101  1.00 0.00 ? 2  DG  A "H4'"  2 
ATOM   647  H "H3'"  . DG  A 1 2  ? -2.835  -9.975  9.741   1.00 0.00 ? 2  DG  A "H3'"  2 
ATOM   648  H "H2'"  . DG  A 1 2  ? -2.460  -9.548  7.434   1.00 0.00 ? 2  DG  A "H2'"  2 
ATOM   649  H "H2''" . DG  A 1 2  ? -1.619  -8.140  8.102   1.00 0.00 ? 2  DG  A "H2''" 2 
ATOM   650  H "H1'"  . DG  A 1 2  ? 0.505   -9.239  8.032   1.00 0.00 ? 2  DG  A "H1'"  2 
ATOM   651  H H8     . DG  A 1 2  ? -2.082  -10.675 5.490   1.00 0.00 ? 2  DG  A H8     2 
ATOM   652  H H1     . DG  A 1 2  ? 3.375   -8.527  2.849   1.00 0.00 ? 2  DG  A H1     2 
ATOM   653  H H21    . DG  A 1 2  ? 4.781   -7.847  4.418   1.00 0.00 ? 2  DG  A H21    2 
ATOM   654  H H22    . DG  A 1 2  ? 4.359   -7.907  6.116   1.00 0.00 ? 2  DG  A H22    2 
ATOM   655  P P      . DG  A 1 3  ? -1.485  -7.718  10.972  1.00 0.00 ? 3  DG  A P      2 
ATOM   656  O OP1    . DG  A 1 3  ? -1.418  -7.719  12.451  1.00 0.00 ? 3  DG  A OP1    2 
ATOM   657  O OP2    . DG  A 1 3  ? -2.725  -7.285  10.289  1.00 0.00 ? 3  DG  A OP2    2 
ATOM   658  O "O5'"  . DG  A 1 3  ? -0.258  -6.844  10.407  1.00 0.00 ? 3  DG  A "O5'"  2 
ATOM   659  C "C5'"  . DG  A 1 3  ? 1.051   -7.067  10.892  1.00 0.00 ? 3  DG  A "C5'"  2 
ATOM   660  C "C4'"  . DG  A 1 3  ? 2.071   -6.163  10.202  1.00 0.00 ? 3  DG  A "C4'"  2 
ATOM   661  O "O4'"  . DG  A 1 3  ? 2.133   -6.483  8.816   1.00 0.00 ? 3  DG  A "O4'"  2 
ATOM   662  C "C3'"  . DG  A 1 3  ? 1.715   -4.677  10.328  1.00 0.00 ? 3  DG  A "C3'"  2 
ATOM   663  O "O3'"  . DG  A 1 3  ? 2.905   -3.984  10.655  1.00 0.00 ? 3  DG  A "O3'"  2 
ATOM   664  C "C2'"  . DG  A 1 3  ? 1.167   -4.351  8.938   1.00 0.00 ? 3  DG  A "C2'"  2 
ATOM   665  C "C1'"  . DG  A 1 3  ? 1.964   -5.303  8.047   1.00 0.00 ? 3  DG  A "C1'"  2 
ATOM   666  N N9     . DG  A 1 3  ? 1.230   -5.613  6.796   1.00 0.00 ? 3  DG  A N9     2 
ATOM   667  C C8     . DG  A 1 3  ? -0.063  -6.065  6.636   1.00 0.00 ? 3  DG  A C8     2 
ATOM   668  N N7     . DG  A 1 3  ? -0.418  -6.238  5.395   1.00 0.00 ? 3  DG  A N7     2 
ATOM   669  C C5     . DG  A 1 3  ? 0.717   -5.894  4.673   1.00 0.00 ? 3  DG  A C5     2 
ATOM   670  C C6     . DG  A 1 3  ? 0.934   -5.904  3.265   1.00 0.00 ? 3  DG  A C6     2 
ATOM   671  O O6     . DG  A 1 3  ? 0.122   -6.172  2.385   1.00 0.00 ? 3  DG  A O6     2 
ATOM   672  N N1     . DG  A 1 3  ? 2.243   -5.569  2.922   1.00 0.00 ? 3  DG  A N1     2 
ATOM   673  C C2     . DG  A 1 3  ? 3.222   -5.228  3.837   1.00 0.00 ? 3  DG  A C2     2 
ATOM   674  N N2     . DG  A 1 3  ? 4.430   -4.935  3.347   1.00 0.00 ? 3  DG  A N2     2 
ATOM   675  N N3     . DG  A 1 3  ? 3.006   -5.177  5.162   1.00 0.00 ? 3  DG  A N3     2 
ATOM   676  C C4     . DG  A 1 3  ? 1.739   -5.529  5.518   1.00 0.00 ? 3  DG  A C4     2 
ATOM   677  H "H5'"  . DG  A 1 3  ? 1.341   -8.105  10.721  1.00 0.00 ? 3  DG  A "H5'"  2 
ATOM   678  H "H5''" . DG  A 1 3  ? 1.082   -6.866  11.963  1.00 0.00 ? 3  DG  A "H5''" 2 
ATOM   679  H "H4'"  . DG  A 1 3  ? 3.033   -6.370  10.681  1.00 0.00 ? 3  DG  A "H4'"  2 
ATOM   680  H "H3'"  . DG  A 1 3  ? 0.966   -4.492  11.096  1.00 0.00 ? 3  DG  A "H3'"  2 
ATOM   681  H "H2'"  . DG  A 1 3  ? 0.106   -4.604  8.913   1.00 0.00 ? 3  DG  A "H2'"  2 
ATOM   682  H "H2''" . DG  A 1 3  ? 1.281   -3.305  8.656   1.00 0.00 ? 3  DG  A "H2''" 2 
ATOM   683  H "H1'"  . DG  A 1 3  ? 2.948   -4.868  7.828   1.00 0.00 ? 3  DG  A "H1'"  2 
ATOM   684  H H8     . DG  A 1 3  ? -0.755  -6.265  7.444   1.00 0.00 ? 3  DG  A H8     2 
ATOM   685  H H1     . DG  A 1 3  ? 2.484   -5.572  1.939   1.00 0.00 ? 3  DG  A H1     2 
ATOM   686  H H21    . DG  A 1 3  ? 4.601   -4.967  2.350   1.00 0.00 ? 3  DG  A H21    2 
ATOM   687  H H22    . DG  A 1 3  ? 5.179   -4.690  3.978   1.00 0.00 ? 3  DG  A H22    2 
ATOM   688  P P      . DA  A 1 4  ? 3.009   -2.376  10.708  1.00 0.00 ? 4  DA  A P      2 
ATOM   689  O OP1    . DA  A 1 4  ? 3.950   -2.007  11.790  1.00 0.00 ? 4  DA  A OP1    2 
ATOM   690  O OP2    . DA  A 1 4  ? 1.652   -1.788  10.678  1.00 0.00 ? 4  DA  A OP2    2 
ATOM   691  O "O5'"  . DA  A 1 4  ? 3.727   -2.108  9.292   1.00 0.00 ? 4  DA  A "O5'"  2 
ATOM   692  C "C5'"  . DA  A 1 4  ? 4.981   -2.702  9.016   1.00 0.00 ? 4  DA  A "C5'"  2 
ATOM   693  C "C4'"  . DA  A 1 4  ? 5.636   -2.160  7.746   1.00 0.00 ? 4  DA  A "C4'"  2 
ATOM   694  O "O4'"  . DA  A 1 4  ? 4.924   -2.637  6.610   1.00 0.00 ? 4  DA  A "O4'"  2 
ATOM   695  C "C3'"  . DA  A 1 4  ? 5.605   -0.629  7.705   1.00 0.00 ? 4  DA  A "C3'"  2 
ATOM   696  O "O3'"  . DA  A 1 4  ? 6.829   -0.191  7.154   1.00 0.00 ? 4  DA  A "O3'"  2 
ATOM   697  C "C2'"  . DA  A 1 4  ? 4.427   -0.345  6.777   1.00 0.00 ? 4  DA  A "C2'"  2 
ATOM   698  C "C1'"  . DA  A 1 4  ? 4.454   -1.545  5.836   1.00 0.00 ? 4  DA  A "C1'"  2 
ATOM   699  N N9     . DA  A 1 4  ? 3.103   -1.831  5.306   1.00 0.00 ? 4  DA  A N9     2 
ATOM   700  C C8     . DA  A 1 4  ? 1.941   -2.012  6.011   1.00 0.00 ? 4  DA  A C8     2 
ATOM   701  N N7     . DA  A 1 4  ? 0.900   -2.279  5.273   1.00 0.00 ? 4  DA  A N7     2 
ATOM   702  C C5     . DA  A 1 4  ? 1.410   -2.285  3.980   1.00 0.00 ? 4  DA  A C5     2 
ATOM   703  C C6     . DA  A 1 4  ? 0.824   -2.530  2.721   1.00 0.00 ? 4  DA  A C6     2 
ATOM   704  N N6     . DA  A 1 4  ? -0.474  -2.818  2.582   1.00 0.00 ? 4  DA  A N6     2 
ATOM   705  N N1     . DA  A 1 4  ? 1.610   -2.496  1.626   1.00 0.00 ? 4  DA  A N1     2 
ATOM   706  C C2     . DA  A 1 4  ? 2.902   -2.213  1.775   1.00 0.00 ? 4  DA  A C2     2 
ATOM   707  N N3     . DA  A 1 4  ? 3.568   -1.945  2.896   1.00 0.00 ? 4  DA  A N3     2 
ATOM   708  C C4     . DA  A 1 4  ? 2.754   -2.004  3.986   1.00 0.00 ? 4  DA  A C4     2 
ATOM   709  H "H5'"  . DA  A 1 4  ? 4.878   -3.784  8.930   1.00 0.00 ? 4  DA  A "H5'"  2 
ATOM   710  H "H5''" . DA  A 1 4  ? 5.662   -2.488  9.841   1.00 0.00 ? 4  DA  A "H5''" 2 
ATOM   711  H "H4'"  . DA  A 1 4  ? 6.665   -2.534  7.738   1.00 0.00 ? 4  DA  A "H4'"  2 
ATOM   712  H "H3'"  . DA  A 1 4  ? 5.430   -0.195  8.687   1.00 0.00 ? 4  DA  A "H3'"  2 
ATOM   713  H "H2'"  . DA  A 1 4  ? 3.519   -0.342  7.375   1.00 0.00 ? 4  DA  A "H2'"  2 
ATOM   714  H "H2''" . DA  A 1 4  ? 4.494   0.604   6.246   1.00 0.00 ? 4  DA  A "H2''" 2 
ATOM   715  H "H1'"  . DA  A 1 4  ? 5.146   -1.354  5.016   1.00 0.00 ? 4  DA  A "H1'"  2 
ATOM   716  H H8     . DA  A 1 4  ? 1.900   -1.934  7.087   1.00 0.00 ? 4  DA  A H8     2 
ATOM   717  H H61    . DA  A 1 4  ? -0.857  -2.989  1.663   1.00 0.00 ? 4  DA  A H61    2 
ATOM   718  H H62    . DA  A 1 4  ? -1.067  -2.861  3.399   1.00 0.00 ? 4  DA  A H62    2 
ATOM   719  H H2     . DA  A 1 4  ? 3.486   -2.206  0.870   1.00 0.00 ? 4  DA  A H2     2 
ATOM   720  P P      . DC  A 1 5  ? 7.186   1.366   6.943   1.00 0.00 ? 5  DC  A P      2 
ATOM   721  O OP1    . DC  A 1 5  ? 8.606   1.578   7.300   1.00 0.00 ? 5  DC  A OP1    2 
ATOM   722  O OP2    . DC  A 1 5  ? 6.133   2.203   7.561   1.00 0.00 ? 5  DC  A OP2    2 
ATOM   723  O "O5'"  . DC  A 1 5  ? 7.040   1.455   5.346   1.00 0.00 ? 5  DC  A "O5'"  2 
ATOM   724  C "C5'"  . DC  A 1 5  ? 7.863   0.665   4.511   1.00 0.00 ? 5  DC  A "C5'"  2 
ATOM   725  C "C4'"  . DC  A 1 5  ? 7.621   0.996   3.040   1.00 0.00 ? 5  DC  A "C4'"  2 
ATOM   726  O "O4'"  . DC  A 1 5  ? 6.315   0.574   2.664   1.00 0.00 ? 5  DC  A "O4'"  2 
ATOM   727  C "C3'"  . DC  A 1 5  ? 7.733   2.506   2.791   1.00 0.00 ? 5  DC  A "C3'"  2 
ATOM   728  O "O3'"  . DC  A 1 5  ? 8.518   2.686   1.630   1.00 0.00 ? 5  DC  A "O3'"  2 
ATOM   729  C "C2'"  . DC  A 1 5  ? 6.262   2.895   2.615   1.00 0.00 ? 5  DC  A "C2'"  2 
ATOM   730  C "C1'"  . DC  A 1 5  ? 5.648   1.629   1.993   1.00 0.00 ? 5  DC  A "C1'"  2 
ATOM   731  N N1     . DC  A 1 5  ? 4.177   1.517   2.239   1.00 0.00 ? 5  DC  A N1     2 
ATOM   732  C C2     . DC  A 1 5  ? 3.311   1.218   1.177   1.00 0.00 ? 5  DC  A C2     2 
ATOM   733  O O2     . DC  A 1 5  ? 3.713   1.141   0.018   1.00 0.00 ? 5  DC  A O2     2 
ATOM   734  N N3     . DC  A 1 5  ? 1.988   1.007   1.449   1.00 0.00 ? 5  DC  A N3     2 
ATOM   735  C C4     . DC  A 1 5  ? 1.517   1.082   2.704   1.00 0.00 ? 5  DC  A C4     2 
ATOM   736  N N4     . DC  A 1 5  ? 0.219   0.854   2.924   1.00 0.00 ? 5  DC  A N4     2 
ATOM   737  C C5     . DC  A 1 5  ? 2.382   1.389   3.807   1.00 0.00 ? 5  DC  A C5     2 
ATOM   738  C C6     . DC  A 1 5  ? 3.687   1.596   3.522   1.00 0.00 ? 5  DC  A C6     2 
ATOM   739  H "H5'"  . DC  A 1 5  ? 7.665   -0.396  4.673   1.00 0.00 ? 5  DC  A "H5'"  2 
ATOM   740  H "H5''" . DC  A 1 5  ? 8.911   0.866   4.737   1.00 0.00 ? 5  DC  A "H5''" 2 
ATOM   741  H "H4'"  . DC  A 1 5  ? 8.364   0.451   2.454   1.00 0.00 ? 5  DC  A "H4'"  2 
ATOM   742  H "H3'"  . DC  A 1 5  ? 8.200   3.033   3.631   1.00 0.00 ? 5  DC  A "H3'"  2 
ATOM   743  H "H2'"  . DC  A 1 5  ? 5.881   3.098   3.619   1.00 0.00 ? 5  DC  A "H2'"  2 
ATOM   744  H "H2''" . DC  A 1 5  ? 6.091   3.775   1.997   1.00 0.00 ? 5  DC  A "H2''" 2 
ATOM   745  H "H1'"  . DC  A 1 5  ? 5.898   1.567   0.924   1.00 0.00 ? 5  DC  A "H1'"  2 
ATOM   746  H H41    . DC  A 1 5  ? -0.396  0.634   2.154   1.00 0.00 ? 5  DC  A H41    2 
ATOM   747  H H42    . DC  A 1 5  ? -0.149  0.894   3.863   1.00 0.00 ? 5  DC  A H42    2 
ATOM   748  H H5     . DC  A 1 5  ? 2.057   1.446   4.835   1.00 0.00 ? 5  DC  A H5     2 
ATOM   749  H H6     . DC  A 1 5  ? 4.349   1.836   4.339   1.00 0.00 ? 5  DC  A H6     2 
ATOM   750  P P      . DC  A 1 6  ? 8.849   4.137   1.017   1.00 0.00 ? 6  DC  A P      2 
ATOM   751  O OP1    . DC  A 1 6  ? 10.235  4.124   0.495   1.00 0.00 ? 6  DC  A OP1    2 
ATOM   752  O OP2    . DC  A 1 6  ? 8.427   5.185   1.974   1.00 0.00 ? 6  DC  A OP2    2 
ATOM   753  O "O5'"  . DC  A 1 6  ? 7.835   4.138   -0.225  1.00 0.00 ? 6  DC  A "O5'"  2 
ATOM   754  C "C5'"  . DC  A 1 6  ? 7.955   3.172   -1.252  1.00 0.00 ? 6  DC  A "C5'"  2 
ATOM   755  C "C4'"  . DC  A 1 6  ? 6.811   3.331   -2.250  1.00 0.00 ? 6  DC  A "C4'"  2 
ATOM   756  O "O4'"  . DC  A 1 6  ? 5.579   3.105   -1.576  1.00 0.00 ? 6  DC  A "O4'"  2 
ATOM   757  C "C3'"  . DC  A 1 6  ? 6.772   4.746   -2.846  1.00 0.00 ? 6  DC  A "C3'"  2 
ATOM   758  O "O3'"  . DC  A 1 6  ? 6.515   4.618   -4.229  1.00 0.00 ? 6  DC  A "O3'"  2 
ATOM   759  C "C2'"  . DC  A 1 6  ? 5.597   5.355   -2.081  1.00 0.00 ? 6  DC  A "C2'"  2 
ATOM   760  C "C1'"  . DC  A 1 6  ? 4.682   4.124   -1.961  1.00 0.00 ? 6  DC  A "C1'"  2 
ATOM   761  N N1     . DC  A 1 6  ? 3.596   4.292   -0.950  1.00 0.00 ? 6  DC  A N1     2 
ATOM   762  C C2     . DC  A 1 6  ? 2.293   3.882   -1.264  1.00 0.00 ? 6  DC  A C2     2 
ATOM   763  O O2     . DC  A 1 6  ? 1.999   3.471   -2.384  1.00 0.00 ? 6  DC  A O2     2 
ATOM   764  N N3     . DC  A 1 6  ? 1.333   3.951   -0.295  1.00 0.00 ? 6  DC  A N3     2 
ATOM   765  C C4     . DC  A 1 6  ? 1.620   4.408   0.934   1.00 0.00 ? 6  DC  A C4     2 
ATOM   766  N N4     . DC  A 1 6  ? 0.654   4.453   1.855   1.00 0.00 ? 6  DC  A N4     2 
ATOM   767  C C5     . DC  A 1 6  ? 2.939   4.859   1.272   1.00 0.00 ? 6  DC  A C5     2 
ATOM   768  C C6     . DC  A 1 6  ? 3.879   4.783   0.303   1.00 0.00 ? 6  DC  A C6     2 
ATOM   769  H "H5'"  . DC  A 1 6  ? 7.911   2.165   -0.836  1.00 0.00 ? 6  DC  A "H5'"  2 
ATOM   770  H "H5''" . DC  A 1 6  ? 8.906   3.299   -1.770  1.00 0.00 ? 6  DC  A "H5''" 2 
ATOM   771  H "H4'"  . DC  A 1 6  ? 6.933   2.589   -3.040  1.00 0.00 ? 6  DC  A "H4'"  2 
ATOM   772  H "H3'"  . DC  A 1 6  ? 7.705   5.292   -2.689  1.00 0.00 ? 6  DC  A "H3'"  2 
ATOM   773  H "H2'"  . DC  A 1 6  ? 6.008   5.692   -1.116  1.00 0.00 ? 6  DC  A "H2'"  2 
ATOM   774  H "H2''" . DC  A 1 6  ? 5.100   6.187   -2.584  1.00 0.00 ? 6  DC  A "H2''" 2 
ATOM   775  H "H1'"  . DC  A 1 6  ? 4.286   3.831   -2.944  1.00 0.00 ? 6  DC  A "H1'"  2 
ATOM   776  H H41    . DC  A 1 6  ? -0.276  4.138   1.623   1.00 0.00 ? 6  DC  A H41    2 
ATOM   777  H H42    . DC  A 1 6  ? 0.853   4.794   2.784   1.00 0.00 ? 6  DC  A H42    2 
ATOM   778  H H5     . DC  A 1 6  ? 3.209   5.247   2.242   1.00 0.00 ? 6  DC  A H5     2 
ATOM   779  H H6     . DC  A 1 6  ? 4.872   5.130   0.540   1.00 0.00 ? 6  DC  A H6     2 
ATOM   780  P P      . DA  A 1 7  ? 6.460   5.879   -5.232  1.00 0.00 ? 7  DA  A P      2 
ATOM   781  O OP1    . DA  A 1 7  ? 7.401   5.631   -6.347  1.00 0.00 ? 7  DA  A OP1    2 
ATOM   782  O OP2    . DA  A 1 7  ? 6.546   7.136   -4.457  1.00 0.00 ? 7  DA  A OP2    2 
ATOM   783  O "O5'"  . DA  A 1 7  ? 4.959   5.720   -5.782  1.00 0.00 ? 7  DA  A "O5'"  2 
ATOM   784  C "C5'"  . DA  A 1 7  ? 4.571   4.556   -6.484  1.00 0.00 ? 7  DA  A "C5'"  2 
ATOM   785  C "C4'"  . DA  A 1 7  ? 3.128   4.649   -6.980  1.00 0.00 ? 7  DA  A "C4'"  2 
ATOM   786  O "O4'"  . DA  A 1 7  ? 2.242   4.665   -5.866  1.00 0.00 ? 7  DA  A "O4'"  2 
ATOM   787  C "C3'"  . DA  A 1 7  ? 2.882   5.927   -7.790  1.00 0.00 ? 7  DA  A "C3'"  2 
ATOM   788  O "O3'"  . DA  A 1 7  ? 2.011   5.605   -8.856  1.00 0.00 ? 7  DA  A "O3'"  2 
ATOM   789  C "C2'"  . DA  A 1 7  ? 2.244   6.845   -6.749  1.00 0.00 ? 7  DA  A "C2'"  2 
ATOM   790  C "C1'"  . DA  A 1 7  ? 1.464   5.851   -5.881  1.00 0.00 ? 7  DA  A "C1'"  2 
ATOM   791  N N9     . DA  A 1 7  ? 1.293   6.352   -4.495  1.00 0.00 ? 7  DA  A N9     2 
ATOM   792  C C8     . DA  A 1 7  ? 2.247   6.918   -3.689  1.00 0.00 ? 7  DA  A C8     2 
ATOM   793  N N7     . DA  A 1 7  ? 1.855   7.161   -2.472  1.00 0.00 ? 7  DA  A N7     2 
ATOM   794  C C5     . DA  A 1 7  ? 0.529   6.745   -2.472  1.00 0.00 ? 7  DA  A C5     2 
ATOM   795  C C6     . DA  A 1 7  ? -0.465  6.741   -1.473  1.00 0.00 ? 7  DA  A C6     2 
ATOM   796  N N6     . DA  A 1 7  ? -0.226  7.154   -0.224  1.00 0.00 ? 7  DA  A N6     2 
ATOM   797  N N1     . DA  A 1 7  ? -1.702  6.319   -1.796  1.00 0.00 ? 7  DA  A N1     2 
ATOM   798  C C2     . DA  A 1 7  ? -1.936  5.908   -3.041  1.00 0.00 ? 7  DA  A C2     2 
ATOM   799  N N3     . DA  A 1 7  ? -1.083  5.842   -4.065  1.00 0.00 ? 7  DA  A N3     2 
ATOM   800  C C4     . DA  A 1 7  ? 0.159   6.279   -3.710  1.00 0.00 ? 7  DA  A C4     2 
ATOM   801  H "H5'"  . DA  A 1 7  ? 4.662   3.681   -5.840  1.00 0.00 ? 7  DA  A "H5'"  2 
ATOM   802  H "H5''" . DA  A 1 7  ? 5.220   4.422   -7.350  1.00 0.00 ? 7  DA  A "H5''" 2 
ATOM   803  H "H4'"  . DA  A 1 7  ? 2.953   3.760   -7.594  1.00 0.00 ? 7  DA  A "H4'"  2 
ATOM   804  H "H3'"  . DA  A 1 7  ? 3.812   6.355   -8.165  1.00 0.00 ? 7  DA  A "H3'"  2 
ATOM   805  H "H2'"  . DA  A 1 7  ? 3.071   7.298   -6.200  1.00 0.00 ? 7  DA  A "H2'"  2 
ATOM   806  H "H2''" . DA  A 1 7  ? 1.613   7.637   -7.160  1.00 0.00 ? 7  DA  A "H2''" 2 
ATOM   807  H "H1'"  . DA  A 1 7  ? 0.495   5.633   -6.333  1.00 0.00 ? 7  DA  A "H1'"  2 
ATOM   808  H H8     . DA  A 1 7  ? 3.240   7.147   -4.044  1.00 0.00 ? 7  DA  A H8     2 
ATOM   809  H H61    . DA  A 1 7  ? -0.967  7.152   0.460   1.00 0.00 ? 7  DA  A H61    2 
ATOM   810  H H62    . DA  A 1 7  ? 0.696   7.479   0.026   1.00 0.00 ? 7  DA  A H62    2 
ATOM   811  H H2     . DA  A 1 7  ? -2.949  5.582   -3.230  1.00 0.00 ? 7  DA  A H2     2 
ATOM   812  P P      . DC  A 1 8  ? 1.482   6.699   -9.915  1.00 0.00 ? 8  DC  A P      2 
ATOM   813  O OP1    . DC  A 1 8  ? 1.469   6.082   -11.260 1.00 0.00 ? 8  DC  A OP1    2 
ATOM   814  O OP2    . DC  A 1 8  ? 2.195   7.978   -9.696  1.00 0.00 ? 8  DC  A OP2    2 
ATOM   815  O "O5'"  . DC  A 1 8  ? -0.039  6.871   -9.417  1.00 0.00 ? 8  DC  A "O5'"  2 
ATOM   816  C "C5'"  . DC  A 1 8  ? -0.944  5.785   -9.481  1.00 0.00 ? 8  DC  A "C5'"  2 
ATOM   817  C "C4'"  . DC  A 1 8  ? -2.337  6.214   -9.017  1.00 0.00 ? 8  DC  A "C4'"  2 
ATOM   818  O "O4'"  . DC  A 1 8  ? -2.313  6.540   -7.634  1.00 0.00 ? 8  DC  A "O4'"  2 
ATOM   819  C "C3'"  . DC  A 1 8  ? -2.838  7.440   -9.792  1.00 0.00 ? 8  DC  A "C3'"  2 
ATOM   820  O "O3'"  . DC  A 1 8  ? -4.179  7.183   -10.176 1.00 0.00 ? 8  DC  A "O3'"  2 
ATOM   821  C "C2'"  . DC  A 1 8  ? -2.697  8.536   -8.737  1.00 0.00 ? 8  DC  A "C2'"  2 
ATOM   822  C "C1'"  . DC  A 1 8  ? -2.983  7.771   -7.443  1.00 0.00 ? 8  DC  A "C1'"  2 
ATOM   823  N N1     . DC  A 1 8  ? -2.443  8.446   -6.228  1.00 0.00 ? 8  DC  A N1     2 
ATOM   824  C C2     . DC  A 1 8  ? -3.254  8.579   -5.096  1.00 0.00 ? 8  DC  A C2     2 
ATOM   825  O O2     . DC  A 1 8  ? -4.431  8.228   -5.095  1.00 0.00 ? 8  DC  A O2     2 
ATOM   826  N N3     . DC  A 1 8  ? -2.713  9.115   -3.965  1.00 0.00 ? 8  DC  A N3     2 
ATOM   827  C C4     . DC  A 1 8  ? -1.427  9.490   -3.920  1.00 0.00 ? 8  DC  A C4     2 
ATOM   828  N N4     . DC  A 1 8  ? -0.980  10.002  -2.771  1.00 0.00 ? 8  DC  A N4     2 
ATOM   829  C C5     . DC  A 1 8  ? -0.565  9.342   -5.059  1.00 0.00 ? 8  DC  A C5     2 
ATOM   830  C C6     . DC  A 1 8  ? -1.122  8.827   -6.180  1.00 0.00 ? 8  DC  A C6     2 
ATOM   831  H "H5'"  . DC  A 1 8  ? -0.595  4.965   -8.852  1.00 0.00 ? 8  DC  A "H5'"  2 
ATOM   832  H "H5''" . DC  A 1 8  ? -1.019  5.432   -10.511 1.00 0.00 ? 8  DC  A "H5''" 2 
ATOM   833  H "H4'"  . DC  A 1 8  ? -3.016  5.372   -9.162  1.00 0.00 ? 8  DC  A "H4'"  2 
ATOM   834  H "H3'"  . DC  A 1 8  ? -2.225  7.651   -10.676 1.00 0.00 ? 8  DC  A "H3'"  2 
ATOM   835  H "H2'"  . DC  A 1 8  ? -1.662  8.886   -8.778  1.00 0.00 ? 8  DC  A "H2'"  2 
ATOM   836  H "H2''" . DC  A 1 8  ? -3.380  9.370   -8.875  1.00 0.00 ? 8  DC  A "H2''" 2 
ATOM   837  H "H1'"  . DC  A 1 8  ? -4.063  7.593   -7.377  1.00 0.00 ? 8  DC  A "H1'"  2 
ATOM   838  H H41    . DC  A 1 8  ? -1.640  10.159  -2.028  1.00 0.00 ? 8  DC  A H41    2 
ATOM   839  H H42    . DC  A 1 8  ? -0.010  10.167  -2.567  1.00 0.00 ? 8  DC  A H42    2 
ATOM   840  H H5     . DC  A 1 8  ? 0.478   9.618   -5.081  1.00 0.00 ? 8  DC  A H5     2 
ATOM   841  H H6     . DC  A 1 8  ? -0.502  8.723   -7.057  1.00 0.00 ? 8  DC  A H6     2 
ATOM   842  P P      . DG  A 1 9  ? -5.104  8.256   -10.951 1.00 0.00 ? 9  DG  A P      2 
ATOM   843  O OP1    . DG  A 1 9  ? -5.902  7.537   -11.968 1.00 0.00 ? 9  DG  A OP1    2 
ATOM   844  O OP2    . DG  A 1 9  ? -4.275  9.415   -11.351 1.00 0.00 ? 9  DG  A OP2    2 
ATOM   845  O "O5'"  . DG  A 1 9  ? -6.094  8.723   -9.771  1.00 0.00 ? 9  DG  A "O5'"  2 
ATOM   846  C "C5'"  . DG  A 1 9  ? -6.995  7.808   -9.172  1.00 0.00 ? 9  DG  A "C5'"  2 
ATOM   847  C "C4'"  . DG  A 1 9  ? -7.746  8.487   -8.024  1.00 0.00 ? 9  DG  A "C4'"  2 
ATOM   848  O "O4'"  . DG  A 1 9  ? -6.802  8.942   -7.071  1.00 0.00 ? 9  DG  A "O4'"  2 
ATOM   849  C "C3'"  . DG  A 1 9  ? -8.562  9.698   -8.499  1.00 0.00 ? 9  DG  A "C3'"  2 
ATOM   850  O "O3'"  . DG  A 1 9  ? -9.843  9.691   -7.904  1.00 0.00 ? 9  DG  A "O3'"  2 
ATOM   851  C "C2'"  . DG  A 1 9  ? -7.751  10.878  -7.989  1.00 0.00 ? 9  DG  A "C2'"  2 
ATOM   852  C "C1'"  . DG  A 1 9  ? -7.101  10.282  -6.744  1.00 0.00 ? 9  DG  A "C1'"  2 
ATOM   853  N N9     . DG  A 1 9  ? -5.864  10.983  -6.340  1.00 0.00 ? 9  DG  A N9     2 
ATOM   854  C C8     . DG  A 1 9  ? -4.780  11.315  -7.108  1.00 0.00 ? 9  DG  A C8     2 
ATOM   855  N N7     . DG  A 1 9  ? -3.781  11.820  -6.440  1.00 0.00 ? 9  DG  A N7     2 
ATOM   856  C C5     . DG  A 1 9  ? -4.242  11.851  -5.129  1.00 0.00 ? 9  DG  A C5     2 
ATOM   857  C C6     . DG  A 1 9  ? -3.603  12.312  -3.937  1.00 0.00 ? 9  DG  A C6     2 
ATOM   858  O O6     . DG  A 1 9  ? -2.459  12.744  -3.800  1.00 0.00 ? 9  DG  A O6     2 
ATOM   859  N N1     . DG  A 1 9  ? -4.445  12.237  -2.830  1.00 0.00 ? 9  DG  A N1     2 
ATOM   860  C C2     . DG  A 1 9  ? -5.737  11.750  -2.853  1.00 0.00 ? 9  DG  A C2     2 
ATOM   861  N N2     . DG  A 1 9  ? -6.415  11.769  -1.701  1.00 0.00 ? 9  DG  A N2     2 
ATOM   862  N N3     . DG  A 1 9  ? -6.325  11.282  -3.964  1.00 0.00 ? 9  DG  A N3     2 
ATOM   863  C C4     . DG  A 1 9  ? -5.529  11.365  -5.063  1.00 0.00 ? 9  DG  A C4     2 
ATOM   864  H "H5'"  . DG  A 1 9  ? -6.447  6.955   -8.771  1.00 0.00 ? 9  DG  A "H5'"  2 
ATOM   865  H "H5''" . DG  A 1 9  ? -7.713  7.452   -9.913  1.00 0.00 ? 9  DG  A "H5''" 2 
ATOM   866  H "H4'"  . DG  A 1 9  ? -8.405  7.754   -7.557  1.00 0.00 ? 9  DG  A "H4'"  2 
ATOM   867  H "H3'"  . DG  A 1 9  ? -8.650  9.735   -9.586  1.00 0.00 ? 9  DG  A "H3'"  2 
ATOM   868  H "HO3'" . DG  A 1 9  ? -10.308 10.487  -8.173  1.00 0.00 ? 9  DG  A "HO3'" 2 
ATOM   869  H "H2'"  . DG  A 1 9  ? -7.024  11.123  -8.752  1.00 0.00 ? 9  DG  A "H2'"  2 
ATOM   870  H "H2''" . DG  A 1 9  ? -8.346  11.759  -7.760  1.00 0.00 ? 9  DG  A "H2''" 2 
ATOM   871  H "H1'"  . DG  A 1 9  ? -7.835  10.295  -5.941  1.00 0.00 ? 9  DG  A "H1'"  2 
ATOM   872  H H8     . DG  A 1 9  ? -4.767  11.169  -8.175  1.00 0.00 ? 9  DG  A H8     2 
ATOM   873  H H1     . DG  A 1 9  ? -4.083  12.568  -1.947  1.00 0.00 ? 9  DG  A H1     2 
ATOM   874  H H21    . DG  A 1 9  ? -5.975  12.103  -0.854  1.00 0.00 ? 9  DG  A H21    2 
ATOM   875  H H22    . DG  A 1 9  ? -7.356  11.406  -1.668  1.00 0.00 ? 9  DG  A H22    2 
ATOM   876  O "O5'"  . DC  B 2 1  ? -2.582  16.793  4.656   1.00 0.00 ? 10 DC  B "O5'"  2 
ATOM   877  C "C5'"  . DC  B 2 1  ? -3.867  17.349  4.827   1.00 0.00 ? 10 DC  B "C5'"  2 
ATOM   878  C "C4'"  . DC  B 2 1  ? -4.974  16.326  4.542   1.00 0.00 ? 10 DC  B "C4'"  2 
ATOM   879  O "O4'"  . DC  B 2 1  ? -4.945  15.945  3.169   1.00 0.00 ? 10 DC  B "O4'"  2 
ATOM   880  C "C3'"  . DC  B 2 1  ? -4.837  15.050  5.383   1.00 0.00 ? 10 DC  B "C3'"  2 
ATOM   881  O "O3'"  . DC  B 2 1  ? -6.137  14.684  5.816   1.00 0.00 ? 10 DC  B "O3'"  2 
ATOM   882  C "C2'"  . DC  B 2 1  ? -4.244  14.065  4.375   1.00 0.00 ? 10 DC  B "C2'"  2 
ATOM   883  C "C1'"  . DC  B 2 1  ? -4.881  14.529  3.060   1.00 0.00 ? 10 DC  B "C1'"  2 
ATOM   884  N N1     . DC  B 2 1  ? -4.035  14.132  1.903   1.00 0.00 ? 10 DC  B N1     2 
ATOM   885  C C2     . DC  B 2 1  ? -4.548  13.267  0.934   1.00 0.00 ? 10 DC  B C2     2 
ATOM   886  O O2     . DC  B 2 1  ? -5.712  12.879  0.961   1.00 0.00 ? 10 DC  B O2     2 
ATOM   887  N N3     . DC  B 2 1  ? -3.726  12.861  -0.073  1.00 0.00 ? 10 DC  B N3     2 
ATOM   888  C C4     . DC  B 2 1  ? -2.464  13.300  -0.164  1.00 0.00 ? 10 DC  B C4     2 
ATOM   889  N N4     . DC  B 2 1  ? -1.745  12.885  -1.212  1.00 0.00 ? 10 DC  B N4     2 
ATOM   890  C C5     . DC  B 2 1  ? -1.931  14.238  0.785   1.00 0.00 ? 10 DC  B C5     2 
ATOM   891  C C6     . DC  B 2 1  ? -2.753  14.609  1.797   1.00 0.00 ? 10 DC  B C6     2 
ATOM   892  H "H5'"  . DC  B 2 1  ? -3.982  18.199  4.155   1.00 0.00 ? 10 DC  B "H5'"  2 
ATOM   893  H "H5''" . DC  B 2 1  ? -3.963  17.699  5.855   1.00 0.00 ? 10 DC  B "H5''" 2 
ATOM   894  H "H4'"  . DC  B 2 1  ? -5.918  16.829  4.768   1.00 0.00 ? 10 DC  B "H4'"  2 
ATOM   895  H "H3'"  . DC  B 2 1  ? -4.167  15.196  6.237   1.00 0.00 ? 10 DC  B "H3'"  2 
ATOM   896  H "H2'"  . DC  B 2 1  ? -3.159  14.213  4.373   1.00 0.00 ? 10 DC  B "H2'"  2 
ATOM   897  H "H2''" . DC  B 2 1  ? -4.453  13.016  4.592   1.00 0.00 ? 10 DC  B "H2''" 2 
ATOM   898  H "H1'"  . DC  B 2 1  ? -5.900  14.138  2.950   1.00 0.00 ? 10 DC  B "H1'"  2 
ATOM   899  H H41    . DC  B 2 1  ? -2.149  12.209  -1.843  1.00 0.00 ? 10 DC  B H41    2 
ATOM   900  H H42    . DC  B 2 1  ? -0.904  13.350  -1.509  1.00 0.00 ? 10 DC  B H42    2 
ATOM   901  H H5     . DC  B 2 1  ? -0.927  14.633  0.737   1.00 0.00 ? 10 DC  B H5     2 
ATOM   902  H H6     . DC  B 2 1  ? -2.405  15.286  2.563   1.00 0.00 ? 10 DC  B H6     2 
ATOM   903  H "HO5'" . DC  B 2 1  ? -1.930  17.471  4.849   1.00 0.00 ? 10 DC  B "HO5'" 2 
ATOM   904  P P      . DG  B 2 2  ? -6.452  13.314  6.610   1.00 0.00 ? 11 DG  B P      2 
ATOM   905  O OP1    . DG  B 2 2  ? -7.600  13.558  7.511   1.00 0.00 ? 11 DG  B OP1    2 
ATOM   906  O OP2    . DG  B 2 2  ? -5.187  12.778  7.159   1.00 0.00 ? 11 DG  B OP2    2 
ATOM   907  O "O5'"  . DG  B 2 2  ? -6.943  12.349  5.412   1.00 0.00 ? 11 DG  B "O5'"  2 
ATOM   908  C "C5'"  . DG  B 2 2  ? -8.123  12.643  4.686   1.00 0.00 ? 11 DG  B "C5'"  2 
ATOM   909  C "C4'"  . DG  B 2 2  ? -8.471  11.533  3.691   1.00 0.00 ? 11 DG  B "C4'"  2 
ATOM   910  O "O4'"  . DG  B 2 2  ? -7.469  11.422  2.688   1.00 0.00 ? 11 DG  B "O4'"  2 
ATOM   911  C "C3'"  . DG  B 2 2  ? -8.597  10.170  4.379   1.00 0.00 ? 11 DG  B "C3'"  2 
ATOM   912  O "O3'"  . DG  B 2 2  ? -9.770  9.540   3.895   1.00 0.00 ? 11 DG  B "O3'"  2 
ATOM   913  C "C2'"  . DG  B 2 2  ? -7.301  9.477   3.971   1.00 0.00 ? 11 DG  B "C2'"  2 
ATOM   914  C "C1'"  . DG  B 2 2  ? -7.023  10.078  2.593   1.00 0.00 ? 11 DG  B "C1'"  2 
ATOM   915  N N9     . DG  B 2 2  ? -5.585  10.051  2.229   1.00 0.00 ? 11 DG  B N9     2 
ATOM   916  C C8     . DG  B 2 2  ? -4.506  10.434  2.986   1.00 0.00 ? 11 DG  B C8     2 
ATOM   917  N N7     . DG  B 2 2  ? -3.363  10.379  2.360   1.00 0.00 ? 11 DG  B N7     2 
ATOM   918  C C5     . DG  B 2 2  ? -3.698  9.913   1.094   1.00 0.00 ? 11 DG  B C5     2 
ATOM   919  C C6     . DG  B 2 2  ? -2.865  9.656   -0.038  1.00 0.00 ? 11 DG  B C6     2 
ATOM   920  O O6     . DG  B 2 2  ? -1.652  9.833   -0.149  1.00 0.00 ? 11 DG  B O6     2 
ATOM   921  N N1     . DG  B 2 2  ? -3.586  9.163   -1.125  1.00 0.00 ? 11 DG  B N1     2 
ATOM   922  C C2     . DG  B 2 2  ? -4.953  8.961   -1.131  1.00 0.00 ? 11 DG  B C2     2 
ATOM   923  N N2     . DG  B 2 2  ? -5.488  8.502   -2.267  1.00 0.00 ? 11 DG  B N2     2 
ATOM   924  N N3     . DG  B 2 2  ? -5.739  9.219   -0.071  1.00 0.00 ? 11 DG  B N3     2 
ATOM   925  C C4     . DG  B 2 2  ? -5.055  9.694   1.007   1.00 0.00 ? 11 DG  B C4     2 
ATOM   926  H "H5'"  . DG  B 2 2  ? -8.002  13.583  4.145   1.00 0.00 ? 11 DG  B "H5'"  2 
ATOM   927  H "H5''" . DG  B 2 2  ? -8.959  12.747  5.378   1.00 0.00 ? 11 DG  B "H5''" 2 
ATOM   928  H "H4'"  . DG  B 2 2  ? -9.423  11.819  3.234   1.00 0.00 ? 11 DG  B "H4'"  2 
ATOM   929  H "H3'"  . DG  B 2 2  ? -8.642  10.267  5.461   1.00 0.00 ? 11 DG  B "H3'"  2 
ATOM   930  H "H2'"  . DG  B 2 2  ? -6.538  9.770   4.696   1.00 0.00 ? 11 DG  B "H2'"  2 
ATOM   931  H "H2''" . DG  B 2 2  ? -7.383  8.390   3.943   1.00 0.00 ? 11 DG  B "H2''" 2 
ATOM   932  H "H1'"  . DG  B 2 2  ? -7.596  9.533   1.839   1.00 0.00 ? 11 DG  B "H1'"  2 
ATOM   933  H H8     . DG  B 2 2  ? -4.592  10.733  4.020   1.00 0.00 ? 11 DG  B H8     2 
ATOM   934  H H1     . DG  B 2 2  ? -3.077  8.946   -1.971  1.00 0.00 ? 11 DG  B H1     2 
ATOM   935  H H21    . DG  B 2 2  ? -4.909  8.351   -3.086  1.00 0.00 ? 11 DG  B H21    2 
ATOM   936  H H22    . DG  B 2 2  ? -6.481  8.329   -2.317  1.00 0.00 ? 11 DG  B H22    2 
ATOM   937  P P      . DT  B 2 3  ? -10.199 8.042   4.318   1.00 0.00 ? 12 DT  B P      2 
ATOM   938  O OP1    . DT  B 2 3  ? -11.676 7.991   4.404   1.00 0.00 ? 12 DT  B OP1    2 
ATOM   939  O OP2    . DT  B 2 3  ? -9.378  7.606   5.469   1.00 0.00 ? 12 DT  B OP2    2 
ATOM   940  O "O5'"  . DT  B 2 3  ? -9.738  7.216   3.014   1.00 0.00 ? 12 DT  B "O5'"  2 
ATOM   941  C "C5'"  . DT  B 2 3  ? -10.327 7.478   1.755   1.00 0.00 ? 12 DT  B "C5'"  2 
ATOM   942  C "C4'"  . DT  B 2 3  ? -9.725  6.604   0.655   1.00 0.00 ? 12 DT  B "C4'"  2 
ATOM   943  O "O4'"  . DT  B 2 3  ? -8.363  6.969   0.477   1.00 0.00 ? 12 DT  B "O4'"  2 
ATOM   944  C "C3'"  . DT  B 2 3  ? -9.772  5.106   0.999   1.00 0.00 ? 12 DT  B "C3'"  2 
ATOM   945  O "O3'"  . DT  B 2 3  ? -10.232 4.414   -0.146  1.00 0.00 ? 12 DT  B "O3'"  2 
ATOM   946  C "C2'"  . DT  B 2 3  ? -8.305  4.809   1.297   1.00 0.00 ? 12 DT  B "C2'"  2 
ATOM   947  C "C1'"  . DT  B 2 3  ? -7.609  5.783   0.342   1.00 0.00 ? 12 DT  B "C1'"  2 
ATOM   948  N N1     . DT  B 2 3  ? -6.192  6.005   0.732   1.00 0.00 ? 12 DT  B N1     2 
ATOM   949  C C2     . DT  B 2 3  ? -5.176  5.783   -0.201  1.00 0.00 ? 12 DT  B C2     2 
ATOM   950  O O2     . DT  B 2 3  ? -5.381  5.367   -1.339  1.00 0.00 ? 12 DT  B O2     2 
ATOM   951  N N3     . DT  B 2 3  ? -3.884  6.074   0.220   1.00 0.00 ? 12 DT  B N3     2 
ATOM   952  C C4     . DT  B 2 3  ? -3.525  6.546   1.475   1.00 0.00 ? 12 DT  B C4     2 
ATOM   953  O O4     . DT  B 2 3  ? -2.344  6.756   1.739   1.00 0.00 ? 12 DT  B O4     2 
ATOM   954  C C5     . DT  B 2 3  ? -4.640  6.756   2.382   1.00 0.00 ? 12 DT  B C5     2 
ATOM   955  C C7     . DT  B 2 3  ? -4.387  7.317   3.768   1.00 0.00 ? 12 DT  B C7     2 
ATOM   956  C C6     . DT  B 2 3  ? -5.906  6.475   1.990   1.00 0.00 ? 12 DT  B C6     2 
ATOM   957  H "H5'"  . DT  B 2 3  ? -10.187 8.526   1.483   1.00 0.00 ? 12 DT  B "H5'"  2 
ATOM   958  H "H5''" . DT  B 2 3  ? -11.398 7.273   1.808   1.00 0.00 ? 12 DT  B "H5''" 2 
ATOM   959  H "H4'"  . DT  B 2 3  ? -10.264 6.795   -0.275  1.00 0.00 ? 12 DT  B "H4'"  2 
ATOM   960  H "H3'"  . DT  B 2 3  ? -10.403 4.899   1.864   1.00 0.00 ? 12 DT  B "H3'"  2 
ATOM   961  H "H2'"  . DT  B 2 3  ? -8.147  5.058   2.354   1.00 0.00 ? 12 DT  B "H2'"  2 
ATOM   962  H "H2''" . DT  B 2 3  ? -7.985  3.785   1.115   1.00 0.00 ? 12 DT  B "H2''" 2 
ATOM   963  H "H1'"  . DT  B 2 3  ? -7.711  5.451   -0.695  1.00 0.00 ? 12 DT  B "H1'"  2 
ATOM   964  H H3     . DT  B 2 3  ? -3.142  5.952   -0.456  1.00 0.00 ? 12 DT  B H3     2 
ATOM   965  H H71    . DT  B 2 3  ? -4.268  6.486   4.464   1.00 0.00 ? 12 DT  B H71    2 
ATOM   966  H H72    . DT  B 2 3  ? -3.474  7.911   3.782   1.00 0.00 ? 12 DT  B H72    2 
ATOM   967  H H73    . DT  B 2 3  ? -5.211  7.931   4.110   1.00 0.00 ? 12 DT  B H73    2 
ATOM   968  H H6     . DT  B 2 3  ? -6.729  6.599   2.677   1.00 0.00 ? 12 DT  B H6     2 
ATOM   969  P P      . DG  B 2 4  ? -10.408 2.810   -0.196  1.00 0.00 ? 13 DG  B P      2 
ATOM   970  O OP1    . DG  B 2 4  ? -11.725 2.507   -0.799  1.00 0.00 ? 13 DG  B OP1    2 
ATOM   971  O OP2    . DG  B 2 4  ? -10.046 2.231   1.116   1.00 0.00 ? 13 DG  B OP2    2 
ATOM   972  O "O5'"  . DG  B 2 4  ? -9.260  2.436   -1.260  1.00 0.00 ? 13 DG  B "O5'"  2 
ATOM   973  C "C5'"  . DG  B 2 4  ? -9.321  2.949   -2.576  1.00 0.00 ? 13 DG  B "C5'"  2 
ATOM   974  C "C4'"  . DG  B 2 4  ? -8.193  2.420   -3.458  1.00 0.00 ? 13 DG  B "C4'"  2 
ATOM   975  O "O4'"  . DG  B 2 4  ? -6.941  2.895   -2.975  1.00 0.00 ? 13 DG  B "O4'"  2 
ATOM   976  C "C3'"  . DG  B 2 4  ? -8.138  0.888   -3.476  1.00 0.00 ? 13 DG  B "C3'"  2 
ATOM   977  O "O3'"  . DG  B 2 4  ? -7.885  0.502   -4.812  1.00 0.00 ? 13 DG  B "O3'"  2 
ATOM   978  C "C2'"  . DG  B 2 4  ? -6.992  0.592   -2.511  1.00 0.00 ? 13 DG  B "C2'"  2 
ATOM   979  C "C1'"  . DG  B 2 4  ? -6.076  1.802   -2.707  1.00 0.00 ? 13 DG  B "C1'"  2 
ATOM   980  N N9     . DG  B 2 4  ? -5.284  2.075   -1.489  1.00 0.00 ? 13 DG  B N9     2 
ATOM   981  C C8     . DG  B 2 4  ? -5.727  2.131   -0.193  1.00 0.00 ? 13 DG  B C8     2 
ATOM   982  N N7     . DG  B 2 4  ? -4.810  2.454   0.675   1.00 0.00 ? 13 DG  B N7     2 
ATOM   983  C C5     . DG  B 2 4  ? -3.665  2.609   -0.098  1.00 0.00 ? 13 DG  B C5     2 
ATOM   984  C C6     . DG  B 2 4  ? -2.337  2.951   0.298   1.00 0.00 ? 13 DG  B C6     2 
ATOM   985  O O6     . DG  B 2 4  ? -1.929  3.190   1.430   1.00 0.00 ? 13 DG  B O6     2 
ATOM   986  N N1     . DG  B 2 4  ? -1.453  2.993   -0.779  1.00 0.00 ? 13 DG  B N1     2 
ATOM   987  C C2     . DG  B 2 4  ? -1.808  2.726   -2.088  1.00 0.00 ? 13 DG  B C2     2 
ATOM   988  N N2     . DG  B 2 4  ? -0.836  2.789   -3.005  1.00 0.00 ? 13 DG  B N2     2 
ATOM   989  N N3     . DG  B 2 4  ? -3.058  2.408   -2.463  1.00 0.00 ? 13 DG  B N3     2 
ATOM   990  C C4     . DG  B 2 4  ? -3.939  2.367   -1.424  1.00 0.00 ? 13 DG  B C4     2 
ATOM   991  H "H5'"  . DG  B 2 4  ? -9.263  4.038   -2.556  1.00 0.00 ? 13 DG  B "H5'"  2 
ATOM   992  H "H5''" . DG  B 2 4  ? -10.270 2.660   -3.034  1.00 0.00 ? 13 DG  B "H5''" 2 
ATOM   993  H "H4'"  . DG  B 2 4  ? -8.384  2.812   -4.462  1.00 0.00 ? 13 DG  B "H4'"  2 
ATOM   994  H "H3'"  . DG  B 2 4  ? -9.061  0.440   -3.112  1.00 0.00 ? 13 DG  B "H3'"  2 
ATOM   995  H "H2'"  . DG  B 2 4  ? -7.432  0.574   -1.514  1.00 0.00 ? 13 DG  B "H2'"  2 
ATOM   996  H "H2''" . DG  B 2 4  ? -6.477  -0.358  -2.666  1.00 0.00 ? 13 DG  B "H2''" 2 
ATOM   997  H "H1'"  . DG  B 2 4  ? -5.405  1.649   -3.557  1.00 0.00 ? 13 DG  B "H1'"  2 
ATOM   998  H H8     . DG  B 2 4  ? -6.751  1.916   0.076   1.00 0.00 ? 13 DG  B H8     2 
ATOM   999  H H1     . DG  B 2 4  ? -0.490  3.237   -0.576  1.00 0.00 ? 13 DG  B H1     2 
ATOM   1000 H H21    . DG  B 2 4  ? 0.111   3.020   -2.734  1.00 0.00 ? 13 DG  B H21    2 
ATOM   1001 H H22    . DG  B 2 4  ? -1.050  2.593   -3.971  1.00 0.00 ? 13 DG  B H22    2 
ATOM   1002 P P      . DG  B 2 5  ? -7.570  -1.014  -5.246  1.00 0.00 ? 14 DG  B P      2 
ATOM   1003 O OP1    . DG  B 2 5  ? -8.145  -1.245  -6.591  1.00 0.00 ? 14 DG  B OP1    2 
ATOM   1004 O OP2    . DG  B 2 5  ? -7.907  -1.928  -4.132  1.00 0.00 ? 14 DG  B OP2    2 
ATOM   1005 O "O5'"  . DG  B 2 5  ? -5.969  -0.920  -5.380  1.00 0.00 ? 14 DG  B "O5'"  2 
ATOM   1006 C "C5'"  . DG  B 2 5  ? -5.369  0.006   -6.264  1.00 0.00 ? 14 DG  B "C5'"  2 
ATOM   1007 C "C4'"  . DG  B 2 5  ? -3.903  -0.313  -6.584  1.00 0.00 ? 14 DG  B "C4'"  2 
ATOM   1008 O "O4'"  . DG  B 2 5  ? -3.135  -0.028  -5.423  1.00 0.00 ? 14 DG  B "O4'"  2 
ATOM   1009 C "C3'"  . DG  B 2 5  ? -3.722  -1.806  -6.900  1.00 0.00 ? 14 DG  B "C3'"  2 
ATOM   1010 O "O3'"  . DG  B 2 5  ? -2.577  -2.048  -7.700  1.00 0.00 ? 14 DG  B "O3'"  2 
ATOM   1011 C "C2'"  . DG  B 2 5  ? -3.403  -2.376  -5.520  1.00 0.00 ? 14 DG  B "C2'"  2 
ATOM   1012 C "C1'"  . DG  B 2 5  ? -2.604  -1.226  -4.886  1.00 0.00 ? 14 DG  B "C1'"  2 
ATOM   1013 N N9     . DG  B 2 5  ? -2.649  -1.174  -3.403  1.00 0.00 ? 14 DG  B N9     2 
ATOM   1014 C C8     . DG  B 2 5  ? -3.709  -1.421  -2.569  1.00 0.00 ? 14 DG  B C8     2 
ATOM   1015 N N7     . DG  B 2 5  ? -3.473  -1.185  -1.310  1.00 0.00 ? 14 DG  B N7     2 
ATOM   1016 C C5     . DG  B 2 5  ? -2.150  -0.760  -1.294  1.00 0.00 ? 14 DG  B C5     2 
ATOM   1017 C C6     . DG  B 2 5  ? -1.328  -0.373  -0.192  1.00 0.00 ? 14 DG  B C6     2 
ATOM   1018 O O6     . DG  B 2 5  ? -1.641  -0.305  0.993   1.00 0.00 ? 14 DG  B O6     2 
ATOM   1019 N N1     . DG  B 2 5  ? -0.031  -0.043  -0.579  1.00 0.00 ? 14 DG  B N1     2 
ATOM   1020 C C2     . DG  B 2 5  ? 0.421   -0.079  -1.886  1.00 0.00 ? 14 DG  B C2     2 
ATOM   1021 N N2     . DG  B 2 5  ? 1.695   0.272   -2.091  1.00 0.00 ? 14 DG  B N2     2 
ATOM   1022 N N3     . DG  B 2 5  ? -0.353  -0.440  -2.926  1.00 0.00 ? 14 DG  B N3     2 
ATOM   1023 C C4     . DG  B 2 5  ? -1.627  -0.767  -2.567  1.00 0.00 ? 14 DG  B C4     2 
ATOM   1024 H "H5'"  . DG  B 2 5  ? -5.445  1.017   -5.863  1.00 0.00 ? 14 DG  B "H5'"  2 
ATOM   1025 H "H5''" . DG  B 2 5  ? -5.902  -0.021  -7.216  1.00 0.00 ? 14 DG  B "H5''" 2 
ATOM   1026 H "H4'"  . DG  B 2 5  ? -3.580  0.328   -7.404  1.00 0.00 ? 14 DG  B "H4'"  2 
ATOM   1027 H "H3'"  . DG  B 2 5  ? -4.634  -2.245  -7.291  1.00 0.00 ? 14 DG  B "H3'"  2 
ATOM   1028 H "H2'"  . DG  B 2 5  ? -4.328  -2.564  -4.997  1.00 0.00 ? 14 DG  B "H2'"  2 
ATOM   1029 H "H2''" . DG  B 2 5  ? -2.868  -3.324  -5.559  1.00 0.00 ? 14 DG  B "H2''" 2 
ATOM   1030 H "H1'"  . DG  B 2 5  ? -1.568  -1.293  -5.205  1.00 0.00 ? 14 DG  B "H1'"  2 
ATOM   1031 H H8     . DG  B 2 5  ? -4.658  -1.796  -2.918  1.00 0.00 ? 14 DG  B H8     2 
ATOM   1032 H H1     . DG  B 2 5  ? 0.613   0.244   0.148   1.00 0.00 ? 14 DG  B H1     2 
ATOM   1033 H H21    . DG  B 2 5  ? 2.283   0.553   -1.316  1.00 0.00 ? 14 DG  B H21    2 
ATOM   1034 H H22    . DG  B 2 5  ? 2.067   0.269   -3.029  1.00 0.00 ? 14 DG  B H22    2 
HETATM 1035 P P      . 2DF B 2 6  ? -2.539  -1.687  -9.281  1.00 0.00 ? 15 2DF B P      2 
HETATM 1036 O O1P    . 2DF B 2 6  ? -1.262  -0.987  -9.536  1.00 0.00 ? 15 2DF B O1P    2 
HETATM 1037 O O2P    . 2DF B 2 6  ? -3.814  -1.025  -9.642  1.00 0.00 ? 15 2DF B O2P    2 
HETATM 1038 O "O5'"  . 2DF B 2 6  ? -2.468  -3.106  -10.069 1.00 0.00 ? 15 2DF B "O5'"  2 
HETATM 1039 C "C5'"  . 2DF B 2 6  ? -3.617  -3.795  -10.541 1.00 0.00 ? 15 2DF B "C5'"  2 
HETATM 1040 C "C4'"  . 2DF B 2 6  ? -4.323  -4.561  -9.419  1.00 0.00 ? 15 2DF B "C4'"  2 
HETATM 1041 O "O4'"  . 2DF B 2 6  ? -5.513  -5.157  -9.926  1.00 0.00 ? 15 2DF B "O4'"  2 
HETATM 1042 C "C1'"  . 2DF B 2 6  ? -5.771  -6.329  -9.182  1.00 0.00 ? 15 2DF B "C1'"  2 
HETATM 1043 N N1     . 2DF B 2 6  ? -6.625  -7.235  -9.939  1.00 0.00 ? 15 2DF B N1     2 
HETATM 1044 C C2     . 2DF B 2 6  ? -7.571  -8.012  -9.393  1.00 0.00 ? 15 2DF B C2     2 
HETATM 1045 O O2     . 2DF B 2 6  ? -7.823  -8.036  -8.191  1.00 0.00 ? 15 2DF B O2     2 
HETATM 1046 C "C3'"  . 2DF B 2 6  ? -3.452  -5.696  -8.859  1.00 0.00 ? 15 2DF B "C3'"  2 
HETATM 1047 C "C2'"  . 2DF B 2 6  ? -4.365  -6.921  -9.017  1.00 0.00 ? 15 2DF B "C2'"  2 
HETATM 1048 O "O3'"  . 2DF B 2 6  ? -3.112  -5.470  -7.502  1.00 0.00 ? 15 2DF B "O3'"  2 
HETATM 1049 H "H5'1" . 2DF B 2 6  ? -3.297  -4.513  -11.297 1.00 0.00 ? 15 2DF B "H5'1" 2 
HETATM 1050 H "H5'2" . 2DF B 2 6  ? -4.312  -3.101  -11.018 1.00 0.00 ? 15 2DF B "H5'2" 2 
HETATM 1051 H "H4'"  . 2DF B 2 6  ? -4.583  -3.856  -8.636  1.00 0.00 ? 15 2DF B "H4'"  2 
HETATM 1052 H "H1'"  . 2DF B 2 6  ? -6.265  -6.057  -8.233  1.00 0.00 ? 15 2DF B "H1'"  2 
HETATM 1053 H H1     . 2DF B 2 6  ? -6.475  -7.280  -10.936 1.00 0.00 ? 15 2DF B H1     2 
HETATM 1054 H H2     . 2DF B 2 6  ? -8.140  -8.643  -10.066 1.00 0.00 ? 15 2DF B H2     2 
HETATM 1055 H "H3'"  . 2DF B 2 6  ? -2.538  -5.816  -9.452  1.00 0.00 ? 15 2DF B "H3'"  2 
HETATM 1056 H "H2'1" . 2DF B 2 6  ? -4.010  -7.427  -9.922  1.00 0.00 ? 15 2DF B "H2'1" 2 
HETATM 1057 H "H2'2" . 2DF B 2 6  ? -4.341  -7.629  -8.187  1.00 0.00 ? 15 2DF B "H2'2" 2 
ATOM   1058 P P      . DT  B 2 7  ? -2.026  -6.405  -6.745  1.00 0.00 ? 16 DT  B P      2 
ATOM   1059 O OP1    . DT  B 2 7  ? -1.883  -7.669  -7.502  1.00 0.00 ? 16 DT  B OP1    2 
ATOM   1060 O OP2    . DT  B 2 7  ? -2.426  -6.460  -5.321  1.00 0.00 ? 16 DT  B OP2    2 
ATOM   1061 O "O5'"  . DT  B 2 7  ? -0.592  -5.658  -6.796  1.00 0.00 ? 16 DT  B "O5'"  2 
ATOM   1062 C "C5'"  . DT  B 2 7  ? -0.399  -4.318  -7.213  1.00 0.00 ? 16 DT  B "C5'"  2 
ATOM   1063 C "C4'"  . DT  B 2 7  ? 1.067   -3.844  -7.083  1.00 0.00 ? 16 DT  B "C4'"  2 
ATOM   1064 O "O4'"  . DT  B 2 7  ? 1.194   -3.090  -5.874  1.00 0.00 ? 16 DT  B "O4'"  2 
ATOM   1065 C "C3'"  . DT  B 2 7  ? 2.094   -4.969  -6.922  1.00 0.00 ? 16 DT  B "C3'"  2 
ATOM   1066 O "O3'"  . DT  B 2 7  ? 3.379   -4.445  -7.235  1.00 0.00 ? 16 DT  B "O3'"  2 
ATOM   1067 C "C2'"  . DT  B 2 7  ? 1.993   -5.271  -5.431  1.00 0.00 ? 16 DT  B "C2'"  2 
ATOM   1068 C "C1'"  . DT  B 2 7  ? 1.840   -3.857  -4.856  1.00 0.00 ? 16 DT  B "C1'"  2 
ATOM   1069 N N1     . DT  B 2 7  ? 1.058   -3.823  -3.584  1.00 0.00 ? 16 DT  B N1     2 
ATOM   1070 C C2     . DT  B 2 7  ? 1.680   -3.396  -2.404  1.00 0.00 ? 16 DT  B C2     2 
ATOM   1071 O O2     . DT  B 2 7  ? 2.861   -3.063  -2.341  1.00 0.00 ? 16 DT  B O2     2 
ATOM   1072 N N3     . DT  B 2 7  ? 0.888   -3.369  -1.261  1.00 0.00 ? 16 DT  B N3     2 
ATOM   1073 C C4     . DT  B 2 7  ? -0.455  -3.709  -1.196  1.00 0.00 ? 16 DT  B C4     2 
ATOM   1074 O O4     . DT  B 2 7  ? -1.053  -3.661  -0.125  1.00 0.00 ? 16 DT  B O4     2 
ATOM   1075 C C5     . DT  B 2 7  ? -1.037  -4.104  -2.465  1.00 0.00 ? 16 DT  B C5     2 
ATOM   1076 C C7     . DT  B 2 7  ? -2.508  -4.467  -2.540  1.00 0.00 ? 16 DT  B C7     2 
ATOM   1077 C C6     . DT  B 2 7  ? -0.276  -4.155  -3.586  1.00 0.00 ? 16 DT  B C6     2 
ATOM   1078 H "H5'"  . DT  B 2 7  ? -1.026  -3.649  -6.637  1.00 0.00 ? 16 DT  B "H5'"  2 
ATOM   1079 H "H5''" . DT  B 2 7  ? -0.683  -4.251  -8.263  1.00 0.00 ? 16 DT  B "H5''" 2 
ATOM   1080 H "H4'"  . DT  B 2 7  ? 1.297   -3.212  -7.945  1.00 0.00 ? 16 DT  B "H4'"  2 
ATOM   1081 H "H3'"  . DT  B 2 7  ? 1.854   -5.830  -7.546  1.00 0.00 ? 16 DT  B "H3'"  2 
ATOM   1082 H "H2'"  . DT  B 2 7  ? 1.119   -5.886  -5.215  1.00 0.00 ? 16 DT  B "H2'"  2 
ATOM   1083 H "H2''" . DT  B 2 7  ? 2.879   -5.797  -5.096  1.00 0.00 ? 16 DT  B "H2''" 2 
ATOM   1084 H "H1'"  . DT  B 2 7  ? 2.841   -3.443  -4.701  1.00 0.00 ? 16 DT  B "H1'"  2 
ATOM   1085 H H3     . DT  B 2 7  ? 1.323   -3.074  -0.395  1.00 0.00 ? 16 DT  B H3     2 
ATOM   1086 H H71    . DT  B 2 7  ? -2.601  -5.554  -2.509  1.00 0.00 ? 16 DT  B H71    2 
ATOM   1087 H H72    . DT  B 2 7  ? -3.055  -4.047  -1.696  1.00 0.00 ? 16 DT  B H72    2 
ATOM   1088 H H73    . DT  B 2 7  ? -2.952  -4.109  -3.463  1.00 0.00 ? 16 DT  B H73    2 
ATOM   1089 H H6     . DT  B 2 7  ? -0.730  -4.475  -4.509  1.00 0.00 ? 16 DT  B H6     2 
ATOM   1090 P P      . DC  B 2 8  ? 4.721   -5.352  -7.225  1.00 0.00 ? 17 DC  B P      2 
ATOM   1091 O OP1    . DC  B 2 8  ? 5.637   -4.821  -8.258  1.00 0.00 ? 17 DC  B OP1    2 
ATOM   1092 O OP2    . DC  B 2 8  ? 4.324   -6.778  -7.268  1.00 0.00 ? 17 DC  B OP2    2 
ATOM   1093 O "O5'"  . DC  B 2 8  ? 5.375   -5.063  -5.773  1.00 0.00 ? 17 DC  B "O5'"  2 
ATOM   1094 C "C5'"  . DC  B 2 8  ? 5.999   -3.825  -5.483  1.00 0.00 ? 17 DC  B "C5'"  2 
ATOM   1095 C "C4'"  . DC  B 2 8  ? 6.733   -3.831  -4.136  1.00 0.00 ? 17 DC  B "C4'"  2 
ATOM   1096 O "O4'"  . DC  B 2 8  ? 5.763   -3.906  -3.101  1.00 0.00 ? 17 DC  B "O4'"  2 
ATOM   1097 C "C3'"  . DC  B 2 8  ? 7.680   -5.030  -3.974  1.00 0.00 ? 17 DC  B "C3'"  2 
ATOM   1098 O "O3'"  . DC  B 2 8  ? 8.837   -4.606  -3.277  1.00 0.00 ? 17 DC  B "O3'"  2 
ATOM   1099 C "C2'"  . DC  B 2 8  ? 6.856   -5.972  -3.097  1.00 0.00 ? 17 DC  B "C2'"  2 
ATOM   1100 C "C1'"  . DC  B 2 8  ? 6.080   -4.973  -2.226  1.00 0.00 ? 17 DC  B "C1'"  2 
ATOM   1101 N N1     . DC  B 2 8  ? 4.817   -5.536  -1.662  1.00 0.00 ? 17 DC  B N1     2 
ATOM   1102 C C2     . DC  B 2 8  ? 4.504   -5.346  -0.310  1.00 0.00 ? 17 DC  B C2     2 
ATOM   1103 O O2     . DC  B 2 8  ? 5.298   -4.819  0.466   1.00 0.00 ? 17 DC  B O2     2 
ATOM   1104 N N3     . DC  B 2 8  ? 3.286   -5.772  0.143   1.00 0.00 ? 17 DC  B N3     2 
ATOM   1105 C C4     . DC  B 2 8  ? 2.409   -6.370  -0.679  1.00 0.00 ? 17 DC  B C4     2 
ATOM   1106 N N4     . DC  B 2 8  ? 1.231   -6.780  -0.204  1.00 0.00 ? 17 DC  B N4     2 
ATOM   1107 C C5     . DC  B 2 8  ? 2.714   -6.587  -2.060  1.00 0.00 ? 17 DC  B C5     2 
ATOM   1108 C C6     . DC  B 2 8  ? 3.914   -6.147  -2.496  1.00 0.00 ? 17 DC  B C6     2 
ATOM   1109 H "H5'"  . DC  B 2 8  ? 5.255   -3.027  -5.489  1.00 0.00 ? 17 DC  B "H5'"  2 
ATOM   1110 H "H5''" . DC  B 2 8  ? 6.741   -3.610  -6.252  1.00 0.00 ? 17 DC  B "H5''" 2 
ATOM   1111 H "H4'"  . DC  B 2 8  ? 7.287   -2.897  -4.039  1.00 0.00 ? 17 DC  B "H4'"  2 
ATOM   1112 H "H3'"  . DC  B 2 8  ? 7.944   -5.478  -4.934  1.00 0.00 ? 17 DC  B "H3'"  2 
ATOM   1113 H "H2'"  . DC  B 2 8  ? 6.223   -6.562  -3.759  1.00 0.00 ? 17 DC  B "H2'"  2 
ATOM   1114 H "H2''" . DC  B 2 8  ? 7.456   -6.654  -2.495  1.00 0.00 ? 17 DC  B "H2''" 2 
ATOM   1115 H "H1'"  . DC  B 2 8  ? 6.752   -4.580  -1.456  1.00 0.00 ? 17 DC  B "H1'"  2 
ATOM   1116 H H41    . DC  B 2 8  ? 0.998   -6.639  0.767   1.00 0.00 ? 17 DC  B H41    2 
ATOM   1117 H H42    . DC  B 2 8  ? 0.566   -7.228  -0.818  1.00 0.00 ? 17 DC  B H42    2 
ATOM   1118 H H5     . DC  B 2 8  ? 2.039   -7.078  -2.747  1.00 0.00 ? 17 DC  B H5     2 
ATOM   1119 H H6     . DC  B 2 8  ? 4.155   -6.259  -3.537  1.00 0.00 ? 17 DC  B H6     2 
ATOM   1120 P P      . DC  B 2 9  ? 10.081  -5.595  -2.981  1.00 0.00 ? 18 DC  B P      2 
ATOM   1121 O OP1    . DC  B 2 9  ? 11.338  -4.856  -3.236  1.00 0.00 ? 18 DC  B OP1    2 
ATOM   1122 O OP2    . DC  B 2 9  ? 9.841   -6.893  -3.650  1.00 0.00 ? 18 DC  B OP2    2 
ATOM   1123 O "O5'"  . DC  B 2 9  ? 9.929   -5.811  -1.393  1.00 0.00 ? 18 DC  B "O5'"  2 
ATOM   1124 C "C5'"  . DC  B 2 9  ? 10.112  -4.731  -0.501  1.00 0.00 ? 18 DC  B "C5'"  2 
ATOM   1125 C "C4'"  . DC  B 2 9  ? 9.987   -5.160  0.965   1.00 0.00 ? 18 DC  B "C4'"  2 
ATOM   1126 O "O4'"  . DC  B 2 9  ? 8.642   -5.566  1.182   1.00 0.00 ? 18 DC  B "O4'"  2 
ATOM   1127 C "C3'"  . DC  B 2 9  ? 10.893  -6.350  1.313   1.00 0.00 ? 18 DC  B "C3'"  2 
ATOM   1128 O "O3'"  . DC  B 2 9  ? 11.293  -6.222  2.666   1.00 0.00 ? 18 DC  B "O3'"  2 
ATOM   1129 C "C2'"  . DC  B 2 9  ? 9.924   -7.523  1.165   1.00 0.00 ? 18 DC  B "C2'"  2 
ATOM   1130 C "C1'"  . DC  B 2 9  ? 8.637   -6.881  1.703   1.00 0.00 ? 18 DC  B "C1'"  2 
ATOM   1131 N N1     . DC  B 2 9  ? 7.356   -7.569  1.365   1.00 0.00 ? 18 DC  B N1     2 
ATOM   1132 C C2     . DC  B 2 9  ? 6.325   -7.567  2.314   1.00 0.00 ? 18 DC  B C2     2 
ATOM   1133 O O2     . DC  B 2 9  ? 6.491   -7.139  3.455   1.00 0.00 ? 18 DC  B O2     2 
ATOM   1134 N N3     . DC  B 2 9  ? 5.110   -8.070  1.961   1.00 0.00 ? 18 DC  B N3     2 
ATOM   1135 C C4     . DC  B 2 9  ? 4.902   -8.596  0.746   1.00 0.00 ? 18 DC  B C4     2 
ATOM   1136 N N4     . DC  B 2 9  ? 3.671   -9.032  0.475   1.00 0.00 ? 18 DC  B N4     2 
ATOM   1137 C C5     . DC  B 2 9  ? 5.956   -8.673  -0.223  1.00 0.00 ? 18 DC  B C5     2 
ATOM   1138 C C6     . DC  B 2 9  ? 7.148   -8.133  0.126   1.00 0.00 ? 18 DC  B C6     2 
ATOM   1139 H "H5'"  . DC  B 2 9  ? 9.377   -3.952  -0.705  1.00 0.00 ? 18 DC  B "H5'"  2 
ATOM   1140 H "H5''" . DC  B 2 9  ? 11.111  -4.314  -0.643  1.00 0.00 ? 18 DC  B "H5''" 2 
ATOM   1141 H "H4'"  . DC  B 2 9  ? 10.221  -4.303  1.599   1.00 0.00 ? 18 DC  B "H4'"  2 
ATOM   1142 H "H3'"  . DC  B 2 9  ? 11.756  -6.422  0.648   1.00 0.00 ? 18 DC  B "H3'"  2 
ATOM   1143 H "H2'"  . DC  B 2 9  ? 9.877   -7.793  0.109   1.00 0.00 ? 18 DC  B "H2'"  2 
ATOM   1144 H "H2''" . DC  B 2 9  ? 10.222  -8.393  1.746   1.00 0.00 ? 18 DC  B "H2''" 2 
ATOM   1145 H "H1'"  . DC  B 2 9  ? 8.746   -6.804  2.787   1.00 0.00 ? 18 DC  B "H1'"  2 
ATOM   1146 H H41    . DC  B 2 9  ? 2.944   -8.817  1.134   1.00 0.00 ? 18 DC  B H41    2 
ATOM   1147 H H42    . DC  B 2 9  ? 3.407   -9.531  -0.356  1.00 0.00 ? 18 DC  B H42    2 
ATOM   1148 H H5     . DC  B 2 9  ? 5.850   -9.137  -1.191  1.00 0.00 ? 18 DC  B H5     2 
ATOM   1149 H H6     . DC  B 2 9  ? 7.947   -8.170  -0.597  1.00 0.00 ? 18 DC  B H6     2 
ATOM   1150 P P      . DT  B 2 10 ? 12.361  -7.218  3.360   1.00 0.00 ? 19 DT  B P      2 
ATOM   1151 O OP1    . DT  B 2 10 ? 13.364  -6.391  4.068   1.00 0.00 ? 19 DT  B OP1    2 
ATOM   1152 O OP2    . DT  B 2 10 ? 12.807  -8.222  2.368   1.00 0.00 ? 19 DT  B OP2    2 
ATOM   1153 O "O5'"  . DT  B 2 10 ? 11.472  -7.976  4.470   1.00 0.00 ? 19 DT  B "O5'"  2 
ATOM   1154 C "C5'"  . DT  B 2 10 ? 10.596  -7.264  5.325   1.00 0.00 ? 19 DT  B "C5'"  2 
ATOM   1155 C "C4'"  . DT  B 2 10 ? 9.945   -8.146  6.403   1.00 0.00 ? 19 DT  B "C4'"  2 
ATOM   1156 O "O4'"  . DT  B 2 10 ? 8.668   -8.516  5.890   1.00 0.00 ? 19 DT  B "O4'"  2 
ATOM   1157 C "C3'"  . DT  B 2 10 ? 10.681  -9.463  6.695   1.00 0.00 ? 19 DT  B "C3'"  2 
ATOM   1158 O "O3'"  . DT  B 2 10 ? 10.421  -9.875  8.022   1.00 0.00 ? 19 DT  B "O3'"  2 
ATOM   1159 C "C2'"  . DT  B 2 10 ? 10.031  -10.444 5.738   1.00 0.00 ? 19 DT  B "C2'"  2 
ATOM   1160 C "C1'"  . DT  B 2 10 ? 8.585   -9.923  5.733   1.00 0.00 ? 19 DT  B "C1'"  2 
ATOM   1161 N N1     . DT  B 2 10 ? 7.809   -10.285 4.512   1.00 0.00 ? 19 DT  B N1     2 
ATOM   1162 C C2     . DT  B 2 10 ? 6.454   -10.580 4.666   1.00 0.00 ? 19 DT  B C2     2 
ATOM   1163 O O2     . DT  B 2 10 ? 5.856   -10.474 5.735   1.00 0.00 ? 19 DT  B O2     2 
ATOM   1164 N N3     . DT  B 2 10 ? 5.789   -11.029 3.536   1.00 0.00 ? 19 DT  B N3     2 
ATOM   1165 C C4     . DT  B 2 10 ? 6.344   -11.208 2.276   1.00 0.00 ? 19 DT  B C4     2 
ATOM   1166 O O4     . DT  B 2 10 ? 5.665   -11.666 1.357   1.00 0.00 ? 19 DT  B O4     2 
ATOM   1167 C C5     . DT  B 2 10 ? 7.736   -10.809 2.178   1.00 0.00 ? 19 DT  B C5     2 
ATOM   1168 C C7     . DT  B 2 10 ? 8.457   -10.951 0.848   1.00 0.00 ? 19 DT  B C7     2 
ATOM   1169 C C6     . DT  B 2 10 ? 8.408   -10.368 3.275   1.00 0.00 ? 19 DT  B C6     2 
ATOM   1170 H "H5'"  . DT  B 2 10 ? 9.828   -6.736  4.762   1.00 0.00 ? 19 DT  B "H5'"  2 
ATOM   1171 H "H5''" . DT  B 2 10 ? 11.196  -6.516  5.848   1.00 0.00 ? 19 DT  B "H5''" 2 
ATOM   1172 H "H4'"  . DT  B 2 10 ? 9.822   -7.550  7.310   1.00 0.00 ? 19 DT  B "H4'"  2 
ATOM   1173 H "H3'"  . DT  B 2 10 ? 11.756  -9.396  6.509   1.00 0.00 ? 19 DT  B "H3'"  2 
ATOM   1174 H "HO3'" . DT  B 2 10 ? 10.837  -10.728 8.164   1.00 0.00 ? 19 DT  B "HO3'" 2 
ATOM   1175 H "H2'"  . DT  B 2 10 ? 10.585  -10.349 4.806   1.00 0.00 ? 19 DT  B "H2'"  2 
ATOM   1176 H "H2''" . DT  B 2 10 ? 10.083  -11.479 6.067   1.00 0.00 ? 19 DT  B "H2''" 2 
ATOM   1177 H "H1'"  . DT  B 2 10 ? 8.075   -10.323 6.622   1.00 0.00 ? 19 DT  B "H1'"  2 
ATOM   1178 H H3     . DT  B 2 10 ? 4.818   -11.277 3.672   1.00 0.00 ? 19 DT  B H3     2 
ATOM   1179 H H71    . DT  B 2 10 ? 8.990   -11.901 0.837   1.00 0.00 ? 19 DT  B H71    2 
ATOM   1180 H H72    . DT  B 2 10 ? 7.749   -10.941 0.020   1.00 0.00 ? 19 DT  B H72    2 
ATOM   1181 H H73    . DT  B 2 10 ? 9.176   -10.148 0.704   1.00 0.00 ? 19 DT  B H73    2 
ATOM   1182 H H6     . DT  B 2 10 ? 9.444   -10.082 3.184   1.00 0.00 ? 19 DT  B H6     2 
# 
